data_8V00
#
_entry.id   8V00
#
_cell.length_a   1.00
_cell.length_b   1.00
_cell.length_c   1.00
_cell.angle_alpha   90.00
_cell.angle_beta   90.00
_cell.angle_gamma   90.00
#
_symmetry.space_group_name_H-M   'P 1'
#
loop_
_entity.id
_entity.type
_entity.pdbx_description
1 polymer 'Odorant receptor OR10'
2 polymer 'Odorant receptor Orco'
#
loop_
_entity_poly.entity_id
_entity_poly.type
_entity_poly.pdbx_seq_one_letter_code
_entity_poly.pdbx_strand_id
1 'polypeptide(L)'
;MASILDCPIVSVNARVWRFWSFVLKHDAMRYISIIPVTVMTFFMFTDLCRSWGNIQELIIKAYFAVLYFNAVLRTLILVK
DRKLYENFMQGISNVYFEISHIDDHKIQSLLKSYTVRARMLSISNLALGAIISTCFVVYPIFTGERGLPYGMFIPGLDSF
RSPHYEIIYIVQVVLTFPGCCMYIPFTSFFASTTLFGLVQIKTLQRQLQTFKDNINSQDKEKVKAKVVKLIEDHKRIITY
VSELNSLVTYICFVEFLSFGMMLCALLFLLNVIENHAQIVIVAAYIFMIISQIFAFYWHANEVREESMNLAEAAYSGPWV
ELDNSIKKKLLLIILRAQQPLEITVGNVYPMTLEMFQSLLNASYSYFTLLRRVYN
;
D
2 'polypeptide(L)'
;MKFKHQGLVADLLPNIRVMQGVGHFMFNYYSEGKKFPHRIYCIVTLLLLLLQYGMMAVNLMMESDDVDDLTANTITMLFF
LHPIVKMIYFPVRSKIFYKTLAIWNNPNSHPLFAESNARFHALAITKMRRLLFCVAGATIFSVISWTGITFIEDSVKRIT
DPETNETTIIPIPRLMIRTFYPFNAMSGAGHVFALIYQFYYLVISMAVSNSLDVLFCSWLLFACEQLQHLKAIMKPLMEL
SATLDTVVPNSGELFKAGSADHLRESQGVQPSGNGDNVLDVDLRGIYSNRQDFTATFRPTAGTTFNGGVGPNGLTKKQEM
LVRSAIKYWVERHKHVVRLVTAVGDAYGVALLLHMLTTTITLTLLAYQATKVNGVNVYAATVIGYLLYTLGQVFLFCIFG
NRLIEESSSVMEAAYSCHWYDGSEEAKTFVQIVCQQCQKAMSISGAKFFTVSLDLFASVLGAVVTYFMVLVQLK
;
A,B,C
#
# COMPACT_ATOMS: atom_id res chain seq x y z
N MET A 1 -7.61 32.14 32.63
CA MET A 1 -8.47 32.19 31.41
C MET A 1 -8.00 33.32 30.50
N ALA A 2 -7.20 32.96 29.49
CA ALA A 2 -6.69 33.94 28.54
C ALA A 2 -7.77 34.26 27.52
N SER A 3 -7.39 34.93 26.43
CA SER A 3 -8.30 35.29 25.36
C SER A 3 -7.77 34.78 24.04
N ILE A 4 -8.69 34.64 23.07
CA ILE A 4 -8.30 34.16 21.75
C ILE A 4 -7.29 35.11 21.11
N LEU A 5 -7.53 36.42 21.23
CA LEU A 5 -6.64 37.40 20.64
C LEU A 5 -5.33 37.54 21.41
N ASP A 6 -5.28 37.09 22.67
CA ASP A 6 -4.07 37.23 23.47
C ASP A 6 -3.07 36.12 23.20
N CYS A 7 -3.53 34.97 22.76
CA CYS A 7 -2.63 33.85 22.48
C CYS A 7 -1.82 34.16 21.23
N PRO A 8 -0.48 34.19 21.29
CA PRO A 8 0.29 34.60 20.11
C PRO A 8 0.06 33.74 18.88
N ILE A 9 -0.21 32.45 19.05
CA ILE A 9 -0.30 31.55 17.90
C ILE A 9 -1.55 31.87 17.08
N VAL A 10 -2.70 32.01 17.74
CA VAL A 10 -3.98 32.14 17.03
C VAL A 10 -4.44 33.58 16.92
N SER A 11 -3.70 34.54 17.50
CA SER A 11 -4.16 35.92 17.50
C SER A 11 -4.41 36.43 16.09
N VAL A 12 -3.35 36.50 15.29
CA VAL A 12 -3.44 37.14 13.97
C VAL A 12 -4.67 36.65 13.22
N ASN A 13 -4.77 35.33 13.02
CA ASN A 13 -5.88 34.78 12.26
C ASN A 13 -7.21 35.22 12.86
N ALA A 14 -7.38 35.00 14.17
CA ALA A 14 -8.60 35.44 14.83
C ALA A 14 -8.88 36.90 14.52
N ARG A 15 -7.87 37.75 14.68
CA ARG A 15 -8.06 39.17 14.42
C ARG A 15 -8.60 39.37 13.01
N VAL A 16 -8.00 38.73 12.02
CA VAL A 16 -8.49 38.85 10.65
C VAL A 16 -9.95 38.42 10.60
N TRP A 17 -10.25 37.24 11.16
CA TRP A 17 -11.63 36.78 11.16
C TRP A 17 -12.51 37.69 11.99
N ARG A 18 -11.95 38.36 13.00
CA ARG A 18 -12.72 39.36 13.73
C ARG A 18 -12.96 40.60 12.88
N PHE A 19 -12.00 40.98 12.05
CA PHE A 19 -12.17 42.18 11.25
C PHE A 19 -13.35 42.05 10.31
N TRP A 20 -13.49 40.88 9.68
CA TRP A 20 -14.59 40.62 8.76
C TRP A 20 -15.80 40.04 9.47
N SER A 21 -15.75 39.90 10.80
CA SER A 21 -16.89 39.46 11.59
C SER A 21 -17.38 38.09 11.13
N PHE A 22 -16.52 37.10 11.27
CA PHE A 22 -16.86 35.72 10.99
C PHE A 22 -16.97 34.86 12.23
N VAL A 23 -16.14 35.10 13.25
CA VAL A 23 -15.96 34.18 14.36
C VAL A 23 -16.31 34.82 15.70
N LEU A 24 -15.84 36.05 15.93
CA LEU A 24 -15.93 36.66 17.25
C LEU A 24 -16.91 37.83 17.35
N LYS A 25 -17.30 38.43 16.24
CA LYS A 25 -18.25 39.54 16.27
C LYS A 25 -19.21 39.41 15.10
N HIS A 26 -20.38 40.03 15.25
CA HIS A 26 -21.50 39.88 14.32
C HIS A 26 -21.98 41.25 13.84
N ASP A 27 -21.06 42.10 13.41
CA ASP A 27 -21.43 43.39 12.85
C ASP A 27 -21.87 43.20 11.39
N ALA A 28 -21.99 44.30 10.65
CA ALA A 28 -22.46 44.24 9.27
C ALA A 28 -21.38 43.86 8.27
N MET A 29 -20.11 43.76 8.70
CA MET A 29 -19.04 43.47 7.76
C MET A 29 -19.21 42.10 7.11
N ARG A 30 -19.81 41.15 7.85
CA ARG A 30 -19.95 39.79 7.33
C ARG A 30 -20.69 39.78 6.00
N TYR A 31 -21.81 40.50 5.93
CA TYR A 31 -22.66 40.42 4.74
C TYR A 31 -22.04 41.16 3.57
N ILE A 32 -21.46 42.34 3.81
CA ILE A 32 -20.79 43.05 2.72
C ILE A 32 -19.62 42.23 2.22
N SER A 33 -19.00 41.42 3.07
CA SER A 33 -17.92 40.56 2.61
C SER A 33 -18.45 39.39 1.78
N ILE A 34 -19.52 38.74 2.25
CA ILE A 34 -19.93 37.47 1.65
C ILE A 34 -20.75 37.70 0.38
N ILE A 35 -21.80 38.52 0.46
CA ILE A 35 -22.74 38.61 -0.66
C ILE A 35 -22.05 39.05 -1.94
N PRO A 36 -21.29 40.15 -1.98
CA PRO A 36 -20.64 40.53 -3.23
C PRO A 36 -19.73 39.46 -3.79
N VAL A 37 -18.98 38.78 -2.94
CA VAL A 37 -18.04 37.78 -3.43
C VAL A 37 -18.78 36.58 -4.01
N THR A 38 -19.84 36.12 -3.33
CA THR A 38 -20.61 35.00 -3.85
C THR A 38 -21.28 35.36 -5.17
N VAL A 39 -21.82 36.57 -5.27
CA VAL A 39 -22.45 37.00 -6.51
C VAL A 39 -21.41 37.05 -7.63
N MET A 40 -20.23 37.58 -7.33
CA MET A 40 -19.16 37.63 -8.33
C MET A 40 -18.76 36.23 -8.77
N THR A 41 -18.67 35.30 -7.83
CA THR A 41 -18.32 33.93 -8.18
C THR A 41 -19.38 33.30 -9.07
N PHE A 42 -20.65 33.55 -8.78
CA PHE A 42 -21.72 33.04 -9.63
C PHE A 42 -21.59 33.59 -11.04
N PHE A 43 -21.33 34.89 -11.16
CA PHE A 43 -21.16 35.46 -12.50
C PHE A 43 -19.92 34.89 -13.18
N MET A 44 -18.87 34.59 -12.43
CA MET A 44 -17.70 33.93 -13.03
C MET A 44 -18.08 32.58 -13.60
N PHE A 45 -18.88 31.81 -12.85
CA PHE A 45 -19.29 30.50 -13.34
C PHE A 45 -20.17 30.63 -14.57
N THR A 46 -21.04 31.64 -14.60
CA THR A 46 -21.82 31.88 -15.80
C THR A 46 -20.92 32.19 -17.00
N ASP A 47 -19.88 32.99 -16.77
CA ASP A 47 -18.93 33.27 -17.84
C ASP A 47 -18.20 32.00 -18.28
N LEU A 48 -17.89 31.13 -17.32
CA LEU A 48 -17.29 29.83 -17.65
C LEU A 48 -18.19 29.05 -18.60
N CYS A 49 -19.47 28.93 -18.24
CA CYS A 49 -20.40 28.19 -19.07
C CYS A 49 -20.52 28.83 -20.45
N ARG A 50 -20.56 30.16 -20.50
CA ARG A 50 -20.71 30.85 -21.78
C ARG A 50 -19.49 30.63 -22.67
N SER A 51 -18.31 31.07 -22.21
CA SER A 51 -17.10 31.02 -23.01
C SER A 51 -16.41 29.68 -22.77
N TRP A 52 -16.67 28.72 -23.65
CA TRP A 52 -16.00 27.42 -23.57
C TRP A 52 -15.60 26.89 -24.94
N GLY A 53 -15.74 27.68 -26.01
CA GLY A 53 -15.23 27.29 -27.31
C GLY A 53 -13.73 27.41 -27.45
N ASN A 54 -13.06 27.99 -26.44
CA ASN A 54 -11.61 28.11 -26.42
C ASN A 54 -11.13 27.60 -25.07
N ILE A 55 -10.48 26.44 -25.08
CA ILE A 55 -10.07 25.80 -23.82
C ILE A 55 -9.15 26.72 -23.02
N GLN A 56 -8.38 27.56 -23.70
CA GLN A 56 -7.47 28.47 -23.01
C GLN A 56 -8.24 29.43 -22.10
N GLU A 57 -9.23 30.11 -22.67
CA GLU A 57 -10.06 31.01 -21.88
C GLU A 57 -10.80 30.25 -20.80
N LEU A 58 -11.33 29.07 -21.15
CA LEU A 58 -12.04 28.26 -20.18
C LEU A 58 -11.19 28.02 -18.95
N ILE A 59 -9.94 27.56 -19.15
CA ILE A 59 -9.10 27.19 -18.02
C ILE A 59 -8.63 28.44 -17.27
N ILE A 60 -8.24 29.49 -17.99
CA ILE A 60 -7.72 30.69 -17.33
C ILE A 60 -8.79 31.27 -16.43
N LYS A 61 -10.04 31.27 -16.87
CA LYS A 61 -11.12 31.77 -16.01
C LYS A 61 -11.51 30.75 -14.95
N ALA A 62 -11.43 29.46 -15.26
CA ALA A 62 -11.89 28.44 -14.33
C ALA A 62 -10.99 28.36 -13.11
N TYR A 63 -9.69 28.64 -13.26
CA TYR A 63 -8.84 28.63 -12.08
C TYR A 63 -9.38 29.58 -11.01
N PHE A 64 -9.63 30.83 -11.39
CA PHE A 64 -10.15 31.80 -10.44
C PHE A 64 -11.57 31.45 -10.01
N ALA A 65 -12.37 30.89 -10.92
CA ALA A 65 -13.70 30.46 -10.53
C ALA A 65 -13.64 29.46 -9.37
N VAL A 66 -12.80 28.43 -9.50
CA VAL A 66 -12.67 27.44 -8.44
C VAL A 66 -12.03 28.05 -7.20
N LEU A 67 -11.06 28.95 -7.39
CA LEU A 67 -10.41 29.59 -6.25
C LEU A 67 -11.43 30.32 -5.38
N TYR A 68 -12.25 31.17 -5.99
CA TYR A 68 -13.23 31.91 -5.22
C TYR A 68 -14.40 31.05 -4.77
N PHE A 69 -14.72 29.98 -5.49
CA PHE A 69 -15.71 29.03 -4.98
C PHE A 69 -15.21 28.41 -3.68
N ASN A 70 -13.93 28.04 -3.63
CA ASN A 70 -13.37 27.51 -2.39
C ASN A 70 -13.36 28.56 -1.30
N ALA A 71 -13.05 29.80 -1.65
CA ALA A 71 -13.12 30.88 -0.67
C ALA A 71 -14.51 30.98 -0.06
N VAL A 72 -15.53 30.98 -0.93
CA VAL A 72 -16.91 31.09 -0.47
C VAL A 72 -17.27 29.90 0.43
N LEU A 73 -16.89 28.70 0.00
CA LEU A 73 -17.20 27.50 0.80
C LEU A 73 -16.56 27.58 2.18
N ARG A 74 -15.29 27.99 2.23
CA ARG A 74 -14.61 28.09 3.53
C ARG A 74 -15.29 29.11 4.42
N THR A 75 -15.60 30.29 3.89
CA THR A 75 -16.19 31.32 4.74
C THR A 75 -17.57 30.90 5.22
N LEU A 76 -18.37 30.26 4.36
CA LEU A 76 -19.69 29.81 4.78
C LEU A 76 -19.59 28.77 5.88
N ILE A 77 -18.73 27.76 5.69
CA ILE A 77 -18.56 26.74 6.72
C ILE A 77 -18.03 27.35 8.00
N LEU A 78 -17.24 28.42 7.89
CA LEU A 78 -16.71 29.07 9.08
C LEU A 78 -17.81 29.77 9.87
N VAL A 79 -18.65 30.55 9.17
CA VAL A 79 -19.72 31.25 9.88
C VAL A 79 -20.71 30.24 10.45
N LYS A 80 -20.94 29.13 9.75
CA LYS A 80 -21.90 28.13 10.24
C LYS A 80 -21.46 27.56 11.58
N ASP A 81 -20.17 27.28 11.74
CA ASP A 81 -19.68 26.61 12.94
C ASP A 81 -18.73 27.51 13.73
N ARG A 82 -19.10 28.78 13.88
CA ARG A 82 -18.21 29.72 14.58
C ARG A 82 -17.97 29.28 16.02
N LYS A 83 -18.96 28.65 16.65
CA LYS A 83 -18.81 28.24 18.04
C LYS A 83 -17.71 27.19 18.19
N LEU A 84 -17.64 26.23 17.27
CA LEU A 84 -16.63 25.18 17.37
C LEU A 84 -15.23 25.77 17.24
N TYR A 85 -15.02 26.64 16.25
CA TYR A 85 -13.72 27.28 16.09
C TYR A 85 -13.37 28.12 17.30
N GLU A 86 -14.35 28.87 17.83
CA GLU A 86 -14.09 29.72 18.99
C GLU A 86 -13.65 28.88 20.18
N ASN A 87 -14.36 27.79 20.45
CA ASN A 87 -14.01 26.95 21.58
C ASN A 87 -12.65 26.27 21.36
N PHE A 88 -12.36 25.87 20.12
CA PHE A 88 -11.08 25.26 19.84
C PHE A 88 -9.94 26.23 20.10
N MET A 89 -10.07 27.47 19.63
CA MET A 89 -9.03 28.46 19.88
C MET A 89 -8.95 28.83 21.36
N GLN A 90 -10.07 28.83 22.07
CA GLN A 90 -10.02 29.09 23.50
C GLN A 90 -9.26 27.98 24.23
N GLY A 91 -9.49 26.73 23.84
CA GLY A 91 -8.71 25.64 24.41
C GLY A 91 -7.25 25.75 24.06
N ILE A 92 -6.94 26.18 22.84
CA ILE A 92 -5.56 26.43 22.46
C ILE A 92 -4.93 27.45 23.40
N SER A 93 -5.65 28.54 23.64
CA SER A 93 -5.12 29.59 24.51
C SER A 93 -4.91 29.09 25.93
N ASN A 94 -5.87 28.33 26.46
CA ASN A 94 -5.73 27.81 27.82
C ASN A 94 -4.53 26.88 27.93
N VAL A 95 -4.36 25.99 26.95
CA VAL A 95 -3.26 25.04 27.03
C VAL A 95 -1.94 25.76 26.83
N TYR A 96 -1.91 26.77 25.96
CA TYR A 96 -0.72 27.59 25.79
C TYR A 96 -0.32 28.24 27.10
N PHE A 97 -1.30 28.82 27.80
CA PHE A 97 -1.00 29.43 29.09
C PHE A 97 -0.48 28.40 30.07
N GLU A 98 -1.08 27.21 30.10
CA GLU A 98 -0.63 26.18 31.02
C GLU A 98 0.80 25.76 30.72
N ILE A 99 1.12 25.58 29.44
CA ILE A 99 2.47 25.15 29.05
C ILE A 99 3.49 26.23 29.38
N SER A 100 3.15 27.50 29.11
CA SER A 100 4.13 28.58 29.30
C SER A 100 4.64 28.62 30.74
N HIS A 101 3.86 28.13 31.70
CA HIS A 101 4.26 28.15 33.09
C HIS A 101 5.12 26.95 33.48
N ILE A 102 5.41 26.04 32.56
CA ILE A 102 6.28 24.91 32.85
C ILE A 102 7.71 25.42 33.01
N ASP A 103 8.36 25.05 34.11
CA ASP A 103 9.72 25.49 34.38
C ASP A 103 10.67 24.44 33.79
N ASP A 104 11.01 24.62 32.51
CA ASP A 104 11.92 23.72 31.82
C ASP A 104 12.43 24.44 30.60
N HIS A 105 13.76 24.56 30.47
CA HIS A 105 14.33 25.35 29.38
C HIS A 105 13.98 24.76 28.03
N LYS A 106 14.02 23.44 27.90
CA LYS A 106 13.73 22.81 26.62
C LYS A 106 12.30 23.11 26.17
N ILE A 107 11.34 23.00 27.07
CA ILE A 107 9.95 23.24 26.72
C ILE A 107 9.73 24.70 26.37
N GLN A 108 10.35 25.61 27.12
CA GLN A 108 10.16 27.04 26.85
C GLN A 108 10.70 27.41 25.47
N SER A 109 11.91 26.96 25.16
CA SER A 109 12.48 27.25 23.84
C SER A 109 11.66 26.60 22.74
N LEU A 110 11.17 25.39 22.99
CA LEU A 110 10.32 24.70 22.01
C LEU A 110 9.06 25.51 21.72
N LEU A 111 8.38 25.95 22.78
CA LEU A 111 7.17 26.75 22.62
C LEU A 111 7.46 28.04 21.89
N LYS A 112 8.54 28.73 22.27
CA LYS A 112 8.88 30.00 21.63
C LYS A 112 9.14 29.79 20.14
N SER A 113 9.92 28.77 19.80
CA SER A 113 10.24 28.54 18.39
C SER A 113 9.00 28.23 17.58
N TYR A 114 8.12 27.38 18.11
CA TYR A 114 6.91 27.05 17.34
C TYR A 114 5.94 28.21 17.25
N THR A 115 5.82 29.01 18.32
CA THR A 115 4.98 30.20 18.24
C THR A 115 5.50 31.16 17.18
N VAL A 116 6.82 31.38 17.16
CA VAL A 116 7.41 32.27 16.16
C VAL A 116 7.16 31.72 14.77
N ARG A 117 7.36 30.42 14.56
CA ARG A 117 7.14 29.85 13.24
C ARG A 117 5.69 30.00 12.82
N ALA A 118 4.75 29.76 13.73
CA ALA A 118 3.33 29.88 13.38
C ALA A 118 2.99 31.30 12.97
N ARG A 119 3.39 32.28 13.78
CA ARG A 119 3.07 33.67 13.46
C ARG A 119 3.73 34.09 12.16
N MET A 120 4.99 33.71 11.95
CA MET A 120 5.67 34.09 10.73
C MET A 120 5.01 33.45 9.52
N LEU A 121 4.60 32.19 9.63
CA LEU A 121 3.93 31.53 8.52
C LEU A 121 2.61 32.21 8.20
N SER A 122 1.84 32.58 9.22
CA SER A 122 0.57 33.25 8.97
C SER A 122 0.78 34.59 8.26
N ILE A 123 1.69 35.40 8.80
CA ILE A 123 1.93 36.72 8.22
C ILE A 123 2.45 36.59 6.80
N SER A 124 3.38 35.65 6.58
CA SER A 124 3.85 35.37 5.24
C SER A 124 2.68 35.04 4.32
N ASN A 125 1.97 33.94 4.60
CA ASN A 125 0.79 33.58 3.82
C ASN A 125 -0.03 34.80 3.43
N LEU A 126 -0.35 35.65 4.39
CA LEU A 126 -1.16 36.82 4.11
C LEU A 126 -0.48 37.74 3.09
N ALA A 127 0.78 38.06 3.33
CA ALA A 127 1.47 39.00 2.44
C ALA A 127 1.64 38.42 1.04
N LEU A 128 1.99 37.14 0.95
CA LEU A 128 2.13 36.48 -0.35
C LEU A 128 0.81 36.49 -1.10
N GLY A 129 -0.30 36.17 -0.41
CA GLY A 129 -1.59 36.24 -1.07
C GLY A 129 -1.91 37.63 -1.56
N ALA A 130 -1.62 38.65 -0.75
CA ALA A 130 -1.90 40.01 -1.15
C ALA A 130 -1.11 40.39 -2.39
N ILE A 131 0.18 40.08 -2.41
CA ILE A 131 1.01 40.47 -3.55
C ILE A 131 0.59 39.73 -4.81
N ILE A 132 0.32 38.42 -4.69
CA ILE A 132 -0.10 37.65 -5.86
C ILE A 132 -1.43 38.18 -6.39
N SER A 133 -2.36 38.48 -5.49
CA SER A 133 -3.66 38.99 -5.92
C SER A 133 -3.52 40.33 -6.62
N THR A 134 -2.68 41.22 -6.08
CA THR A 134 -2.46 42.50 -6.74
C THR A 134 -1.86 42.30 -8.12
N CYS A 135 -0.89 41.39 -8.24
CA CYS A 135 -0.29 41.12 -9.54
C CYS A 135 -1.34 40.64 -10.54
N PHE A 136 -2.22 39.72 -10.11
CA PHE A 136 -3.25 39.23 -11.02
C PHE A 136 -4.25 40.33 -11.40
N VAL A 137 -4.65 41.16 -10.44
CA VAL A 137 -5.62 42.19 -10.76
C VAL A 137 -5.03 43.24 -11.69
N VAL A 138 -3.72 43.51 -11.58
CA VAL A 138 -3.09 44.47 -12.48
C VAL A 138 -2.66 43.84 -13.80
N TYR A 139 -2.60 42.51 -13.89
CA TYR A 139 -2.19 41.84 -15.12
C TYR A 139 -2.98 42.28 -16.34
N PRO A 140 -4.31 42.40 -16.30
CA PRO A 140 -5.04 42.76 -17.53
C PRO A 140 -4.62 44.08 -18.14
N ILE A 141 -4.18 45.05 -17.33
CA ILE A 141 -3.78 46.35 -17.87
C ILE A 141 -2.73 46.18 -18.95
N PHE A 142 -1.70 45.38 -18.65
CA PHE A 142 -0.65 45.15 -19.64
C PHE A 142 -1.18 44.42 -20.87
N THR A 143 -2.11 43.48 -20.66
CA THR A 143 -2.68 42.74 -21.78
C THR A 143 -3.42 43.66 -22.73
N GLY A 144 -4.22 44.58 -22.19
CA GLY A 144 -5.04 45.41 -23.05
C GLY A 144 -6.22 44.62 -23.60
N GLU A 145 -6.78 45.16 -24.69
CA GLU A 145 -7.90 44.52 -25.38
C GLU A 145 -9.11 44.33 -24.47
N ARG A 146 -9.22 45.18 -23.45
CA ARG A 146 -10.39 45.19 -22.56
C ARG A 146 -10.63 43.82 -21.94
N GLY A 147 -9.67 43.39 -21.14
CA GLY A 147 -9.75 42.12 -20.42
C GLY A 147 -9.99 42.36 -18.93
N LEU A 148 -10.82 41.51 -18.33
CA LEU A 148 -11.11 41.64 -16.91
C LEU A 148 -10.21 40.73 -16.10
N PRO A 149 -9.94 41.06 -14.83
CA PRO A 149 -9.06 40.19 -14.03
C PRO A 149 -9.61 38.78 -13.90
N TYR A 150 -10.92 38.63 -13.78
CA TYR A 150 -11.56 37.32 -13.70
C TYR A 150 -12.71 37.27 -14.70
N GLY A 151 -13.46 36.18 -14.66
CA GLY A 151 -14.59 36.02 -15.54
C GLY A 151 -15.85 36.65 -14.98
N MET A 152 -16.75 37.01 -15.91
CA MET A 152 -18.02 37.60 -15.54
C MET A 152 -18.92 37.58 -16.76
N PHE A 153 -20.18 37.20 -16.57
CA PHE A 153 -21.13 37.14 -17.69
C PHE A 153 -22.53 37.40 -17.13
N ILE A 154 -22.95 38.65 -17.22
CA ILE A 154 -24.33 39.02 -16.91
C ILE A 154 -25.14 38.88 -18.18
N PRO A 155 -26.26 38.15 -18.18
CA PRO A 155 -27.02 37.98 -19.43
C PRO A 155 -27.43 39.33 -20.01
N GLY A 156 -27.32 39.43 -21.33
CA GLY A 156 -27.73 40.63 -22.04
C GLY A 156 -27.02 41.89 -21.58
N LEU A 157 -25.70 41.81 -21.42
CA LEU A 157 -24.91 42.95 -20.98
C LEU A 157 -23.57 42.92 -21.71
N ASP A 158 -23.27 43.99 -22.45
CA ASP A 158 -21.97 44.14 -23.10
C ASP A 158 -21.01 44.73 -22.07
N SER A 159 -20.26 43.83 -21.42
CA SER A 159 -19.42 44.24 -20.31
C SER A 159 -18.07 44.78 -20.76
N PHE A 160 -17.79 44.81 -22.06
CA PHE A 160 -16.51 45.24 -22.60
C PHE A 160 -16.66 46.27 -23.71
N ARG A 161 -17.73 47.06 -23.67
CA ARG A 161 -17.97 48.10 -24.66
C ARG A 161 -18.02 49.48 -24.04
N SER A 162 -18.85 49.68 -23.02
CA SER A 162 -19.11 50.99 -22.43
C SER A 162 -18.28 51.18 -21.17
N PRO A 163 -18.33 52.36 -20.53
CA PRO A 163 -17.74 52.50 -19.19
C PRO A 163 -18.15 51.39 -18.23
N HIS A 164 -19.16 50.60 -18.60
CA HIS A 164 -19.39 49.33 -17.92
C HIS A 164 -18.07 48.65 -17.65
N TYR A 165 -17.32 48.31 -18.70
CA TYR A 165 -16.01 47.69 -18.53
C TYR A 165 -15.25 48.29 -17.35
N GLU A 166 -15.20 49.62 -17.29
CA GLU A 166 -14.46 50.28 -16.22
C GLU A 166 -15.04 49.93 -14.85
N ILE A 167 -16.35 50.08 -14.69
CA ILE A 167 -16.93 49.88 -13.36
C ILE A 167 -16.84 48.42 -12.95
N ILE A 168 -17.01 47.50 -13.91
CA ILE A 168 -16.84 46.08 -13.62
C ILE A 168 -15.41 45.82 -13.15
N TYR A 169 -14.42 46.42 -13.81
CA TYR A 169 -13.03 46.23 -13.40
C TYR A 169 -12.82 46.75 -11.98
N ILE A 170 -13.36 47.93 -11.68
CA ILE A 170 -13.18 48.52 -10.36
C ILE A 170 -13.81 47.65 -9.29
N VAL A 171 -15.05 47.19 -9.53
CA VAL A 171 -15.72 46.37 -8.52
C VAL A 171 -14.97 45.05 -8.34
N GLN A 172 -14.41 44.51 -9.42
CA GLN A 172 -13.64 43.28 -9.31
C GLN A 172 -12.42 43.48 -8.43
N VAL A 173 -11.64 44.54 -8.69
CA VAL A 173 -10.44 44.76 -7.89
C VAL A 173 -10.83 44.96 -6.43
N VAL A 174 -11.89 45.72 -6.18
CA VAL A 174 -12.32 45.97 -4.81
C VAL A 174 -12.71 44.67 -4.12
N LEU A 175 -13.50 43.84 -4.81
CA LEU A 175 -13.92 42.57 -4.22
C LEU A 175 -12.78 41.58 -4.07
N THR A 176 -11.64 41.84 -4.72
CA THR A 176 -10.48 40.97 -4.53
C THR A 176 -10.09 40.89 -3.06
N PHE A 177 -10.04 42.03 -2.38
CA PHE A 177 -9.53 42.08 -1.00
C PHE A 177 -10.30 41.15 -0.05
N PRO A 178 -11.62 41.27 0.09
CA PRO A 178 -12.32 40.36 1.01
C PRO A 178 -12.17 38.91 0.64
N GLY A 179 -12.07 38.59 -0.65
CA GLY A 179 -11.97 37.20 -1.05
C GLY A 179 -10.71 36.53 -0.54
N CYS A 180 -9.55 37.17 -0.77
CA CYS A 180 -8.32 36.64 -0.20
C CYS A 180 -8.40 36.63 1.32
N CYS A 181 -9.04 37.65 1.89
CA CYS A 181 -9.21 37.69 3.34
C CYS A 181 -9.94 36.46 3.85
N MET A 182 -10.91 35.93 3.08
CA MET A 182 -11.60 34.73 3.53
C MET A 182 -10.81 33.47 3.20
N TYR A 183 -10.02 33.50 2.12
CA TYR A 183 -9.37 32.28 1.65
C TYR A 183 -8.15 31.93 2.50
N ILE A 184 -7.15 32.81 2.53
CA ILE A 184 -5.85 32.44 3.13
C ILE A 184 -5.96 32.09 4.60
N PRO A 185 -6.70 32.81 5.44
CA PRO A 185 -6.62 32.53 6.88
C PRO A 185 -7.02 31.13 7.27
N PHE A 186 -7.78 30.40 6.46
CA PHE A 186 -8.04 29.01 6.81
C PHE A 186 -6.77 28.17 6.74
N THR A 187 -5.99 28.33 5.68
CA THR A 187 -4.71 27.64 5.61
C THR A 187 -3.80 28.07 6.75
N SER A 188 -3.76 29.37 7.03
CA SER A 188 -2.93 29.84 8.14
C SER A 188 -3.39 29.23 9.46
N PHE A 189 -4.69 29.12 9.66
CA PHE A 189 -5.24 28.55 10.89
C PHE A 189 -4.89 27.08 11.01
N PHE A 190 -4.98 26.34 9.90
CA PHE A 190 -4.59 24.93 9.95
C PHE A 190 -3.13 24.79 10.32
N ALA A 191 -2.26 25.59 9.70
CA ALA A 191 -0.84 25.54 10.03
C ALA A 191 -0.62 25.83 11.51
N SER A 192 -1.25 26.88 12.03
CA SER A 192 -1.05 27.24 13.43
C SER A 192 -1.57 26.16 14.38
N THR A 193 -2.73 25.60 14.08
CA THR A 193 -3.30 24.57 14.94
C THR A 193 -2.44 23.31 14.96
N THR A 194 -1.94 22.89 13.78
CA THR A 194 -1.05 21.75 13.73
C THR A 194 0.25 22.04 14.49
N LEU A 195 0.77 23.26 14.36
CA LEU A 195 1.99 23.61 15.09
C LEU A 195 1.77 23.54 16.59
N PHE A 196 0.61 24.00 17.07
CA PHE A 196 0.36 23.88 18.51
C PHE A 196 0.15 22.42 18.92
N GLY A 197 -0.40 21.60 18.03
CA GLY A 197 -0.45 20.17 18.32
C GLY A 197 0.93 19.58 18.49
N LEU A 198 1.87 19.96 17.62
CA LEU A 198 3.25 19.53 17.78
C LEU A 198 3.85 20.04 19.08
N VAL A 199 3.53 21.28 19.45
CA VAL A 199 4.03 21.82 20.70
C VAL A 199 3.56 20.97 21.88
N GLN A 200 2.28 20.63 21.89
CA GLN A 200 1.75 19.79 22.98
C GLN A 200 2.40 18.42 22.96
N ILE A 201 2.57 17.83 21.78
CA ILE A 201 3.14 16.49 21.69
C ILE A 201 4.55 16.48 22.24
N LYS A 202 5.37 17.46 21.84
CA LYS A 202 6.76 17.48 22.29
C LYS A 202 6.86 17.85 23.77
N THR A 203 5.97 18.68 24.28
CA THR A 203 5.94 18.91 25.72
C THR A 203 5.66 17.61 26.45
N LEU A 204 4.73 16.80 25.93
CA LEU A 204 4.43 15.52 26.57
C LEU A 204 5.61 14.56 26.47
N GLN A 205 6.30 14.54 25.34
CA GLN A 205 7.48 13.68 25.21
C GLN A 205 8.53 14.05 26.24
N ARG A 206 8.83 15.34 26.37
CA ARG A 206 9.80 15.77 27.37
C ARG A 206 9.35 15.39 28.77
N GLN A 207 8.07 15.60 29.08
CA GLN A 207 7.55 15.24 30.40
C GLN A 207 7.69 13.74 30.65
N LEU A 208 7.43 12.93 29.62
CA LEU A 208 7.58 11.48 29.76
C LEU A 208 9.01 11.11 30.09
N GLN A 209 9.96 11.70 29.35
CA GLN A 209 11.36 11.34 29.57
C GLN A 209 11.86 11.82 30.92
N THR A 210 11.32 12.91 31.45
CA THR A 210 11.82 13.50 32.69
C THR A 210 10.71 13.64 33.74
N PHE A 211 9.89 12.61 33.91
CA PHE A 211 8.81 12.70 34.89
C PHE A 211 9.26 12.31 36.29
N LYS A 212 10.30 11.48 36.40
CA LYS A 212 10.74 10.98 37.70
C LYS A 212 11.63 11.98 38.44
N ASP A 213 12.04 13.07 37.78
CA ASP A 213 12.88 14.05 38.44
C ASP A 213 12.14 14.69 39.60
N ASN A 214 12.84 14.86 40.72
CA ASN A 214 12.31 15.52 41.91
C ASN A 214 11.21 14.71 42.58
N ILE A 215 11.19 13.40 42.40
CA ILE A 215 10.22 12.52 43.04
C ILE A 215 10.97 11.40 43.75
N ASN A 216 10.59 11.13 44.99
CA ASN A 216 11.18 10.05 45.75
C ASN A 216 10.55 8.72 45.36
N SER A 217 11.39 7.71 45.17
CA SER A 217 10.90 6.42 44.69
C SER A 217 10.11 5.67 45.77
N GLN A 218 10.40 5.91 47.05
CA GLN A 218 9.76 5.14 48.11
C GLN A 218 8.25 5.37 48.11
N ASP A 219 7.82 6.62 47.95
CA ASP A 219 6.41 6.96 47.92
C ASP A 219 5.87 6.71 46.52
N LYS A 220 5.09 5.64 46.36
CA LYS A 220 4.54 5.30 45.05
C LYS A 220 3.40 6.22 44.66
N GLU A 221 2.82 6.95 45.61
CA GLU A 221 1.67 7.81 45.30
C GLU A 221 2.06 8.91 44.32
N LYS A 222 3.22 9.54 44.53
CA LYS A 222 3.63 10.62 43.63
C LYS A 222 3.92 10.10 42.23
N VAL A 223 4.56 8.93 42.13
CA VAL A 223 4.85 8.37 40.82
C VAL A 223 3.55 8.02 40.11
N LYS A 224 2.60 7.43 40.84
CA LYS A 224 1.31 7.10 40.26
C LYS A 224 0.61 8.37 39.77
N ALA A 225 0.64 9.43 40.58
CA ALA A 225 -0.01 10.68 40.17
C ALA A 225 0.65 11.26 38.92
N LYS A 226 1.97 11.20 38.84
CA LYS A 226 2.66 11.74 37.67
C LYS A 226 2.31 10.95 36.41
N VAL A 227 2.26 9.63 36.50
CA VAL A 227 1.90 8.84 35.33
C VAL A 227 0.44 9.07 34.94
N VAL A 228 -0.42 9.25 35.94
CA VAL A 228 -1.82 9.58 35.65
C VAL A 228 -1.90 10.89 34.90
N LYS A 229 -1.11 11.89 35.31
CA LYS A 229 -1.11 13.17 34.62
C LYS A 229 -0.61 13.02 33.20
N LEU A 230 0.40 12.18 32.99
CA LEU A 230 0.90 11.95 31.64
C LEU A 230 -0.17 11.32 30.76
N ILE A 231 -0.91 10.35 31.31
CA ILE A 231 -1.99 9.72 30.55
C ILE A 231 -3.06 10.74 30.19
N GLU A 232 -3.45 11.58 31.15
CA GLU A 232 -4.46 12.60 30.88
C GLU A 232 -3.98 13.59 29.82
N ASP A 233 -2.70 13.94 29.83
CA ASP A 233 -2.16 14.82 28.80
C ASP A 233 -2.22 14.16 27.43
N HIS A 234 -1.90 12.87 27.36
CA HIS A 234 -2.01 12.17 26.09
C HIS A 234 -3.44 12.19 25.58
N LYS A 235 -4.41 11.96 26.47
CA LYS A 235 -5.81 12.02 26.06
C LYS A 235 -6.18 13.42 25.58
N ARG A 236 -5.67 14.45 26.25
CA ARG A 236 -5.90 15.82 25.82
C ARG A 236 -5.42 16.03 24.39
N ILE A 237 -4.21 15.56 24.09
CA ILE A 237 -3.67 15.72 22.74
C ILE A 237 -4.55 14.99 21.73
N ILE A 238 -4.99 13.78 22.10
CA ILE A 238 -5.81 12.99 21.18
C ILE A 238 -7.11 13.74 20.85
N THR A 239 -7.75 14.29 21.88
CA THR A 239 -8.99 15.06 21.66
C THR A 239 -8.74 16.28 20.79
N TYR A 240 -7.67 17.01 21.07
CA TYR A 240 -7.32 18.17 20.26
C TYR A 240 -7.23 17.78 18.79
N VAL A 241 -6.48 16.71 18.51
CA VAL A 241 -6.27 16.31 17.12
C VAL A 241 -7.58 15.86 16.51
N SER A 242 -8.43 15.19 17.28
CA SER A 242 -9.70 14.72 16.72
C SER A 242 -10.57 15.88 16.26
N GLU A 243 -10.68 16.93 17.08
CA GLU A 243 -11.51 18.07 16.70
C GLU A 243 -10.92 18.80 15.49
N LEU A 244 -9.63 19.13 15.57
CA LEU A 244 -8.96 19.76 14.43
C LEU A 244 -9.18 18.94 13.18
N ASN A 245 -9.10 17.61 13.32
CA ASN A 245 -9.32 16.71 12.20
C ASN A 245 -10.69 17.03 11.65
N SER A 246 -11.76 16.72 12.39
CA SER A 246 -13.11 16.90 11.83
C SER A 246 -13.20 18.15 10.96
N LEU A 247 -12.83 19.30 11.54
CA LEU A 247 -12.98 20.57 10.82
C LEU A 247 -12.22 20.57 9.50
N VAL A 248 -10.89 20.51 9.63
CA VAL A 248 -10.05 20.61 8.44
C VAL A 248 -10.35 19.45 7.50
N THR A 249 -10.84 18.34 8.05
CA THR A 249 -11.17 17.15 7.27
C THR A 249 -12.16 17.50 6.18
N TYR A 250 -13.33 17.98 6.57
CA TYR A 250 -14.34 18.26 5.56
C TYR A 250 -13.87 19.35 4.61
N ILE A 251 -13.31 20.45 5.15
CA ILE A 251 -12.98 21.56 4.27
C ILE A 251 -11.88 21.15 3.28
N CYS A 252 -10.88 20.41 3.76
CA CYS A 252 -9.78 19.97 2.91
C CYS A 252 -10.22 18.94 1.90
N PHE A 253 -11.17 18.07 2.24
CA PHE A 253 -11.71 17.17 1.22
C PHE A 253 -12.23 17.97 0.03
N VAL A 254 -13.07 18.96 0.31
CA VAL A 254 -13.61 19.76 -0.79
C VAL A 254 -12.46 20.43 -1.56
N GLU A 255 -11.54 21.03 -0.83
CA GLU A 255 -10.46 21.78 -1.47
C GLU A 255 -9.61 20.89 -2.37
N PHE A 256 -9.24 19.71 -1.87
CA PHE A 256 -8.33 18.85 -2.62
C PHE A 256 -9.02 18.24 -3.84
N LEU A 257 -10.30 17.89 -3.71
CA LEU A 257 -11.03 17.46 -4.90
C LEU A 257 -10.99 18.54 -5.97
N SER A 258 -11.34 19.78 -5.60
CA SER A 258 -11.33 20.85 -6.59
C SER A 258 -9.93 21.07 -7.17
N PHE A 259 -8.91 21.02 -6.31
CA PHE A 259 -7.54 21.26 -6.77
C PHE A 259 -7.08 20.19 -7.74
N GLY A 260 -7.40 18.91 -7.47
CA GLY A 260 -7.05 17.88 -8.42
C GLY A 260 -7.75 18.04 -9.75
N MET A 261 -9.05 18.35 -9.72
CA MET A 261 -9.77 18.57 -10.96
C MET A 261 -9.14 19.70 -11.76
N MET A 262 -8.72 20.78 -11.10
CA MET A 262 -8.11 21.89 -11.81
C MET A 262 -6.71 21.54 -12.30
N LEU A 263 -5.95 20.78 -11.49
CA LEU A 263 -4.58 20.43 -11.85
C LEU A 263 -4.55 19.55 -13.10
N CYS A 264 -5.52 18.64 -13.24
CA CYS A 264 -5.57 17.84 -14.45
C CYS A 264 -5.62 18.72 -15.70
N ALA A 265 -6.56 19.68 -15.71
CA ALA A 265 -6.70 20.56 -16.87
C ALA A 265 -5.47 21.45 -17.03
N LEU A 266 -4.86 21.87 -15.92
CA LEU A 266 -3.65 22.69 -16.03
C LEU A 266 -2.52 21.91 -16.70
N LEU A 267 -2.32 20.65 -16.31
CA LEU A 267 -1.31 19.83 -16.96
C LEU A 267 -1.64 19.63 -18.43
N PHE A 268 -2.91 19.38 -18.75
CA PHE A 268 -3.33 19.28 -20.14
C PHE A 268 -2.92 20.53 -20.91
N LEU A 269 -3.27 21.70 -20.38
CA LEU A 269 -3.06 22.96 -21.07
C LEU A 269 -1.59 23.37 -21.12
N LEU A 270 -0.76 22.79 -20.27
CA LEU A 270 0.66 23.16 -20.24
C LEU A 270 1.29 23.08 -21.62
N ASN A 271 1.09 21.97 -22.33
CA ASN A 271 1.78 21.70 -23.57
C ASN A 271 1.04 22.20 -24.80
N VAL A 272 -0.07 22.90 -24.64
CA VAL A 272 -0.81 23.44 -25.78
C VAL A 272 -0.61 24.93 -25.97
N ILE A 273 0.07 25.61 -25.05
CA ILE A 273 0.25 27.06 -25.12
C ILE A 273 1.38 27.38 -26.10
N GLU A 274 1.10 28.28 -27.04
CA GLU A 274 2.11 28.82 -27.93
C GLU A 274 2.32 30.32 -27.71
N ASN A 275 1.70 30.89 -26.68
CA ASN A 275 1.76 32.34 -26.48
C ASN A 275 3.13 32.79 -25.98
N HIS A 276 3.87 31.90 -25.32
CA HIS A 276 5.20 32.15 -24.75
C HIS A 276 5.13 32.96 -23.46
N ALA A 277 3.96 33.44 -23.06
CA ALA A 277 3.82 34.15 -21.79
C ALA A 277 2.70 33.53 -20.96
N GLN A 278 1.68 32.97 -21.63
CA GLN A 278 0.64 32.26 -20.92
C GLN A 278 1.18 31.01 -20.24
N ILE A 279 2.25 30.43 -20.79
CA ILE A 279 2.86 29.27 -20.16
C ILE A 279 3.43 29.65 -18.80
N VAL A 280 3.95 30.88 -18.67
CA VAL A 280 4.41 31.36 -17.37
C VAL A 280 3.25 31.39 -16.38
N ILE A 281 2.08 31.85 -16.83
CA ILE A 281 0.92 31.90 -15.95
C ILE A 281 0.52 30.49 -15.54
N VAL A 282 0.57 29.55 -16.48
CA VAL A 282 0.21 28.16 -16.17
C VAL A 282 1.16 27.60 -15.12
N ALA A 283 2.46 27.85 -15.30
CA ALA A 283 3.44 27.38 -14.32
C ALA A 283 3.18 28.00 -12.96
N ALA A 284 2.84 29.30 -12.94
CA ALA A 284 2.54 29.94 -11.67
C ALA A 284 1.35 29.29 -10.99
N TYR A 285 0.28 29.01 -11.76
CA TYR A 285 -0.89 28.34 -11.20
C TYR A 285 -0.50 27.01 -10.57
N ILE A 286 0.27 26.21 -11.30
CA ILE A 286 0.70 24.92 -10.79
C ILE A 286 1.50 25.10 -9.51
N PHE A 287 2.36 26.12 -9.49
CA PHE A 287 3.18 26.36 -8.31
C PHE A 287 2.31 26.65 -7.09
N MET A 288 1.30 27.51 -7.25
CA MET A 288 0.47 27.84 -6.09
C MET A 288 -0.35 26.65 -5.63
N ILE A 289 -0.94 25.91 -6.57
CA ILE A 289 -1.71 24.72 -6.18
C ILE A 289 -0.83 23.77 -5.39
N ILE A 290 0.36 23.47 -5.93
CA ILE A 290 1.24 22.50 -5.29
C ILE A 290 1.71 23.01 -3.94
N SER A 291 2.00 24.31 -3.84
CA SER A 291 2.48 24.84 -2.57
C SER A 291 1.41 24.75 -1.48
N GLN A 292 0.16 25.08 -1.82
CA GLN A 292 -0.91 24.98 -0.83
C GLN A 292 -1.11 23.54 -0.38
N ILE A 293 -1.19 22.63 -1.35
CA ILE A 293 -1.37 21.22 -1.00
C ILE A 293 -0.20 20.75 -0.13
N PHE A 294 1.02 21.19 -0.46
CA PHE A 294 2.19 20.78 0.30
C PHE A 294 2.14 21.31 1.72
N ALA A 295 1.68 22.54 1.90
CA ALA A 295 1.56 23.08 3.26
C ALA A 295 0.63 22.19 4.09
N PHE A 296 -0.56 21.92 3.55
CA PHE A 296 -1.50 21.08 4.28
C PHE A 296 -0.88 19.74 4.63
N TYR A 297 -0.32 19.06 3.64
CA TYR A 297 0.17 17.70 3.84
C TYR A 297 1.38 17.69 4.77
N TRP A 298 2.27 18.67 4.66
CA TRP A 298 3.45 18.71 5.51
C TRP A 298 3.06 18.86 6.97
N HIS A 299 2.13 19.76 7.27
CA HIS A 299 1.77 19.95 8.68
C HIS A 299 1.01 18.74 9.23
N ALA A 300 0.11 18.16 8.42
CA ALA A 300 -0.57 16.95 8.87
C ALA A 300 0.42 15.82 9.13
N ASN A 301 1.40 15.66 8.22
CA ASN A 301 2.40 14.62 8.37
C ASN A 301 3.21 14.83 9.63
N GLU A 302 3.60 16.06 9.92
CA GLU A 302 4.38 16.30 11.13
C GLU A 302 3.58 15.94 12.36
N VAL A 303 2.28 16.25 12.36
CA VAL A 303 1.44 15.85 13.50
C VAL A 303 1.48 14.33 13.65
N ARG A 304 1.30 13.60 12.55
CA ARG A 304 1.31 12.15 12.62
C ARG A 304 2.63 11.63 13.17
N GLU A 305 3.74 12.15 12.65
CA GLU A 305 5.06 11.62 13.01
C GLU A 305 5.39 11.89 14.46
N GLU A 306 5.12 13.10 14.96
CA GLU A 306 5.37 13.35 16.38
C GLU A 306 4.45 12.52 17.26
N SER A 307 3.18 12.35 16.86
CA SER A 307 2.29 11.50 17.63
C SER A 307 2.84 10.09 17.75
N MET A 308 3.38 9.57 16.65
CA MET A 308 3.99 8.23 16.69
C MET A 308 5.22 8.21 17.58
N ASN A 309 6.11 9.21 17.42
CA ASN A 309 7.34 9.27 18.21
C ASN A 309 7.07 9.41 19.70
N LEU A 310 5.85 9.78 20.08
CA LEU A 310 5.50 9.74 21.50
C LEU A 310 5.75 8.35 22.10
N ALA A 311 5.66 7.30 21.29
CA ALA A 311 5.93 5.94 21.77
C ALA A 311 7.39 5.80 22.16
N GLU A 312 8.30 6.29 21.32
CA GLU A 312 9.73 6.24 21.66
C GLU A 312 10.01 7.12 22.87
N ALA A 313 9.36 8.28 22.95
CA ALA A 313 9.51 9.12 24.13
C ALA A 313 9.13 8.37 25.39
N ALA A 314 8.04 7.59 25.32
CA ALA A 314 7.64 6.78 26.48
C ALA A 314 8.66 5.69 26.77
N TYR A 315 9.21 5.07 25.73
CA TYR A 315 10.15 3.96 25.91
C TYR A 315 11.43 4.40 26.61
N SER A 316 11.90 5.60 26.29
CA SER A 316 13.19 6.10 26.76
C SER A 316 13.14 6.65 28.19
N GLY A 317 12.03 6.47 28.89
CA GLY A 317 11.93 6.98 30.24
C GLY A 317 12.67 6.13 31.23
N PRO A 318 12.55 6.49 32.51
CA PRO A 318 13.21 5.75 33.59
C PRO A 318 12.38 4.57 34.11
N TRP A 319 11.91 3.72 33.19
CA TRP A 319 10.94 2.70 33.56
C TRP A 319 11.58 1.41 34.07
N VAL A 320 12.89 1.29 34.04
CA VAL A 320 13.53 0.05 34.47
C VAL A 320 13.38 -0.14 35.97
N GLU A 321 13.45 0.95 36.73
CA GLU A 321 13.48 0.86 38.19
C GLU A 321 12.12 1.13 38.84
N LEU A 322 11.08 1.42 38.06
CA LEU A 322 9.77 1.68 38.63
C LEU A 322 9.07 0.38 38.99
N ASP A 323 8.09 0.48 39.88
CA ASP A 323 7.29 -0.68 40.24
C ASP A 323 6.62 -1.26 39.01
N ASN A 324 6.15 -2.50 39.14
CA ASN A 324 5.61 -3.20 37.98
C ASN A 324 4.40 -2.46 37.40
N SER A 325 3.55 -1.91 38.27
CA SER A 325 2.32 -1.27 37.81
C SER A 325 2.62 -0.09 36.89
N ILE A 326 3.60 0.74 37.25
CA ILE A 326 3.95 1.88 36.41
C ILE A 326 4.52 1.40 35.09
N LYS A 327 5.26 0.29 35.11
CA LYS A 327 5.76 -0.28 33.87
C LYS A 327 4.61 -0.71 32.98
N LYS A 328 3.56 -1.29 33.55
CA LYS A 328 2.39 -1.66 32.75
C LYS A 328 1.69 -0.43 32.19
N LYS A 329 1.59 0.63 32.98
CA LYS A 329 0.97 1.86 32.48
C LYS A 329 1.77 2.43 31.31
N LEU A 330 3.09 2.42 31.42
CA LEU A 330 3.91 2.90 30.31
C LEU A 330 3.80 1.96 29.10
N LEU A 331 3.61 0.67 29.34
CA LEU A 331 3.38 -0.26 28.25
C LEU A 331 2.10 0.07 27.51
N LEU A 332 1.05 0.43 28.25
CA LEU A 332 -0.20 0.84 27.61
C LEU A 332 -0.03 2.16 26.86
N ILE A 333 0.74 3.10 27.41
CA ILE A 333 1.00 4.35 26.71
C ILE A 333 1.73 4.10 25.40
N ILE A 334 2.73 3.21 25.43
CA ILE A 334 3.45 2.85 24.21
C ILE A 334 2.51 2.18 23.22
N LEU A 335 1.63 1.31 23.72
CA LEU A 335 0.67 0.63 22.86
C LEU A 335 -0.21 1.63 22.12
N ARG A 336 -0.82 2.56 22.85
CA ARG A 336 -1.70 3.53 22.22
C ARG A 336 -0.93 4.45 21.29
N ALA A 337 0.24 4.93 21.72
CA ALA A 337 0.96 5.94 20.96
C ALA A 337 1.40 5.46 19.59
N GLN A 338 1.53 4.15 19.39
CA GLN A 338 1.98 3.63 18.10
C GLN A 338 0.98 3.84 16.98
N GLN A 339 -0.25 4.23 17.30
CA GLN A 339 -1.22 4.58 16.28
C GLN A 339 -1.12 6.07 15.97
N PRO A 340 -0.83 6.47 14.73
CA PRO A 340 -0.66 7.89 14.45
C PRO A 340 -1.96 8.66 14.68
N LEU A 341 -1.81 9.91 15.11
CA LEU A 341 -2.93 10.84 15.21
C LEU A 341 -3.04 11.52 13.85
N GLU A 342 -3.83 10.94 12.96
CA GLU A 342 -3.92 11.41 11.59
C GLU A 342 -4.98 12.50 11.46
N ILE A 343 -4.78 13.36 10.46
CA ILE A 343 -5.79 14.34 10.07
C ILE A 343 -6.31 13.93 8.71
N THR A 344 -7.40 13.18 8.69
CA THR A 344 -7.92 12.62 7.45
C THR A 344 -8.58 13.70 6.60
N VAL A 345 -8.51 13.51 5.28
CA VAL A 345 -9.13 14.42 4.32
C VAL A 345 -10.46 13.79 3.92
N GLY A 346 -11.56 14.33 4.44
CA GLY A 346 -12.86 13.74 4.26
C GLY A 346 -13.17 12.56 5.14
N ASN A 347 -12.26 12.20 6.05
CA ASN A 347 -12.34 10.96 6.82
C ASN A 347 -12.10 9.74 5.95
N VAL A 348 -11.43 9.92 4.82
CA VAL A 348 -11.13 8.83 3.90
C VAL A 348 -9.62 8.60 3.89
N TYR A 349 -8.87 9.62 3.48
CA TYR A 349 -7.43 9.49 3.30
C TYR A 349 -6.69 10.27 4.37
N PRO A 350 -5.88 9.63 5.22
CA PRO A 350 -5.00 10.41 6.10
C PRO A 350 -4.10 11.33 5.28
N MET A 351 -3.87 12.52 5.80
CA MET A 351 -3.02 13.49 5.13
C MET A 351 -1.57 13.25 5.54
N THR A 352 -0.75 12.87 4.57
CA THR A 352 0.65 12.55 4.81
C THR A 352 1.45 12.96 3.58
N LEU A 353 2.76 13.12 3.76
CA LEU A 353 3.62 13.40 2.62
C LEU A 353 3.64 12.25 1.62
N GLU A 354 3.24 11.05 2.05
CA GLU A 354 3.09 9.95 1.10
C GLU A 354 1.96 10.24 0.11
N MET A 355 0.84 10.78 0.58
CA MET A 355 -0.23 11.15 -0.32
C MET A 355 0.19 12.26 -1.28
N PHE A 356 0.91 13.26 -0.76
CA PHE A 356 1.40 14.33 -1.63
C PHE A 356 2.37 13.80 -2.66
N GLN A 357 3.25 12.89 -2.25
CA GLN A 357 4.17 12.27 -3.20
C GLN A 357 3.42 11.48 -4.26
N SER A 358 2.37 10.76 -3.85
CA SER A 358 1.56 10.02 -4.82
C SER A 358 0.91 10.97 -5.83
N LEU A 359 0.37 12.08 -5.34
CA LEU A 359 -0.20 13.08 -6.25
C LEU A 359 0.86 13.60 -7.21
N LEU A 360 2.06 13.88 -6.69
CA LEU A 360 3.14 14.38 -7.55
C LEU A 360 3.52 13.35 -8.60
N ASN A 361 3.62 12.08 -8.21
CA ASN A 361 3.94 11.03 -9.18
C ASN A 361 2.86 10.92 -10.24
N ALA A 362 1.60 10.98 -9.83
CA ALA A 362 0.52 10.93 -10.81
C ALA A 362 0.60 12.10 -11.78
N SER A 363 0.86 13.30 -11.27
CA SER A 363 0.95 14.47 -12.14
C SER A 363 2.13 14.34 -13.10
N TYR A 364 3.27 13.87 -12.60
CA TYR A 364 4.44 13.71 -13.47
C TYR A 364 4.18 12.70 -14.57
N SER A 365 3.60 11.54 -14.22
CA SER A 365 3.29 10.54 -15.21
C SER A 365 2.30 11.07 -16.24
N TYR A 366 1.27 11.77 -15.77
CA TYR A 366 0.28 12.31 -16.68
C TYR A 366 0.93 13.30 -17.65
N PHE A 367 1.78 14.18 -17.15
CA PHE A 367 2.42 15.15 -18.02
C PHE A 367 3.34 14.48 -19.03
N THR A 368 4.11 13.48 -18.59
CA THR A 368 5.02 12.79 -19.51
C THR A 368 4.24 12.07 -20.61
N LEU A 369 3.20 11.33 -20.24
CA LEU A 369 2.41 10.64 -21.24
C LEU A 369 1.69 11.62 -22.16
N LEU A 370 1.24 12.75 -21.63
CA LEU A 370 0.61 13.77 -22.46
C LEU A 370 1.60 14.30 -23.50
N ARG A 371 2.80 14.66 -23.06
CA ARG A 371 3.80 15.18 -23.98
C ARG A 371 4.15 14.14 -25.03
N ARG A 372 4.18 12.87 -24.64
CA ARG A 372 4.51 11.81 -25.60
C ARG A 372 3.41 11.63 -26.63
N VAL A 373 2.15 11.53 -26.19
CA VAL A 373 1.06 11.28 -27.12
C VAL A 373 0.86 12.47 -28.04
N TYR A 374 1.04 13.69 -27.52
CA TYR A 374 0.79 14.87 -28.33
C TYR A 374 1.87 15.09 -29.38
N ASN A 375 2.98 14.35 -29.28
CA ASN A 375 4.03 14.44 -30.30
C ASN A 375 3.60 13.77 -31.59
N LYS B 4 -39.12 -15.99 12.51
CA LYS B 4 -39.38 -14.57 12.72
C LYS B 4 -39.72 -14.29 14.18
N HIS B 5 -39.06 -15.00 15.09
CA HIS B 5 -39.30 -14.85 16.52
C HIS B 5 -38.08 -14.37 17.28
N GLN B 6 -36.93 -15.02 17.09
CA GLN B 6 -35.75 -14.74 17.90
C GLN B 6 -34.88 -13.68 17.23
N GLY B 7 -33.77 -13.35 17.88
CA GLY B 7 -33.02 -12.17 17.50
C GLY B 7 -32.42 -12.27 16.11
N LEU B 8 -32.27 -11.10 15.48
CA LEU B 8 -31.55 -10.94 14.22
C LEU B 8 -32.36 -11.43 13.04
N VAL B 9 -33.49 -12.10 13.30
CA VAL B 9 -34.47 -12.37 12.26
C VAL B 9 -35.77 -11.61 12.52
N ALA B 10 -36.16 -11.43 13.78
CA ALA B 10 -37.21 -10.47 14.10
C ALA B 10 -36.79 -9.05 13.73
N ASP B 11 -35.52 -8.72 13.98
CA ASP B 11 -35.01 -7.40 13.64
C ASP B 11 -35.02 -7.17 12.13
N LEU B 12 -34.60 -8.17 11.36
CA LEU B 12 -34.54 -8.06 9.90
C LEU B 12 -35.82 -8.50 9.22
N LEU B 13 -36.85 -8.84 9.99
CA LEU B 13 -38.03 -9.47 9.40
C LEU B 13 -38.64 -8.68 8.24
N PRO B 14 -38.78 -7.36 8.31
CA PRO B 14 -39.26 -6.63 7.12
C PRO B 14 -38.38 -6.86 5.90
N ASN B 15 -37.06 -6.90 6.10
CA ASN B 15 -36.16 -7.14 4.98
C ASN B 15 -36.35 -8.54 4.42
N ILE B 16 -36.51 -9.53 5.29
CA ILE B 16 -36.74 -10.89 4.84
C ILE B 16 -38.03 -10.99 4.03
N ARG B 17 -39.10 -10.34 4.51
CA ARG B 17 -40.35 -10.37 3.77
C ARG B 17 -40.21 -9.69 2.42
N VAL B 18 -39.51 -8.56 2.36
CA VAL B 18 -39.30 -7.91 1.07
C VAL B 18 -38.54 -8.81 0.12
N MET B 19 -37.52 -9.51 0.63
CA MET B 19 -36.76 -10.43 -0.21
C MET B 19 -37.64 -11.56 -0.72
N GLN B 20 -38.42 -12.18 0.16
CA GLN B 20 -39.31 -13.27 -0.25
C GLN B 20 -40.33 -12.79 -1.28
N GLY B 21 -40.92 -11.63 -1.05
CA GLY B 21 -41.98 -11.16 -1.92
C GLY B 21 -41.54 -11.02 -3.37
N VAL B 22 -40.31 -10.54 -3.59
CA VAL B 22 -39.82 -10.34 -4.95
C VAL B 22 -39.45 -11.64 -5.63
N GLY B 23 -39.38 -12.74 -4.89
CA GLY B 23 -39.05 -14.03 -5.47
C GLY B 23 -37.66 -14.49 -5.13
N HIS B 24 -37.19 -14.13 -3.93
CA HIS B 24 -35.82 -14.42 -3.52
C HIS B 24 -35.72 -15.67 -2.66
N PHE B 25 -36.55 -16.68 -2.91
CA PHE B 25 -36.48 -17.97 -2.22
C PHE B 25 -36.67 -17.72 -0.73
N MET B 26 -35.74 -18.11 0.14
CA MET B 26 -35.90 -17.93 1.58
C MET B 26 -37.11 -18.69 2.10
N PHE B 27 -37.08 -20.01 1.94
CA PHE B 27 -38.16 -20.86 2.42
C PHE B 27 -37.90 -21.30 3.87
N ASN B 28 -37.82 -20.33 4.78
CA ASN B 28 -37.47 -20.68 6.16
C ASN B 28 -38.29 -20.02 7.24
N TYR B 29 -38.94 -18.88 7.02
CA TYR B 29 -39.45 -18.06 8.11
C TYR B 29 -40.94 -17.81 7.99
N TYR B 30 -41.70 -18.87 7.75
CA TYR B 30 -43.16 -18.80 7.79
C TYR B 30 -43.72 -20.19 8.06
N SER B 31 -45.03 -20.24 8.25
CA SER B 31 -45.71 -21.51 8.48
C SER B 31 -45.64 -22.38 7.23
N GLU B 32 -45.66 -23.71 7.45
CA GLU B 32 -45.48 -24.64 6.35
C GLU B 32 -46.56 -24.50 5.28
N GLY B 33 -47.73 -23.96 5.63
CA GLY B 33 -48.78 -23.82 4.65
C GLY B 33 -48.36 -22.99 3.45
N LYS B 34 -47.56 -21.95 3.70
CA LYS B 34 -47.07 -21.08 2.64
C LYS B 34 -45.85 -21.66 1.93
N LYS B 35 -45.34 -22.80 2.38
CA LYS B 35 -44.11 -23.34 1.83
C LYS B 35 -44.27 -23.67 0.34
N PHE B 36 -45.36 -24.34 -0.01
CA PHE B 36 -45.51 -24.86 -1.37
C PHE B 36 -45.83 -23.74 -2.35
N PRO B 37 -46.86 -22.92 -2.10
CA PRO B 37 -47.17 -21.86 -3.08
C PRO B 37 -46.00 -20.92 -3.30
N HIS B 38 -45.40 -20.41 -2.22
CA HIS B 38 -44.30 -19.48 -2.34
C HIS B 38 -43.24 -20.01 -3.28
N ARG B 39 -42.80 -21.26 -3.04
CA ARG B 39 -41.77 -21.84 -3.89
C ARG B 39 -42.14 -21.72 -5.35
N ILE B 40 -43.36 -22.13 -5.71
CA ILE B 40 -43.76 -22.08 -7.12
C ILE B 40 -43.56 -20.66 -7.64
N TYR B 41 -44.08 -19.68 -6.89
CA TYR B 41 -43.94 -18.29 -7.32
C TYR B 41 -42.50 -17.97 -7.62
N CYS B 42 -41.59 -18.30 -6.69
CA CYS B 42 -40.18 -18.01 -6.91
C CYS B 42 -39.73 -18.55 -8.25
N ILE B 43 -40.01 -19.83 -8.51
CA ILE B 43 -39.57 -20.43 -9.76
C ILE B 43 -40.08 -19.61 -10.94
N VAL B 44 -41.38 -19.31 -10.93
CA VAL B 44 -41.95 -18.56 -12.05
C VAL B 44 -41.16 -17.28 -12.25
N THR B 45 -40.94 -16.53 -11.16
CA THR B 45 -40.21 -15.29 -11.29
C THR B 45 -38.88 -15.53 -11.99
N LEU B 46 -38.10 -16.48 -11.49
CA LEU B 46 -36.82 -16.77 -12.10
C LEU B 46 -37.00 -17.04 -13.58
N LEU B 47 -37.92 -17.94 -13.91
CA LEU B 47 -38.20 -18.24 -15.30
C LEU B 47 -38.36 -16.94 -16.08
N LEU B 48 -39.33 -16.11 -15.68
CA LEU B 48 -39.60 -14.90 -16.43
C LEU B 48 -38.32 -14.11 -16.64
N LEU B 49 -37.58 -13.87 -15.55
CA LEU B 49 -36.33 -13.15 -15.66
C LEU B 49 -35.48 -13.74 -16.78
N LEU B 50 -35.12 -15.02 -16.64
CA LEU B 50 -34.26 -15.65 -17.62
C LEU B 50 -34.85 -15.48 -19.02
N LEU B 51 -36.15 -15.71 -19.15
CA LEU B 51 -36.78 -15.54 -20.46
C LEU B 51 -36.41 -14.18 -21.04
N GLN B 52 -36.78 -13.11 -20.33
CA GLN B 52 -36.45 -11.78 -20.83
C GLN B 52 -34.95 -11.65 -21.04
N TYR B 53 -34.16 -12.14 -20.08
CA TYR B 53 -32.72 -12.10 -20.23
C TYR B 53 -32.30 -12.72 -21.55
N GLY B 54 -32.79 -13.93 -21.83
CA GLY B 54 -32.45 -14.56 -23.09
C GLY B 54 -32.88 -13.70 -24.26
N MET B 55 -34.08 -13.14 -24.20
CA MET B 55 -34.57 -12.31 -25.29
C MET B 55 -33.65 -11.11 -25.51
N MET B 56 -33.01 -10.62 -24.45
CA MET B 56 -32.03 -9.57 -24.62
C MET B 56 -30.76 -10.10 -25.28
N ALA B 57 -30.27 -11.25 -24.81
CA ALA B 57 -29.06 -11.82 -25.38
C ALA B 57 -29.23 -12.05 -26.88
N VAL B 58 -30.35 -12.63 -27.27
CA VAL B 58 -30.64 -12.82 -28.69
C VAL B 58 -30.55 -11.48 -29.41
N ASN B 59 -31.13 -10.43 -28.83
CA ASN B 59 -31.09 -9.13 -29.47
C ASN B 59 -29.66 -8.67 -29.69
N LEU B 60 -28.77 -8.97 -28.75
CA LEU B 60 -27.38 -8.55 -28.89
C LEU B 60 -26.69 -9.26 -30.04
N MET B 61 -27.18 -10.43 -30.46
CA MET B 61 -26.49 -11.19 -31.50
C MET B 61 -26.59 -10.50 -32.85
N MET B 62 -27.80 -10.11 -33.26
CA MET B 62 -27.98 -9.46 -34.55
C MET B 62 -27.75 -7.96 -34.49
N GLU B 63 -27.49 -7.41 -33.31
CA GLU B 63 -27.07 -6.02 -33.15
C GLU B 63 -25.57 -5.89 -32.98
N SER B 64 -24.82 -6.92 -33.38
CA SER B 64 -23.38 -6.95 -33.19
C SER B 64 -22.60 -6.43 -34.39
N ASP B 65 -23.29 -6.03 -35.47
CA ASP B 65 -22.57 -5.51 -36.64
C ASP B 65 -21.82 -4.23 -36.29
N ASP B 66 -22.43 -3.35 -35.50
CA ASP B 66 -21.79 -2.13 -35.05
C ASP B 66 -21.24 -2.31 -33.64
N VAL B 67 -20.43 -1.34 -33.21
CA VAL B 67 -19.70 -1.45 -31.94
C VAL B 67 -20.38 -0.62 -30.86
N ASP B 68 -20.99 0.50 -31.25
CA ASP B 68 -21.65 1.35 -30.26
C ASP B 68 -22.86 0.63 -29.67
N ASP B 69 -23.73 0.09 -30.51
CA ASP B 69 -24.87 -0.66 -30.01
C ASP B 69 -24.41 -1.93 -29.29
N LEU B 70 -23.29 -2.51 -29.73
CA LEU B 70 -22.74 -3.66 -29.00
C LEU B 70 -22.36 -3.27 -27.58
N THR B 71 -21.73 -2.11 -27.40
CA THR B 71 -21.36 -1.66 -26.07
C THR B 71 -22.59 -1.36 -25.23
N ALA B 72 -23.58 -0.69 -25.82
CA ALA B 72 -24.80 -0.39 -25.08
C ALA B 72 -25.48 -1.68 -24.61
N ASN B 73 -25.60 -2.65 -25.52
CA ASN B 73 -26.22 -3.91 -25.18
C ASN B 73 -25.43 -4.65 -24.11
N THR B 74 -24.10 -4.61 -24.20
CA THR B 74 -23.29 -5.27 -23.18
C THR B 74 -23.49 -4.64 -21.82
N ILE B 75 -23.61 -3.31 -21.77
CA ILE B 75 -23.82 -2.64 -20.49
C ILE B 75 -25.16 -3.03 -19.90
N THR B 76 -26.21 -3.05 -20.73
CA THR B 76 -27.51 -3.49 -20.24
C THR B 76 -27.44 -4.92 -19.75
N MET B 77 -26.76 -5.79 -20.50
CA MET B 77 -26.68 -7.20 -20.15
C MET B 77 -25.99 -7.40 -18.82
N LEU B 78 -24.91 -6.65 -18.55
CA LEU B 78 -24.23 -6.81 -17.26
C LEU B 78 -25.07 -6.22 -16.12
N PHE B 79 -25.67 -5.05 -16.35
CA PHE B 79 -26.55 -4.46 -15.36
C PHE B 79 -27.62 -5.46 -14.92
N PHE B 80 -28.23 -6.14 -15.88
CA PHE B 80 -29.27 -7.12 -15.58
C PHE B 80 -28.71 -8.49 -15.25
N LEU B 81 -27.42 -8.71 -15.45
CA LEU B 81 -26.77 -9.92 -14.96
C LEU B 81 -26.64 -9.90 -13.46
N HIS B 82 -26.42 -8.72 -12.89
CA HIS B 82 -26.30 -8.63 -11.44
C HIS B 82 -27.46 -9.30 -10.69
N PRO B 83 -28.72 -8.99 -10.98
CA PRO B 83 -29.83 -9.67 -10.28
C PRO B 83 -29.82 -11.17 -10.44
N ILE B 84 -29.51 -11.68 -11.63
CA ILE B 84 -29.53 -13.12 -11.86
C ILE B 84 -28.49 -13.80 -11.00
N VAL B 85 -27.28 -13.24 -10.97
CA VAL B 85 -26.22 -13.81 -10.15
C VAL B 85 -26.64 -13.82 -8.69
N LYS B 86 -27.20 -12.72 -8.21
CA LYS B 86 -27.64 -12.67 -6.81
C LYS B 86 -28.72 -13.71 -6.52
N MET B 87 -29.69 -13.80 -7.43
CA MET B 87 -30.84 -14.70 -7.26
C MET B 87 -30.39 -16.15 -7.18
N ILE B 88 -29.51 -16.56 -8.10
CA ILE B 88 -29.03 -17.94 -8.10
C ILE B 88 -28.05 -18.15 -6.96
N TYR B 89 -27.33 -17.10 -6.56
CA TYR B 89 -26.29 -17.25 -5.55
C TYR B 89 -26.86 -17.48 -4.17
N PHE B 90 -28.00 -16.87 -3.85
CA PHE B 90 -28.56 -17.09 -2.51
C PHE B 90 -28.88 -18.55 -2.25
N PRO B 91 -29.69 -19.23 -3.06
CA PRO B 91 -30.12 -20.59 -2.68
C PRO B 91 -28.97 -21.57 -2.49
N VAL B 92 -27.93 -21.49 -3.32
CA VAL B 92 -26.83 -22.44 -3.19
C VAL B 92 -26.11 -22.24 -1.86
N ARG B 93 -25.97 -20.98 -1.43
CA ARG B 93 -25.35 -20.63 -0.17
C ARG B 93 -26.35 -20.40 0.96
N SER B 94 -27.61 -20.77 0.76
CA SER B 94 -28.64 -20.44 1.73
C SER B 94 -28.33 -20.99 3.12
N LYS B 95 -27.55 -22.07 3.20
CA LYS B 95 -27.27 -22.67 4.49
C LYS B 95 -26.43 -21.75 5.37
N ILE B 96 -25.40 -21.12 4.80
CA ILE B 96 -24.60 -20.18 5.57
C ILE B 96 -25.42 -18.95 5.93
N PHE B 97 -26.29 -18.51 5.03
CA PHE B 97 -27.16 -17.38 5.33
C PHE B 97 -28.03 -17.68 6.55
N TYR B 98 -28.67 -18.85 6.55
CA TYR B 98 -29.49 -19.22 7.71
C TYR B 98 -28.65 -19.41 8.96
N LYS B 99 -27.40 -19.83 8.80
CA LYS B 99 -26.50 -19.91 9.95
C LYS B 99 -26.21 -18.53 10.52
N THR B 100 -26.05 -17.54 9.65
CA THR B 100 -25.78 -16.17 10.10
C THR B 100 -26.99 -15.59 10.83
N LEU B 101 -28.17 -15.70 10.22
CA LEU B 101 -29.36 -15.07 10.78
C LEU B 101 -29.75 -15.65 12.13
N ALA B 102 -29.20 -16.82 12.50
CA ALA B 102 -29.47 -17.42 13.80
C ALA B 102 -28.31 -17.25 14.76
N ILE B 103 -27.38 -16.35 14.47
CA ILE B 103 -26.20 -16.19 15.31
C ILE B 103 -26.56 -15.53 16.64
N TRP B 104 -27.42 -14.51 16.61
CA TRP B 104 -27.74 -13.72 17.79
C TRP B 104 -28.98 -14.20 18.51
N ASN B 105 -29.32 -15.49 18.40
CA ASN B 105 -30.53 -15.99 19.02
C ASN B 105 -30.40 -16.04 20.54
N ASN B 106 -29.21 -16.34 21.04
CA ASN B 106 -28.97 -16.49 22.48
C ASN B 106 -27.74 -15.68 22.86
N PRO B 107 -27.88 -14.39 23.11
CA PRO B 107 -26.74 -13.55 23.44
C PRO B 107 -26.51 -13.48 24.95
N ASN B 108 -25.40 -12.84 25.32
CA ASN B 108 -25.04 -12.65 26.71
C ASN B 108 -25.93 -11.61 27.36
N SER B 109 -25.85 -11.51 28.69
CA SER B 109 -26.61 -10.53 29.42
C SER B 109 -26.00 -10.32 30.79
N HIS B 110 -25.94 -9.06 31.23
CA HIS B 110 -25.51 -8.71 32.57
C HIS B 110 -26.54 -7.75 33.17
N PRO B 111 -26.80 -7.83 34.48
CA PRO B 111 -27.77 -6.91 35.07
C PRO B 111 -27.42 -5.44 34.91
N LEU B 112 -26.13 -5.10 34.97
CA LEU B 112 -25.75 -3.69 34.95
C LEU B 112 -25.71 -3.10 33.54
N PHE B 113 -25.47 -3.93 32.53
CA PHE B 113 -25.28 -3.45 31.17
C PHE B 113 -26.50 -3.72 30.28
N ALA B 114 -27.67 -3.93 30.88
CA ALA B 114 -28.87 -4.23 30.11
C ALA B 114 -29.42 -2.98 29.42
N GLU B 115 -29.39 -1.84 30.09
CA GLU B 115 -30.00 -0.63 29.54
C GLU B 115 -29.30 -0.21 28.25
N SER B 116 -27.97 -0.22 28.24
CA SER B 116 -27.25 0.14 27.04
C SER B 116 -27.52 -0.86 25.92
N ASN B 117 -27.61 -2.14 26.27
CA ASN B 117 -27.92 -3.16 25.27
C ASN B 117 -29.26 -2.87 24.61
N ALA B 118 -30.28 -2.59 25.42
CA ALA B 118 -31.59 -2.27 24.86
C ALA B 118 -31.54 -1.03 23.99
N ARG B 119 -30.87 0.02 24.46
CA ARG B 119 -30.83 1.27 23.71
C ARG B 119 -30.18 1.07 22.35
N PHE B 120 -29.03 0.38 22.32
CA PHE B 120 -28.32 0.24 21.06
C PHE B 120 -28.96 -0.80 20.15
N HIS B 121 -29.64 -1.80 20.71
CA HIS B 121 -30.46 -2.68 19.90
C HIS B 121 -31.56 -1.91 19.19
N ALA B 122 -32.26 -1.06 19.94
CA ALA B 122 -33.32 -0.26 19.32
C ALA B 122 -32.75 0.66 18.24
N LEU B 123 -31.62 1.28 18.52
CA LEU B 123 -31.00 2.16 17.53
C LEU B 123 -30.61 1.39 16.27
N ALA B 124 -30.09 0.17 16.44
CA ALA B 124 -29.75 -0.65 15.28
C ALA B 124 -30.99 -0.95 14.46
N ILE B 125 -32.09 -1.29 15.12
CA ILE B 125 -33.32 -1.60 14.39
C ILE B 125 -33.78 -0.38 13.60
N THR B 126 -33.77 0.80 14.24
CA THR B 126 -34.24 2.00 13.56
C THR B 126 -33.36 2.31 12.35
N LYS B 127 -32.04 2.17 12.49
CA LYS B 127 -31.16 2.46 11.36
C LYS B 127 -31.35 1.45 10.24
N MET B 128 -31.60 0.18 10.59
CA MET B 128 -31.87 -0.83 9.57
C MET B 128 -33.11 -0.48 8.76
N ARG B 129 -34.19 -0.10 9.45
CA ARG B 129 -35.40 0.28 8.75
C ARG B 129 -35.16 1.51 7.88
N ARG B 130 -34.42 2.49 8.39
CA ARG B 130 -34.11 3.67 7.61
C ARG B 130 -33.37 3.31 6.33
N LEU B 131 -32.37 2.44 6.44
CA LEU B 131 -31.59 2.03 5.26
C LEU B 131 -32.48 1.28 4.26
N LEU B 132 -33.32 0.38 4.75
CA LEU B 132 -34.23 -0.34 3.87
C LEU B 132 -35.11 0.62 3.10
N PHE B 133 -35.72 1.57 3.80
CA PHE B 133 -36.62 2.51 3.13
C PHE B 133 -35.86 3.38 2.12
N CYS B 134 -34.66 3.82 2.47
CA CYS B 134 -33.89 4.64 1.55
C CYS B 134 -33.57 3.88 0.27
N VAL B 135 -33.12 2.64 0.40
CA VAL B 135 -32.75 1.88 -0.80
C VAL B 135 -33.99 1.55 -1.62
N ALA B 136 -35.11 1.24 -0.96
CA ALA B 136 -36.34 0.99 -1.70
C ALA B 136 -36.76 2.21 -2.49
N GLY B 137 -36.70 3.39 -1.87
CA GLY B 137 -37.01 4.61 -2.59
C GLY B 137 -36.07 4.83 -3.76
N ALA B 138 -34.78 4.52 -3.57
CA ALA B 138 -33.83 4.69 -4.65
C ALA B 138 -34.16 3.78 -5.84
N THR B 139 -34.52 2.53 -5.56
CA THR B 139 -34.88 1.61 -6.66
C THR B 139 -36.15 2.09 -7.37
N ILE B 140 -37.14 2.55 -6.60
CA ILE B 140 -38.37 3.02 -7.22
C ILE B 140 -38.08 4.23 -8.11
N PHE B 141 -37.25 5.15 -7.62
CA PHE B 141 -36.87 6.30 -8.43
C PHE B 141 -36.15 5.84 -9.69
N SER B 142 -35.29 4.82 -9.57
CA SER B 142 -34.55 4.33 -10.72
C SER B 142 -35.49 3.80 -11.80
N VAL B 143 -36.47 3.00 -11.40
CA VAL B 143 -37.36 2.41 -12.39
C VAL B 143 -38.25 3.49 -13.02
N ILE B 144 -38.71 4.44 -12.21
CA ILE B 144 -39.54 5.52 -12.74
C ILE B 144 -38.75 6.35 -13.74
N SER B 145 -37.50 6.68 -13.40
CA SER B 145 -36.66 7.43 -14.32
C SER B 145 -36.43 6.65 -15.61
N TRP B 146 -36.18 5.35 -15.50
CA TRP B 146 -35.99 4.53 -16.70
C TRP B 146 -37.20 4.64 -17.62
N THR B 147 -38.39 4.42 -17.06
CA THR B 147 -39.60 4.47 -17.88
C THR B 147 -39.78 5.85 -18.51
N GLY B 148 -39.61 6.90 -17.72
CA GLY B 148 -39.80 8.24 -18.26
C GLY B 148 -38.84 8.56 -19.38
N ILE B 149 -37.55 8.29 -19.17
CA ILE B 149 -36.54 8.57 -20.19
C ILE B 149 -36.85 7.79 -21.45
N THR B 150 -37.26 6.53 -21.30
CA THR B 150 -37.61 5.74 -22.47
C THR B 150 -38.78 6.36 -23.22
N PHE B 151 -39.70 6.99 -22.50
CA PHE B 151 -40.87 7.55 -23.17
C PHE B 151 -40.55 8.87 -23.87
N ILE B 152 -39.74 9.74 -23.28
CA ILE B 152 -39.45 11.02 -23.92
C ILE B 152 -38.58 10.83 -25.16
N GLU B 153 -37.61 9.92 -25.11
CA GLU B 153 -36.66 9.77 -26.20
C GLU B 153 -37.38 9.38 -27.49
N ASP B 154 -36.63 9.42 -28.58
CA ASP B 154 -37.12 9.05 -29.90
C ASP B 154 -36.64 7.65 -30.22
N SER B 155 -37.57 6.73 -30.49
CA SER B 155 -37.25 5.34 -30.78
C SER B 155 -36.93 5.22 -32.26
N VAL B 156 -35.66 5.45 -32.60
CA VAL B 156 -35.18 5.30 -33.96
C VAL B 156 -33.75 4.81 -33.91
N LYS B 157 -33.39 3.91 -34.83
CA LYS B 157 -32.08 3.30 -34.86
C LYS B 157 -31.39 3.66 -36.17
N ARG B 158 -30.10 4.00 -36.09
CA ARG B 158 -29.37 4.45 -37.26
C ARG B 158 -29.18 3.33 -38.28
N ILE B 159 -29.11 3.72 -39.55
CA ILE B 159 -28.86 2.77 -40.63
C ILE B 159 -28.01 3.44 -41.71
N THR B 168 -29.96 5.81 -43.42
CA THR B 168 -31.39 6.08 -43.44
C THR B 168 -31.97 6.06 -42.04
N ILE B 169 -33.28 6.28 -41.94
CA ILE B 169 -33.98 6.31 -40.66
C ILE B 169 -34.89 5.10 -40.55
N ILE B 170 -34.82 4.40 -39.43
CA ILE B 170 -35.63 3.20 -39.21
C ILE B 170 -36.24 3.25 -37.82
N PRO B 171 -37.56 3.20 -37.70
CA PRO B 171 -38.21 3.28 -36.38
C PRO B 171 -38.12 1.97 -35.64
N ILE B 172 -37.29 1.92 -34.60
CA ILE B 172 -37.19 0.77 -33.72
C ILE B 172 -38.40 0.80 -32.78
N PRO B 173 -38.89 -0.35 -32.30
CA PRO B 173 -40.01 -0.32 -31.36
C PRO B 173 -39.67 0.52 -30.13
N ARG B 174 -40.66 1.29 -29.67
CA ARG B 174 -40.51 2.16 -28.51
C ARG B 174 -40.62 1.32 -27.25
N LEU B 175 -39.50 0.74 -26.84
CA LEU B 175 -39.45 -0.14 -25.67
C LEU B 175 -38.44 0.38 -24.67
N MET B 176 -38.64 -0.01 -23.41
CA MET B 176 -37.77 0.44 -22.34
C MET B 176 -36.45 -0.31 -22.31
N ILE B 177 -36.43 -1.55 -22.81
CA ILE B 177 -35.20 -2.32 -23.00
C ILE B 177 -35.21 -2.89 -24.41
N ARG B 178 -34.13 -2.68 -25.14
CA ARG B 178 -34.00 -3.29 -26.45
C ARG B 178 -34.06 -4.81 -26.31
N THR B 179 -34.88 -5.43 -27.14
CA THR B 179 -35.12 -6.86 -26.99
C THR B 179 -35.78 -7.38 -28.26
N PHE B 180 -35.55 -8.66 -28.55
CA PHE B 180 -36.13 -9.33 -29.71
C PHE B 180 -37.35 -10.12 -29.25
N TYR B 181 -38.49 -9.82 -29.85
CA TYR B 181 -39.75 -10.48 -29.50
C TYR B 181 -40.38 -11.09 -30.74
N PRO B 182 -40.92 -12.32 -30.63
CA PRO B 182 -41.66 -12.87 -31.76
C PRO B 182 -42.87 -12.03 -32.15
N PHE B 183 -43.41 -11.26 -31.22
CA PHE B 183 -44.61 -10.47 -31.52
C PHE B 183 -44.28 -9.38 -32.53
N ASN B 184 -45.32 -8.64 -32.92
CA ASN B 184 -45.11 -7.48 -33.78
C ASN B 184 -44.30 -6.41 -33.05
N ALA B 185 -44.60 -6.18 -31.78
CA ALA B 185 -43.91 -5.21 -30.92
C ALA B 185 -44.05 -3.79 -31.43
N MET B 186 -44.94 -3.54 -32.39
CA MET B 186 -45.20 -2.20 -32.92
C MET B 186 -46.66 -1.81 -32.82
N SER B 187 -47.58 -2.75 -33.05
CA SER B 187 -49.00 -2.49 -32.90
C SER B 187 -49.36 -2.55 -31.42
N GLY B 188 -50.66 -2.58 -31.11
CA GLY B 188 -51.10 -2.48 -29.74
C GLY B 188 -50.68 -3.63 -28.85
N ALA B 189 -51.26 -4.80 -29.06
CA ALA B 189 -51.14 -5.90 -28.08
C ALA B 189 -49.68 -6.16 -27.74
N GLY B 190 -48.84 -6.30 -28.76
CA GLY B 190 -47.43 -6.55 -28.51
C GLY B 190 -46.78 -5.44 -27.72
N HIS B 191 -47.06 -4.19 -28.09
CA HIS B 191 -46.46 -3.05 -27.41
C HIS B 191 -46.85 -3.04 -25.93
N VAL B 192 -48.13 -3.21 -25.64
CA VAL B 192 -48.58 -3.17 -24.25
C VAL B 192 -47.97 -4.33 -23.46
N PHE B 193 -48.00 -5.54 -24.03
CA PHE B 193 -47.47 -6.67 -23.30
C PHE B 193 -45.98 -6.49 -23.02
N ALA B 194 -45.23 -6.02 -24.03
CA ALA B 194 -43.80 -5.80 -23.83
C ALA B 194 -43.55 -4.74 -22.77
N LEU B 195 -44.34 -3.66 -22.77
CA LEU B 195 -44.14 -2.60 -21.78
C LEU B 195 -44.37 -3.13 -20.37
N ILE B 196 -45.49 -3.84 -20.16
CA ILE B 196 -45.77 -4.36 -18.82
C ILE B 196 -44.71 -5.38 -18.41
N TYR B 197 -44.33 -6.27 -19.33
CA TYR B 197 -43.34 -7.28 -19.00
C TYR B 197 -42.00 -6.65 -18.63
N GLN B 198 -41.57 -5.64 -19.38
CA GLN B 198 -40.30 -5.00 -19.08
C GLN B 198 -40.36 -4.22 -17.77
N PHE B 199 -41.49 -3.58 -17.48
CA PHE B 199 -41.64 -2.91 -16.19
C PHE B 199 -41.52 -3.91 -15.05
N TYR B 200 -42.20 -5.04 -15.15
CA TYR B 200 -42.10 -6.06 -14.12
C TYR B 200 -40.67 -6.57 -13.99
N TYR B 201 -40.00 -6.78 -15.13
CA TYR B 201 -38.62 -7.26 -15.10
C TYR B 201 -37.71 -6.29 -14.37
N LEU B 202 -37.80 -5.00 -14.69
CA LEU B 202 -36.98 -4.01 -14.02
C LEU B 202 -37.25 -4.01 -12.53
N VAL B 203 -38.53 -3.96 -12.14
CA VAL B 203 -38.86 -3.87 -10.73
C VAL B 203 -38.27 -5.07 -9.99
N ILE B 204 -38.47 -6.28 -10.53
CA ILE B 204 -38.04 -7.47 -9.81
C ILE B 204 -36.53 -7.58 -9.77
N SER B 205 -35.84 -7.26 -10.87
CA SER B 205 -34.38 -7.33 -10.89
C SER B 205 -33.77 -6.38 -9.88
N MET B 206 -34.17 -5.11 -9.93
CA MET B 206 -33.63 -4.14 -8.98
C MET B 206 -33.95 -4.54 -7.55
N ALA B 207 -35.19 -5.00 -7.31
CA ALA B 207 -35.56 -5.39 -5.95
C ALA B 207 -34.72 -6.56 -5.46
N VAL B 208 -34.48 -7.56 -6.31
CA VAL B 208 -33.68 -8.71 -5.92
C VAL B 208 -32.27 -8.27 -5.52
N SER B 209 -31.58 -7.60 -6.44
CA SER B 209 -30.20 -7.19 -6.18
C SER B 209 -30.11 -6.33 -4.92
N ASN B 210 -30.95 -5.29 -4.85
CA ASN B 210 -30.84 -4.33 -3.76
C ASN B 210 -31.30 -4.93 -2.44
N SER B 211 -32.23 -5.88 -2.46
CA SER B 211 -32.60 -6.55 -1.22
C SER B 211 -31.45 -7.34 -0.65
N LEU B 212 -30.73 -8.09 -1.50
CA LEU B 212 -29.58 -8.82 -0.97
C LEU B 212 -28.52 -7.87 -0.43
N ASP B 213 -28.24 -6.80 -1.17
CA ASP B 213 -27.25 -5.82 -0.71
C ASP B 213 -27.67 -5.21 0.63
N VAL B 214 -28.95 -4.86 0.77
CA VAL B 214 -29.41 -4.23 1.99
C VAL B 214 -29.33 -5.20 3.16
N LEU B 215 -29.57 -6.49 2.92
CA LEU B 215 -29.40 -7.45 4.01
C LEU B 215 -27.96 -7.50 4.49
N PHE B 216 -27.02 -7.50 3.54
CA PHE B 216 -25.61 -7.44 3.92
C PHE B 216 -25.33 -6.21 4.79
N CYS B 217 -25.75 -5.04 4.30
CA CYS B 217 -25.49 -3.80 5.01
C CYS B 217 -26.16 -3.76 6.37
N SER B 218 -27.33 -4.41 6.51
CA SER B 218 -28.01 -4.43 7.79
C SER B 218 -27.28 -5.31 8.80
N TRP B 219 -26.71 -6.43 8.34
CA TRP B 219 -25.83 -7.20 9.20
C TRP B 219 -24.71 -6.33 9.73
N LEU B 220 -24.08 -5.58 8.82
CA LEU B 220 -22.97 -4.72 9.24
C LEU B 220 -23.44 -3.67 10.24
N LEU B 221 -24.62 -3.08 10.01
CA LEU B 221 -25.17 -2.08 10.92
C LEU B 221 -25.35 -2.67 12.32
N PHE B 222 -25.89 -3.88 12.41
CA PHE B 222 -26.06 -4.50 13.71
C PHE B 222 -24.73 -4.68 14.41
N ALA B 223 -23.72 -5.13 13.67
CA ALA B 223 -22.40 -5.32 14.29
C ALA B 223 -21.86 -3.99 14.82
N CYS B 224 -21.99 -2.92 14.02
CA CYS B 224 -21.47 -1.63 14.44
C CYS B 224 -22.18 -1.11 15.69
N GLU B 225 -23.51 -1.27 15.76
CA GLU B 225 -24.22 -0.82 16.95
C GLU B 225 -23.82 -1.63 18.17
N GLN B 226 -23.53 -2.92 17.99
CA GLN B 226 -23.06 -3.71 19.13
C GLN B 226 -21.69 -3.25 19.59
N LEU B 227 -20.83 -2.85 18.65
CA LEU B 227 -19.54 -2.28 19.04
C LEU B 227 -19.72 -0.99 19.84
N GLN B 228 -20.64 -0.12 19.39
CA GLN B 228 -20.95 1.09 20.14
C GLN B 228 -21.42 0.75 21.55
N HIS B 229 -22.27 -0.26 21.70
CA HIS B 229 -22.69 -0.66 23.03
C HIS B 229 -21.51 -1.09 23.87
N LEU B 230 -20.57 -1.83 23.27
CA LEU B 230 -19.42 -2.31 24.02
C LEU B 230 -18.59 -1.14 24.54
N LYS B 231 -18.36 -0.12 23.71
CA LYS B 231 -17.61 1.05 24.17
C LYS B 231 -18.36 1.81 25.27
N ALA B 232 -19.66 2.03 25.06
CA ALA B 232 -20.44 2.78 26.04
C ALA B 232 -20.40 2.11 27.39
N ILE B 233 -20.44 0.78 27.44
CA ILE B 233 -20.34 0.11 28.73
C ILE B 233 -18.90 -0.07 29.17
N MET B 234 -17.94 0.06 28.24
CA MET B 234 -16.54 0.08 28.64
C MET B 234 -16.28 1.22 29.60
N LYS B 235 -16.87 2.37 29.32
CA LYS B 235 -16.62 3.53 30.19
C LYS B 235 -16.93 3.25 31.66
N PRO B 236 -18.11 2.73 32.05
CA PRO B 236 -18.37 2.49 33.48
C PRO B 236 -17.86 1.16 34.03
N LEU B 237 -17.37 0.25 33.19
CA LEU B 237 -16.84 -1.00 33.70
C LEU B 237 -15.65 -0.75 34.63
N MET B 238 -14.74 0.14 34.21
CA MET B 238 -13.60 0.47 35.06
C MET B 238 -14.06 1.12 36.36
N GLU B 239 -14.98 2.08 36.27
CA GLU B 239 -15.53 2.69 37.48
C GLU B 239 -16.03 1.62 38.44
N LEU B 240 -16.69 0.59 37.91
CA LEU B 240 -17.08 -0.54 38.74
C LEU B 240 -15.86 -1.22 39.36
N SER B 241 -14.81 -1.42 38.55
CA SER B 241 -13.62 -2.10 39.05
C SER B 241 -12.88 -1.25 40.08
N ALA B 242 -12.76 0.04 39.82
CA ALA B 242 -11.97 0.92 40.67
C ALA B 242 -12.69 1.17 42.00
N THR B 243 -12.04 0.81 43.10
CA THR B 243 -12.63 0.99 44.42
C THR B 243 -11.70 0.44 45.50
N GLY B 313 -8.14 -2.40 46.49
CA GLY B 313 -9.03 -2.01 47.56
C GLY B 313 -10.46 -2.49 47.35
N LEU B 314 -10.59 -3.76 46.98
CA LEU B 314 -11.89 -4.37 46.73
C LEU B 314 -12.14 -5.51 47.72
N THR B 315 -13.41 -5.86 47.88
CA THR B 315 -13.82 -7.00 48.68
C THR B 315 -14.11 -8.18 47.77
N LYS B 316 -14.39 -9.34 48.38
CA LYS B 316 -14.62 -10.55 47.59
C LYS B 316 -15.79 -10.38 46.65
N LYS B 317 -16.91 -9.84 47.16
CA LYS B 317 -18.10 -9.68 46.32
C LYS B 317 -17.83 -8.72 45.17
N GLN B 318 -17.11 -7.62 45.43
CA GLN B 318 -16.77 -6.69 44.37
C GLN B 318 -15.82 -7.34 43.36
N GLU B 319 -14.92 -8.20 43.83
CA GLU B 319 -14.05 -8.94 42.93
C GLU B 319 -14.89 -9.82 42.00
N MET B 320 -15.87 -10.53 42.55
CA MET B 320 -16.75 -11.35 41.72
C MET B 320 -17.52 -10.50 40.74
N LEU B 321 -18.00 -9.33 41.18
CA LEU B 321 -18.79 -8.48 40.31
C LEU B 321 -17.95 -7.97 39.13
N VAL B 322 -16.72 -7.53 39.40
CA VAL B 322 -15.88 -7.05 38.32
C VAL B 322 -15.47 -8.21 37.41
N ARG B 323 -15.27 -9.39 37.97
CA ARG B 323 -14.98 -10.56 37.13
C ARG B 323 -16.14 -10.84 36.18
N SER B 324 -17.37 -10.77 36.70
CA SER B 324 -18.54 -11.00 35.86
C SER B 324 -18.67 -9.92 34.79
N ALA B 325 -18.36 -8.67 35.13
CA ALA B 325 -18.42 -7.61 34.14
C ALA B 325 -17.39 -7.84 33.03
N ILE B 326 -16.17 -8.24 33.41
CA ILE B 326 -15.14 -8.51 32.41
C ILE B 326 -15.54 -9.68 31.54
N LYS B 327 -16.10 -10.72 32.14
CA LYS B 327 -16.60 -11.86 31.38
C LYS B 327 -17.65 -11.42 30.37
N TYR B 328 -18.62 -10.61 30.81
CA TYR B 328 -19.64 -10.12 29.90
C TYR B 328 -19.02 -9.35 28.74
N TRP B 329 -18.12 -8.42 29.04
CA TRP B 329 -17.52 -7.61 27.99
C TRP B 329 -16.79 -8.49 26.98
N VAL B 330 -15.95 -9.40 27.46
CA VAL B 330 -15.14 -10.21 26.57
C VAL B 330 -16.02 -11.11 25.72
N GLU B 331 -17.00 -11.75 26.33
CA GLU B 331 -17.85 -12.69 25.60
C GLU B 331 -18.71 -11.96 24.56
N ARG B 332 -19.21 -10.77 24.89
CA ARG B 332 -19.95 -10.00 23.90
C ARG B 332 -19.05 -9.57 22.74
N HIS B 333 -17.81 -9.18 23.05
CA HIS B 333 -16.89 -8.83 21.97
C HIS B 333 -16.65 -10.03 21.05
N LYS B 334 -16.45 -11.21 21.66
CA LYS B 334 -16.24 -12.42 20.86
C LYS B 334 -17.47 -12.74 20.02
N HIS B 335 -18.67 -12.52 20.58
CA HIS B 335 -19.89 -12.74 19.82
C HIS B 335 -19.96 -11.81 18.62
N VAL B 336 -19.59 -10.55 18.79
CA VAL B 336 -19.58 -9.62 17.66
C VAL B 336 -18.58 -10.09 16.61
N VAL B 337 -17.43 -10.62 17.05
CA VAL B 337 -16.44 -11.12 16.10
C VAL B 337 -17.01 -12.31 15.33
N ARG B 338 -17.70 -13.21 16.02
CA ARG B 338 -18.35 -14.34 15.37
C ARG B 338 -19.33 -13.88 14.31
N LEU B 339 -20.16 -12.90 14.65
CA LEU B 339 -21.13 -12.38 13.69
C LEU B 339 -20.41 -11.80 12.48
N VAL B 340 -19.31 -11.08 12.69
CA VAL B 340 -18.61 -10.48 11.57
C VAL B 340 -18.01 -11.57 10.67
N THR B 341 -17.43 -12.62 11.27
CA THR B 341 -16.87 -13.68 10.46
C THR B 341 -17.95 -14.40 9.67
N ALA B 342 -19.10 -14.65 10.29
CA ALA B 342 -20.20 -15.29 9.58
C ALA B 342 -20.68 -14.43 8.43
N VAL B 343 -20.76 -13.11 8.64
CA VAL B 343 -21.19 -12.21 7.57
C VAL B 343 -20.17 -12.23 6.44
N GLY B 344 -18.88 -12.35 6.77
CA GLY B 344 -17.87 -12.45 5.74
C GLY B 344 -17.99 -13.73 4.94
N ASP B 345 -18.24 -14.85 5.63
CA ASP B 345 -18.43 -16.12 4.94
C ASP B 345 -19.63 -16.06 4.01
N ALA B 346 -20.77 -15.59 4.51
CA ALA B 346 -22.00 -15.65 3.74
C ALA B 346 -21.90 -14.81 2.47
N TYR B 347 -21.50 -13.55 2.60
CA TYR B 347 -21.49 -12.61 1.50
C TYR B 347 -20.09 -12.34 0.96
N GLY B 348 -19.10 -13.15 1.34
CA GLY B 348 -17.75 -12.90 0.85
C GLY B 348 -17.64 -13.05 -0.66
N VAL B 349 -18.21 -14.12 -1.21
CA VAL B 349 -18.04 -14.39 -2.63
C VAL B 349 -18.97 -13.55 -3.47
N ALA B 350 -20.08 -13.06 -2.90
CA ALA B 350 -21.01 -12.24 -3.66
C ALA B 350 -20.36 -10.91 -4.03
N LEU B 351 -19.59 -10.33 -3.12
CA LEU B 351 -18.90 -9.08 -3.41
C LEU B 351 -17.87 -9.25 -4.51
N LEU B 352 -17.17 -10.38 -4.52
CA LEU B 352 -16.18 -10.64 -5.55
C LEU B 352 -16.83 -10.65 -6.94
N LEU B 353 -17.94 -11.38 -7.09
CA LEU B 353 -18.64 -11.41 -8.37
C LEU B 353 -19.22 -10.04 -8.71
N HIS B 354 -19.73 -9.34 -7.71
CA HIS B 354 -20.27 -8.00 -7.94
C HIS B 354 -19.22 -7.08 -8.55
N MET B 355 -18.03 -7.05 -7.95
CA MET B 355 -16.97 -6.18 -8.46
C MET B 355 -16.42 -6.70 -9.78
N LEU B 356 -16.40 -8.01 -9.98
CA LEU B 356 -15.98 -8.55 -11.28
C LEU B 356 -16.88 -8.05 -12.39
N THR B 357 -18.20 -8.05 -12.16
CA THR B 357 -19.11 -7.54 -13.17
C THR B 357 -18.98 -6.02 -13.30
N THR B 358 -18.83 -5.32 -12.16
CA THR B 358 -18.73 -3.87 -12.20
C THR B 358 -17.56 -3.43 -13.07
N THR B 359 -16.35 -3.94 -12.78
CA THR B 359 -15.18 -3.55 -13.56
C THR B 359 -15.48 -3.47 -15.06
N ILE B 360 -16.04 -4.54 -15.63
CA ILE B 360 -16.37 -4.55 -17.05
C ILE B 360 -17.42 -3.48 -17.35
N THR B 361 -18.43 -3.37 -16.50
CA THR B 361 -19.48 -2.40 -16.74
C THR B 361 -18.91 -0.98 -16.81
N LEU B 362 -18.03 -0.65 -15.87
CA LEU B 362 -17.46 0.69 -15.79
C LEU B 362 -16.50 0.95 -16.95
N THR B 363 -15.76 -0.06 -17.40
CA THR B 363 -14.93 0.12 -18.59
C THR B 363 -15.79 0.48 -19.80
N LEU B 364 -16.84 -0.31 -20.04
CA LEU B 364 -17.73 -0.03 -21.16
C LEU B 364 -18.40 1.33 -20.99
N LEU B 365 -18.73 1.70 -19.75
CA LEU B 365 -19.38 2.99 -19.51
C LEU B 365 -18.43 4.15 -19.75
N ALA B 366 -17.15 3.98 -19.41
CA ALA B 366 -16.17 5.02 -19.72
C ALA B 366 -16.09 5.23 -21.22
N TYR B 367 -16.03 4.14 -21.98
CA TYR B 367 -16.04 4.31 -23.43
C TYR B 367 -17.31 5.01 -23.89
N GLN B 368 -18.45 4.66 -23.30
CA GLN B 368 -19.71 5.27 -23.70
C GLN B 368 -19.72 6.77 -23.41
N ALA B 369 -19.26 7.15 -22.21
CA ALA B 369 -19.22 8.55 -21.83
C ALA B 369 -18.28 9.33 -22.72
N THR B 370 -17.23 8.69 -23.24
CA THR B 370 -16.35 9.38 -24.17
C THR B 370 -17.13 9.91 -25.37
N LYS B 371 -18.26 9.30 -25.70
CA LYS B 371 -19.04 9.69 -26.87
C LYS B 371 -20.09 10.75 -26.58
N VAL B 372 -20.28 11.11 -25.31
CA VAL B 372 -21.31 12.10 -24.98
C VAL B 372 -20.99 13.43 -25.66
N ASN B 373 -22.04 14.11 -26.14
CA ASN B 373 -21.86 15.39 -26.80
C ASN B 373 -22.92 16.42 -26.39
N GLY B 374 -23.55 16.24 -25.23
CA GLY B 374 -24.53 17.18 -24.73
C GLY B 374 -25.98 16.79 -24.95
N VAL B 375 -26.24 15.67 -25.62
CA VAL B 375 -27.61 15.24 -25.87
C VAL B 375 -28.21 14.72 -24.56
N ASN B 376 -29.42 15.18 -24.25
CA ASN B 376 -30.01 14.87 -22.95
C ASN B 376 -30.25 13.37 -22.78
N VAL B 377 -30.77 12.71 -23.82
CA VAL B 377 -31.13 11.30 -23.68
C VAL B 377 -29.88 10.44 -23.49
N TYR B 378 -28.88 10.64 -24.33
CA TYR B 378 -27.65 9.85 -24.23
C TYR B 378 -26.93 10.13 -22.92
N ALA B 379 -26.69 11.42 -22.63
CA ALA B 379 -25.98 11.77 -21.42
C ALA B 379 -26.74 11.32 -20.19
N ALA B 380 -28.07 11.45 -20.22
CA ALA B 380 -28.87 11.00 -19.08
C ALA B 380 -28.70 9.51 -18.84
N THR B 381 -28.73 8.72 -19.91
CA THR B 381 -28.60 7.27 -19.76
C THR B 381 -27.23 6.91 -19.21
N VAL B 382 -26.17 7.52 -19.76
CA VAL B 382 -24.83 7.20 -19.28
C VAL B 382 -24.68 7.58 -17.82
N ILE B 383 -25.19 8.76 -17.45
CA ILE B 383 -25.07 9.22 -16.07
C ILE B 383 -25.85 8.32 -15.13
N GLY B 384 -27.03 7.87 -15.55
CA GLY B 384 -27.78 6.95 -14.73
C GLY B 384 -27.06 5.63 -14.51
N TYR B 385 -26.48 5.08 -15.58
CA TYR B 385 -25.73 3.83 -15.44
C TYR B 385 -24.57 3.99 -14.47
N LEU B 386 -23.78 5.04 -14.66
CA LEU B 386 -22.64 5.27 -13.77
C LEU B 386 -23.09 5.48 -12.34
N LEU B 387 -24.17 6.25 -12.15
CA LEU B 387 -24.65 6.52 -10.80
C LEU B 387 -25.10 5.24 -10.11
N TYR B 388 -25.86 4.39 -10.81
CA TYR B 388 -26.31 3.15 -10.19
C TYR B 388 -25.14 2.25 -9.82
N THR B 389 -24.20 2.07 -10.75
CA THR B 389 -23.06 1.20 -10.49
C THR B 389 -22.26 1.69 -9.28
N LEU B 390 -21.85 2.96 -9.33
CA LEU B 390 -21.06 3.51 -8.24
C LEU B 390 -21.87 3.56 -6.95
N GLY B 391 -23.19 3.65 -7.04
CA GLY B 391 -24.00 3.65 -5.83
C GLY B 391 -23.99 2.31 -5.12
N GLN B 392 -24.07 1.22 -5.89
CA GLN B 392 -23.96 -0.11 -5.27
C GLN B 392 -22.59 -0.28 -4.62
N VAL B 393 -21.53 0.02 -5.37
CA VAL B 393 -20.19 -0.09 -4.81
C VAL B 393 -20.05 0.78 -3.57
N PHE B 394 -20.63 1.98 -3.61
CA PHE B 394 -20.50 2.94 -2.52
C PHE B 394 -21.25 2.48 -1.28
N LEU B 395 -22.40 1.83 -1.47
CA LEU B 395 -23.13 1.29 -0.33
C LEU B 395 -22.28 0.26 0.41
N PHE B 396 -21.73 -0.70 -0.35
CA PHE B 396 -20.90 -1.72 0.30
C PHE B 396 -19.73 -1.08 1.01
N CYS B 397 -19.07 -0.13 0.34
CA CYS B 397 -17.88 0.49 0.91
C CYS B 397 -18.21 1.31 2.15
N ILE B 398 -19.32 2.04 2.13
CA ILE B 398 -19.72 2.82 3.30
C ILE B 398 -19.82 1.92 4.52
N PHE B 399 -20.53 0.81 4.39
CA PHE B 399 -20.76 0.02 5.60
C PHE B 399 -19.54 -0.79 6.02
N GLY B 400 -18.73 -1.28 5.06
CA GLY B 400 -17.47 -1.88 5.45
C GLY B 400 -16.56 -0.92 6.19
N ASN B 401 -16.45 0.31 5.68
CA ASN B 401 -15.63 1.32 6.35
C ASN B 401 -16.17 1.63 7.73
N ARG B 402 -17.49 1.68 7.89
CA ARG B 402 -18.04 1.92 9.21
C ARG B 402 -17.62 0.83 10.19
N LEU B 403 -17.65 -0.44 9.76
CA LEU B 403 -17.20 -1.50 10.66
C LEU B 403 -15.74 -1.34 11.04
N ILE B 404 -14.88 -1.03 10.06
CA ILE B 404 -13.47 -0.84 10.33
C ILE B 404 -13.27 0.25 11.37
N GLU B 405 -13.89 1.41 11.13
CA GLU B 405 -13.73 2.54 12.04
C GLU B 405 -14.29 2.24 13.42
N GLU B 406 -15.37 1.47 13.51
CA GLU B 406 -15.94 1.16 14.81
C GLU B 406 -15.01 0.29 15.64
N SER B 407 -14.35 -0.69 15.01
CA SER B 407 -13.39 -1.51 15.76
C SER B 407 -12.18 -0.68 16.23
N SER B 408 -11.63 0.14 15.34
CA SER B 408 -10.55 1.02 15.77
C SER B 408 -11.00 1.91 16.93
N SER B 409 -12.21 2.45 16.84
CA SER B 409 -12.74 3.25 17.93
C SER B 409 -12.90 2.43 19.19
N VAL B 410 -13.12 1.12 19.08
CA VAL B 410 -13.11 0.30 20.29
C VAL B 410 -11.76 0.41 20.96
N MET B 411 -10.69 0.35 20.17
CA MET B 411 -9.35 0.55 20.75
C MET B 411 -9.28 1.89 21.48
N GLU B 412 -9.67 2.96 20.79
CA GLU B 412 -9.57 4.29 21.38
C GLU B 412 -10.38 4.41 22.67
N ALA B 413 -11.61 3.90 22.66
CA ALA B 413 -12.48 4.02 23.83
C ALA B 413 -12.01 3.14 24.98
N ALA B 414 -11.30 2.04 24.66
CA ALA B 414 -10.68 1.26 25.72
C ALA B 414 -9.57 2.06 26.39
N TYR B 415 -8.82 2.83 25.60
CA TYR B 415 -7.75 3.64 26.19
C TYR B 415 -8.31 4.75 27.09
N SER B 416 -9.36 5.43 26.64
CA SER B 416 -9.76 6.71 27.22
C SER B 416 -10.75 6.51 28.37
N CYS B 417 -10.27 5.84 29.42
CA CYS B 417 -11.05 5.71 30.64
C CYS B 417 -10.07 5.59 31.80
N HIS B 418 -10.62 5.52 33.03
CA HIS B 418 -9.81 5.53 34.23
C HIS B 418 -9.30 4.12 34.55
N TRP B 419 -8.59 3.55 33.58
CA TRP B 419 -8.00 2.23 33.77
C TRP B 419 -6.82 2.24 34.71
N TYR B 420 -6.21 3.40 34.96
CA TYR B 420 -5.08 3.48 35.86
C TYR B 420 -5.48 3.40 37.32
N ASP B 421 -6.77 3.45 37.63
CA ASP B 421 -7.26 3.30 38.99
C ASP B 421 -7.90 1.95 39.25
N GLY B 422 -8.26 1.20 38.20
CA GLY B 422 -8.90 -0.07 38.38
C GLY B 422 -7.98 -1.10 38.98
N SER B 423 -8.57 -2.21 39.42
CA SER B 423 -7.78 -3.28 39.98
C SER B 423 -6.91 -3.93 38.90
N GLU B 424 -5.87 -4.62 39.34
CA GLU B 424 -4.93 -5.22 38.41
C GLU B 424 -5.65 -6.11 37.39
N GLU B 425 -6.70 -6.80 37.81
CA GLU B 425 -7.44 -7.66 36.90
C GLU B 425 -8.06 -6.85 35.77
N ALA B 426 -8.72 -5.74 36.12
CA ALA B 426 -9.31 -4.89 35.09
C ALA B 426 -8.24 -4.26 34.21
N LYS B 427 -7.07 -3.94 34.77
CA LYS B 427 -6.01 -3.37 33.97
C LYS B 427 -5.47 -4.37 32.95
N THR B 428 -5.29 -5.63 33.36
CA THR B 428 -4.88 -6.67 32.40
C THR B 428 -5.96 -6.87 31.34
N PHE B 429 -7.22 -6.83 31.75
CA PHE B 429 -8.32 -6.90 30.79
C PHE B 429 -8.21 -5.79 29.74
N VAL B 430 -7.94 -4.56 30.20
CA VAL B 430 -7.82 -3.44 29.26
C VAL B 430 -6.62 -3.65 28.34
N GLN B 431 -5.51 -4.15 28.88
CA GLN B 431 -4.32 -4.37 28.07
C GLN B 431 -4.61 -5.38 26.96
N ILE B 432 -5.25 -6.50 27.30
CA ILE B 432 -5.53 -7.51 26.31
C ILE B 432 -6.53 -6.99 25.27
N VAL B 433 -7.53 -6.23 25.71
CA VAL B 433 -8.50 -5.68 24.77
C VAL B 433 -7.80 -4.73 23.79
N CYS B 434 -6.91 -3.87 24.30
CA CYS B 434 -6.22 -2.93 23.43
C CYS B 434 -5.29 -3.65 22.47
N GLN B 435 -4.67 -4.74 22.92
CA GLN B 435 -3.88 -5.56 21.99
C GLN B 435 -4.76 -6.12 20.89
N GLN B 436 -5.93 -6.65 21.26
CA GLN B 436 -6.80 -7.26 20.26
C GLN B 436 -7.29 -6.23 19.24
N CYS B 437 -7.65 -5.04 19.71
CA CYS B 437 -8.24 -4.02 18.84
C CYS B 437 -7.22 -3.35 17.92
N GLN B 438 -5.99 -3.85 17.87
CA GLN B 438 -4.98 -3.24 17.01
C GLN B 438 -5.37 -3.35 15.54
N LYS B 439 -6.02 -4.44 15.16
CA LYS B 439 -6.47 -4.66 13.79
C LYS B 439 -7.98 -4.50 13.73
N ALA B 440 -8.45 -3.89 12.65
CA ALA B 440 -9.86 -3.53 12.53
C ALA B 440 -10.64 -4.65 11.87
N MET B 441 -11.82 -4.94 12.40
CA MET B 441 -12.73 -5.87 11.76
C MET B 441 -13.02 -5.38 10.35
N SER B 442 -13.06 -6.30 9.40
CA SER B 442 -13.31 -5.92 8.02
C SER B 442 -13.95 -7.08 7.29
N ILE B 443 -14.63 -6.74 6.18
CA ILE B 443 -15.22 -7.72 5.28
C ILE B 443 -14.43 -7.67 3.98
N SER B 444 -14.02 -8.83 3.49
CA SER B 444 -13.20 -8.94 2.30
C SER B 444 -13.95 -9.69 1.21
N GLY B 445 -13.72 -9.30 -0.03
CA GLY B 445 -14.31 -9.98 -1.16
C GLY B 445 -13.56 -11.25 -1.51
N ALA B 446 -13.70 -12.27 -0.67
CA ALA B 446 -12.99 -13.54 -0.86
C ALA B 446 -11.49 -13.35 -0.83
N LYS B 447 -11.02 -12.50 0.08
CA LYS B 447 -9.61 -12.24 0.36
C LYS B 447 -8.91 -11.48 -0.77
N PHE B 448 -9.61 -11.11 -1.84
CA PHE B 448 -9.00 -10.35 -2.91
C PHE B 448 -9.01 -8.85 -2.66
N PHE B 449 -9.76 -8.39 -1.66
CA PHE B 449 -9.78 -6.99 -1.27
C PHE B 449 -10.61 -6.88 0.01
N THR B 450 -10.70 -5.66 0.54
CA THR B 450 -11.61 -5.35 1.63
C THR B 450 -12.57 -4.27 1.16
N VAL B 451 -13.77 -4.25 1.75
CA VAL B 451 -14.76 -3.24 1.44
C VAL B 451 -14.54 -2.06 2.38
N SER B 452 -14.13 -0.94 1.81
CA SER B 452 -13.86 0.30 2.54
C SER B 452 -13.98 1.43 1.55
N LEU B 453 -14.07 2.65 2.06
CA LEU B 453 -14.14 3.80 1.18
C LEU B 453 -12.85 3.96 0.37
N ASP B 454 -11.75 3.35 0.83
CA ASP B 454 -10.55 3.28 0.01
C ASP B 454 -10.80 2.51 -1.27
N LEU B 455 -11.55 1.40 -1.18
CA LEU B 455 -11.86 0.62 -2.36
C LEU B 455 -12.70 1.43 -3.34
N PHE B 456 -13.70 2.16 -2.84
CA PHE B 456 -14.52 2.98 -3.72
C PHE B 456 -13.68 4.09 -4.35
N ALA B 457 -12.80 4.71 -3.56
CA ALA B 457 -11.94 5.75 -4.11
C ALA B 457 -11.05 5.21 -5.21
N SER B 458 -10.47 4.02 -5.00
CA SER B 458 -9.62 3.42 -6.02
C SER B 458 -10.42 3.08 -7.27
N VAL B 459 -11.64 2.57 -7.10
CA VAL B 459 -12.48 2.27 -8.26
C VAL B 459 -12.77 3.53 -9.05
N LEU B 460 -13.14 4.61 -8.35
CA LEU B 460 -13.45 5.87 -9.01
C LEU B 460 -12.22 6.43 -9.72
N GLY B 461 -11.06 6.38 -9.06
CA GLY B 461 -9.84 6.85 -9.69
C GLY B 461 -9.49 6.06 -10.93
N ALA B 462 -9.66 4.73 -10.88
CA ALA B 462 -9.36 3.90 -12.03
C ALA B 462 -10.27 4.24 -13.20
N VAL B 463 -11.57 4.39 -12.94
CA VAL B 463 -12.48 4.71 -14.05
C VAL B 463 -12.17 6.09 -14.61
N VAL B 464 -11.85 7.06 -13.76
CA VAL B 464 -11.53 8.40 -14.24
C VAL B 464 -10.25 8.36 -15.08
N THR B 465 -9.24 7.65 -14.61
CA THR B 465 -7.99 7.54 -15.37
C THR B 465 -8.21 6.89 -16.72
N TYR B 466 -9.01 5.82 -16.75
CA TYR B 466 -9.29 5.17 -18.02
C TYR B 466 -10.04 6.10 -18.97
N PHE B 467 -10.98 6.87 -18.43
CA PHE B 467 -11.68 7.84 -19.28
C PHE B 467 -10.72 8.88 -19.84
N MET B 468 -9.81 9.38 -19.01
CA MET B 468 -8.82 10.33 -19.50
C MET B 468 -7.97 9.72 -20.61
N VAL B 469 -7.51 8.48 -20.41
CA VAL B 469 -6.72 7.81 -21.43
C VAL B 469 -7.51 7.71 -22.73
N LEU B 470 -8.79 7.34 -22.63
CA LEU B 470 -9.61 7.20 -23.82
C LEU B 470 -9.74 8.53 -24.56
N VAL B 471 -10.04 9.60 -23.82
CA VAL B 471 -10.27 10.88 -24.49
C VAL B 471 -8.99 11.40 -25.12
N GLN B 472 -7.87 11.30 -24.40
CA GLN B 472 -6.60 11.82 -24.95
C GLN B 472 -6.22 11.09 -26.23
N LEU B 473 -6.29 9.76 -26.21
CA LEU B 473 -5.91 8.98 -27.38
C LEU B 473 -6.85 9.18 -28.56
N LYS B 474 -8.06 9.68 -28.32
CA LYS B 474 -9.02 9.90 -29.39
C LYS B 474 -8.63 11.11 -30.23
N LYS C 4 13.94 -41.47 4.93
CA LYS C 4 12.50 -41.57 4.70
C LYS C 4 11.79 -42.16 5.92
N HIS C 5 12.35 -41.89 7.10
CA HIS C 5 11.83 -42.44 8.34
C HIS C 5 11.33 -41.38 9.31
N GLN C 6 12.06 -40.28 9.47
CA GLN C 6 11.74 -39.30 10.49
C GLN C 6 10.75 -38.26 9.94
N GLY C 7 10.30 -37.38 10.82
CA GLY C 7 9.19 -36.51 10.46
C GLY C 7 9.52 -35.58 9.31
N LEU C 8 8.48 -35.19 8.59
CA LEU C 8 8.55 -34.22 7.51
C LEU C 8 9.19 -34.80 6.25
N VAL C 9 9.74 -36.02 6.34
CA VAL C 9 10.22 -36.73 5.16
C VAL C 9 9.46 -38.05 5.06
N ALA C 10 8.96 -38.53 6.20
CA ALA C 10 7.98 -39.61 6.16
C ALA C 10 6.62 -39.10 5.70
N ASP C 11 6.30 -37.83 6.01
CA ASP C 11 5.04 -37.27 5.57
C ASP C 11 5.05 -36.91 4.10
N LEU C 12 6.18 -36.38 3.61
CA LEU C 12 6.30 -35.94 2.23
C LEU C 12 6.94 -36.98 1.33
N LEU C 13 7.06 -38.22 1.79
CA LEU C 13 7.81 -39.23 1.04
C LEU C 13 7.28 -39.45 -0.37
N PRO C 14 5.98 -39.54 -0.62
CA PRO C 14 5.51 -39.64 -2.02
C PRO C 14 5.98 -38.48 -2.87
N ASN C 15 5.98 -37.27 -2.31
CA ASN C 15 6.44 -36.11 -3.06
C ASN C 15 7.91 -36.24 -3.43
N ILE C 16 8.73 -36.67 -2.48
CA ILE C 16 10.15 -36.84 -2.72
C ILE C 16 10.38 -37.91 -3.77
N ARG C 17 9.64 -39.02 -3.70
CA ARG C 17 9.81 -40.08 -4.69
C ARG C 17 9.43 -39.61 -6.08
N VAL C 18 8.34 -38.85 -6.19
CA VAL C 18 7.96 -38.32 -7.50
C VAL C 18 9.05 -37.39 -8.02
N MET C 19 9.58 -36.52 -7.15
CA MET C 19 10.64 -35.61 -7.57
C MET C 19 11.85 -36.38 -8.06
N GLN C 20 12.29 -37.38 -7.30
CA GLN C 20 13.43 -38.19 -7.74
C GLN C 20 13.15 -38.86 -9.07
N GLY C 21 11.95 -39.43 -9.23
CA GLY C 21 11.65 -40.14 -10.46
C GLY C 21 11.63 -39.24 -11.68
N VAL C 22 11.11 -38.02 -11.53
CA VAL C 22 11.02 -37.11 -12.66
C VAL C 22 12.38 -36.56 -13.08
N GLY C 23 13.44 -36.84 -12.34
CA GLY C 23 14.77 -36.39 -12.70
C GLY C 23 15.20 -35.17 -11.91
N HIS C 24 14.77 -35.08 -10.66
CA HIS C 24 14.98 -33.90 -9.84
C HIS C 24 16.13 -34.08 -8.86
N PHE C 25 17.18 -34.80 -9.26
CA PHE C 25 18.34 -35.01 -8.41
C PHE C 25 17.90 -35.53 -7.05
N MET C 26 18.31 -34.86 -5.97
CA MET C 26 17.90 -35.25 -4.62
C MET C 26 18.34 -36.68 -4.31
N PHE C 27 19.67 -36.85 -4.26
CA PHE C 27 20.26 -38.15 -3.93
C PHE C 27 20.48 -38.22 -2.41
N ASN C 28 19.38 -38.31 -1.67
CA ASN C 28 19.53 -38.29 -0.20
C ASN C 28 18.71 -39.35 0.53
N TYR C 29 17.59 -39.79 -0.02
CA TYR C 29 16.63 -40.53 0.79
C TYR C 29 16.41 -41.96 0.30
N TYR C 30 17.49 -42.66 -0.01
CA TYR C 30 17.42 -44.08 -0.34
C TYR C 30 18.77 -44.71 0.01
N SER C 31 18.83 -46.03 -0.14
CA SER C 31 20.07 -46.74 0.11
C SER C 31 21.12 -46.33 -0.91
N GLU C 32 22.38 -46.36 -0.47
CA GLU C 32 23.48 -45.92 -1.33
C GLU C 32 23.59 -46.73 -2.61
N GLY C 33 23.03 -47.94 -2.63
CA GLY C 33 23.07 -48.72 -3.86
C GLY C 33 22.43 -48.00 -5.02
N LYS C 34 21.31 -47.30 -4.76
CA LYS C 34 20.64 -46.53 -5.79
C LYS C 34 21.27 -45.16 -6.01
N LYS C 35 22.27 -44.79 -5.21
CA LYS C 35 22.87 -43.46 -5.34
C LYS C 35 23.52 -43.29 -6.70
N PHE C 36 24.26 -44.30 -7.17
CA PHE C 36 24.94 -44.16 -8.45
C PHE C 36 23.97 -44.22 -9.62
N PRO C 37 23.19 -45.29 -9.80
CA PRO C 37 22.30 -45.36 -10.97
C PRO C 37 21.44 -44.12 -11.14
N HIS C 38 20.65 -43.82 -10.10
CA HIS C 38 19.77 -42.66 -10.13
C HIS C 38 20.49 -41.46 -10.72
N ARG C 39 21.72 -41.20 -10.25
CA ARG C 39 22.43 -40.00 -10.66
C ARG C 39 22.54 -39.92 -12.18
N ILE C 40 23.04 -40.97 -12.84
CA ILE C 40 23.18 -40.88 -14.29
C ILE C 40 21.84 -40.52 -14.91
N TYR C 41 20.78 -41.19 -14.47
CA TYR C 41 19.46 -40.89 -15.05
C TYR C 41 19.22 -39.39 -15.03
N CYS C 42 19.40 -38.76 -13.87
CA CYS C 42 19.15 -37.33 -13.76
C CYS C 42 19.91 -36.59 -14.84
N ILE C 43 21.22 -36.84 -14.95
CA ILE C 43 22.03 -36.13 -15.92
C ILE C 43 21.42 -36.27 -17.30
N VAL C 44 21.11 -37.51 -17.68
CA VAL C 44 20.58 -37.73 -19.03
C VAL C 44 19.35 -36.85 -19.23
N THR C 45 18.42 -36.89 -18.27
CA THR C 45 17.21 -36.08 -18.41
C THR C 45 17.59 -34.64 -18.70
N LEU C 46 18.44 -34.06 -17.84
CA LEU C 46 18.85 -32.69 -18.04
C LEU C 46 19.38 -32.50 -19.45
N LEU C 47 20.34 -33.35 -19.84
CA LEU C 47 20.87 -33.29 -21.19
C LEU C 47 19.73 -33.20 -22.19
N LEU C 48 18.86 -34.21 -22.19
CA LEU C 48 17.78 -34.23 -23.17
C LEU C 48 17.00 -32.93 -23.12
N LEU C 49 16.58 -32.52 -21.92
CA LEU C 49 15.87 -31.25 -21.79
C LEU C 49 16.63 -30.15 -22.51
N LEU C 50 17.86 -29.89 -22.08
CA LEU C 50 18.63 -28.82 -22.69
C LEU C 50 18.71 -29.00 -24.18
N LEU C 51 19.00 -30.24 -24.62
CA LEU C 51 19.09 -30.48 -26.06
C LEU C 51 17.85 -29.96 -26.75
N GLN C 52 16.67 -30.44 -26.34
CA GLN C 52 15.45 -29.97 -26.96
C GLN C 52 15.33 -28.47 -26.81
N TYR C 53 15.61 -27.96 -25.61
CA TYR C 53 15.58 -26.51 -25.41
C TYR C 53 16.45 -25.82 -26.44
N GLY C 54 17.69 -26.30 -26.61
CA GLY C 54 18.55 -25.71 -27.61
C GLY C 54 17.94 -25.78 -28.98
N MET C 55 17.40 -26.95 -29.34
CA MET C 55 16.79 -27.10 -30.66
C MET C 55 15.63 -26.14 -30.84
N MET C 56 14.97 -25.75 -29.75
CA MET C 56 13.93 -24.74 -29.84
C MET C 56 14.54 -23.36 -30.09
N ALA C 57 15.58 -23.02 -29.33
CA ALA C 57 16.16 -21.68 -29.43
C ALA C 57 16.68 -21.42 -30.83
N VAL C 58 17.38 -22.39 -31.42
CA VAL C 58 17.87 -22.21 -32.78
C VAL C 58 16.70 -21.92 -33.71
N ASN C 59 15.58 -22.62 -33.52
CA ASN C 59 14.43 -22.40 -34.38
C ASN C 59 13.93 -20.96 -34.28
N LEU C 60 14.05 -20.34 -33.10
CA LEU C 60 13.61 -18.97 -32.94
C LEU C 60 14.49 -17.99 -33.71
N MET C 61 15.69 -18.39 -34.10
CA MET C 61 16.60 -17.46 -34.76
C MET C 61 16.13 -17.13 -36.17
N MET C 62 15.81 -18.15 -36.97
CA MET C 62 15.32 -17.90 -38.33
C MET C 62 13.83 -17.63 -38.37
N GLU C 63 13.13 -17.76 -37.25
CA GLU C 63 11.74 -17.36 -37.15
C GLU C 63 11.59 -15.90 -36.71
N SER C 64 12.70 -15.18 -36.57
CA SER C 64 12.70 -13.82 -36.06
C SER C 64 12.42 -12.78 -37.13
N ASP C 65 12.24 -13.18 -38.38
CA ASP C 65 11.92 -12.21 -39.43
C ASP C 65 10.58 -11.54 -39.16
N ASP C 66 9.59 -12.30 -38.69
CA ASP C 66 8.28 -11.77 -38.34
C ASP C 66 8.20 -11.52 -36.84
N VAL C 67 7.12 -10.86 -36.43
CA VAL C 67 6.92 -10.47 -35.04
C VAL C 67 5.97 -11.43 -34.32
N ASP C 68 4.92 -11.88 -35.01
CA ASP C 68 3.97 -12.79 -34.37
C ASP C 68 4.62 -14.12 -34.02
N ASP C 69 5.35 -14.70 -34.98
CA ASP C 69 6.05 -15.95 -34.69
C ASP C 69 7.13 -15.73 -33.64
N LEU C 70 7.77 -14.56 -33.65
CA LEU C 70 8.76 -14.26 -32.62
C LEU C 70 8.13 -14.25 -31.23
N THR C 71 6.95 -13.64 -31.11
CA THR C 71 6.26 -13.61 -29.82
C THR C 71 5.85 -15.01 -29.38
N ALA C 72 5.30 -15.80 -30.30
CA ALA C 72 4.92 -17.16 -29.96
C ALA C 72 6.13 -17.97 -29.50
N ASN C 73 7.23 -17.85 -30.24
CA ASN C 73 8.45 -18.58 -29.88
C ASN C 73 8.96 -18.14 -28.53
N THR C 74 8.94 -16.83 -28.25
CA THR C 74 9.41 -16.35 -26.96
C THR C 74 8.55 -16.89 -25.82
N ILE C 75 7.23 -16.94 -26.02
CA ILE C 75 6.36 -17.46 -24.99
C ILE C 75 6.67 -18.93 -24.72
N THR C 76 6.86 -19.71 -25.78
CA THR C 76 7.23 -21.11 -25.59
C THR C 76 8.57 -21.21 -24.86
N MET C 77 9.53 -20.37 -25.24
CA MET C 77 10.86 -20.41 -24.64
C MET C 77 10.79 -20.14 -23.14
N LEU C 78 9.99 -19.16 -22.72
CA LEU C 78 9.90 -18.88 -21.29
C LEU C 78 9.12 -19.96 -20.55
N PHE C 79 8.01 -20.41 -21.13
CA PHE C 79 7.24 -21.49 -20.54
C PHE C 79 8.13 -22.68 -20.24
N PHE C 80 9.02 -23.02 -21.17
CA PHE C 80 9.93 -24.14 -20.98
C PHE C 80 11.24 -23.74 -20.31
N LEU C 81 11.45 -22.43 -20.06
CA LEU C 81 12.55 -22.00 -19.22
C LEU C 81 12.27 -22.28 -17.76
N HIS C 82 11.02 -22.18 -17.35
CA HIS C 82 10.68 -22.45 -15.95
C HIS C 82 11.23 -23.79 -15.44
N PRO C 83 10.99 -24.92 -16.10
CA PRO C 83 11.49 -26.19 -15.57
C PRO C 83 13.02 -26.26 -15.49
N ILE C 84 13.72 -25.69 -16.46
CA ILE C 84 15.18 -25.74 -16.46
C ILE C 84 15.72 -24.96 -15.27
N VAL C 85 15.16 -23.77 -15.02
CA VAL C 85 15.59 -22.97 -13.88
C VAL C 85 15.35 -23.74 -12.59
N LYS C 86 14.17 -24.36 -12.45
CA LYS C 86 13.89 -25.11 -11.22
C LYS C 86 14.86 -26.29 -11.05
N MET C 87 15.12 -27.00 -12.15
CA MET C 87 15.97 -28.18 -12.10
C MET C 87 17.39 -27.82 -11.71
N ILE C 88 17.91 -26.71 -12.25
CA ILE C 88 19.24 -26.27 -11.87
C ILE C 88 19.23 -25.68 -10.46
N TYR C 89 18.14 -25.03 -10.07
CA TYR C 89 18.10 -24.32 -8.79
C TYR C 89 18.13 -25.29 -7.62
N PHE C 90 17.44 -26.43 -7.73
CA PHE C 90 17.42 -27.33 -6.59
C PHE C 90 18.82 -27.84 -6.22
N PRO C 91 19.62 -28.40 -7.14
CA PRO C 91 20.90 -28.98 -6.71
C PRO C 91 21.84 -27.99 -6.04
N VAL C 92 21.90 -26.75 -6.51
CA VAL C 92 22.84 -25.80 -5.94
C VAL C 92 22.42 -25.44 -4.52
N ARG C 93 21.11 -25.32 -4.28
CA ARG C 93 20.57 -24.97 -2.98
C ARG C 93 20.14 -26.19 -2.17
N SER C 94 20.62 -27.38 -2.52
CA SER C 94 20.15 -28.62 -1.89
C SER C 94 20.41 -28.64 -0.39
N LYS C 95 21.48 -28.00 0.07
CA LYS C 95 21.79 -28.03 1.49
C LYS C 95 20.66 -27.41 2.31
N ILE C 96 20.11 -26.30 1.82
CA ILE C 96 19.01 -25.65 2.51
C ILE C 96 17.75 -26.50 2.44
N PHE C 97 17.52 -27.17 1.31
CA PHE C 97 16.34 -28.02 1.19
C PHE C 97 16.39 -29.17 2.18
N TYR C 98 17.54 -29.80 2.32
CA TYR C 98 17.68 -30.88 3.31
C TYR C 98 17.58 -30.35 4.73
N LYS C 99 18.13 -29.16 4.99
CA LYS C 99 17.98 -28.56 6.30
C LYS C 99 16.52 -28.32 6.63
N THR C 100 15.74 -27.85 5.65
CA THR C 100 14.31 -27.68 5.84
C THR C 100 13.63 -29.01 6.13
N LEU C 101 13.87 -30.00 5.27
CA LEU C 101 13.22 -31.30 5.43
C LEU C 101 13.61 -32.00 6.72
N ALA C 102 14.68 -31.57 7.38
CA ALA C 102 15.10 -32.16 8.65
C ALA C 102 14.67 -31.33 9.85
N ILE C 103 13.79 -30.35 9.68
CA ILE C 103 13.43 -29.48 10.79
C ILE C 103 12.63 -30.24 11.84
N TRP C 104 11.60 -30.96 11.41
CA TRP C 104 10.62 -31.53 12.33
C TRP C 104 10.98 -32.94 12.79
N ASN C 105 12.24 -33.33 12.72
CA ASN C 105 12.61 -34.68 13.11
C ASN C 105 12.37 -34.91 14.60
N ASN C 106 12.61 -33.90 15.42
CA ASN C 106 12.48 -34.01 16.88
C ASN C 106 11.58 -32.90 17.39
N PRO C 107 10.27 -33.09 17.41
CA PRO C 107 9.35 -32.06 17.87
C PRO C 107 9.06 -32.20 19.36
N ASN C 108 8.31 -31.22 19.86
CA ASN C 108 7.92 -31.18 21.27
C ASN C 108 6.84 -32.21 21.57
N SER C 109 6.59 -32.44 22.85
CA SER C 109 5.58 -33.39 23.25
C SER C 109 5.08 -33.06 24.66
N HIS C 110 3.76 -33.13 24.84
CA HIS C 110 3.13 -33.00 26.15
C HIS C 110 2.04 -34.05 26.26
N PRO C 111 1.87 -34.68 27.42
CA PRO C 111 0.83 -35.72 27.53
C PRO C 111 -0.57 -35.24 27.20
N LEU C 112 -0.93 -34.02 27.60
CA LEU C 112 -2.30 -33.56 27.44
C LEU C 112 -2.62 -33.18 26.00
N PHE C 113 -1.64 -32.72 25.24
CA PHE C 113 -1.87 -32.24 23.89
C PHE C 113 -1.43 -33.24 22.83
N ALA C 114 -1.31 -34.51 23.21
CA ALA C 114 -0.86 -35.52 22.25
C ALA C 114 -1.97 -35.87 21.25
N GLU C 115 -3.22 -35.98 21.72
CA GLU C 115 -4.30 -36.36 20.83
C GLU C 115 -4.49 -35.34 19.72
N SER C 116 -4.53 -34.05 20.09
CA SER C 116 -4.68 -33.01 19.07
C SER C 116 -3.50 -33.00 18.12
N ASN C 117 -2.30 -33.21 18.66
CA ASN C 117 -1.12 -33.24 17.81
C ASN C 117 -1.24 -34.34 16.77
N ALA C 118 -1.61 -35.55 17.19
CA ALA C 118 -1.76 -36.65 16.26
C ALA C 118 -2.84 -36.36 15.23
N ARG C 119 -3.98 -35.83 15.68
CA ARG C 119 -5.08 -35.55 14.76
C ARG C 119 -4.65 -34.58 13.68
N PHE C 120 -3.99 -33.48 14.08
CA PHE C 120 -3.64 -32.46 13.11
C PHE C 120 -2.47 -32.87 12.24
N HIS C 121 -1.57 -33.71 12.77
CA HIS C 121 -0.52 -34.30 11.94
C HIS C 121 -1.11 -35.16 10.83
N ALA C 122 -2.06 -36.02 11.18
CA ALA C 122 -2.71 -36.85 10.18
C ALA C 122 -3.47 -36.01 9.17
N LEU C 123 -4.15 -34.97 9.63
CA LEU C 123 -4.87 -34.09 8.73
C LEU C 123 -3.92 -33.40 7.76
N ALA C 124 -2.75 -32.98 8.25
CA ALA C 124 -1.75 -32.37 7.38
C ALA C 124 -1.29 -33.35 6.32
N ILE C 125 -1.01 -34.59 6.72
CA ILE C 125 -0.58 -35.60 5.74
C ILE C 125 -1.64 -35.76 4.67
N THR C 126 -2.91 -35.86 5.08
CA THR C 126 -4.00 -36.03 4.12
C THR C 126 -4.06 -34.87 3.15
N LYS C 127 -3.92 -33.64 3.64
CA LYS C 127 -4.01 -32.49 2.75
C LYS C 127 -2.82 -32.43 1.79
N MET C 128 -1.62 -32.80 2.25
CA MET C 128 -0.48 -32.87 1.33
C MET C 128 -0.74 -33.86 0.22
N ARG C 129 -1.27 -35.04 0.56
CA ARG C 129 -1.55 -36.04 -0.47
C ARG C 129 -2.59 -35.52 -1.46
N ARG C 130 -3.62 -34.86 -0.94
CA ARG C 130 -4.66 -34.30 -1.80
C ARG C 130 -4.07 -33.29 -2.78
N LEU C 131 -3.21 -32.39 -2.28
CA LEU C 131 -2.60 -31.39 -3.15
C LEU C 131 -1.72 -32.04 -4.20
N LEU C 132 -0.93 -33.03 -3.80
CA LEU C 132 -0.06 -33.72 -4.75
C LEU C 132 -0.89 -34.34 -5.87
N PHE C 133 -1.94 -35.07 -5.53
CA PHE C 133 -2.76 -35.71 -6.55
C PHE C 133 -3.44 -34.68 -7.45
N CYS C 134 -3.93 -33.59 -6.87
CA CYS C 134 -4.60 -32.57 -7.67
C CYS C 134 -3.65 -31.96 -8.69
N VAL C 135 -2.44 -31.59 -8.25
CA VAL C 135 -1.51 -30.97 -9.19
C VAL C 135 -1.03 -31.98 -10.23
N ALA C 136 -0.85 -33.24 -9.83
CA ALA C 136 -0.49 -34.26 -10.81
C ALA C 136 -1.57 -34.40 -11.88
N GLY C 137 -2.83 -34.43 -11.46
CA GLY C 137 -3.91 -34.48 -12.44
C GLY C 137 -3.94 -33.27 -13.34
N ALA C 138 -3.69 -32.09 -12.78
CA ALA C 138 -3.69 -30.88 -13.59
C ALA C 138 -2.58 -30.92 -14.65
N THR C 139 -1.39 -31.38 -14.26
CA THR C 139 -0.29 -31.48 -15.23
C THR C 139 -0.61 -32.50 -16.31
N ILE C 140 -1.18 -33.64 -15.93
CA ILE C 140 -1.54 -34.65 -16.92
C ILE C 140 -2.56 -34.08 -17.90
N PHE C 141 -3.57 -33.38 -17.39
CA PHE C 141 -4.55 -32.76 -18.26
C PHE C 141 -3.90 -31.76 -19.20
N SER C 142 -2.96 -30.97 -18.70
CA SER C 142 -2.29 -29.99 -19.55
C SER C 142 -1.53 -30.68 -20.67
N VAL C 143 -0.83 -31.76 -20.37
CA VAL C 143 -0.07 -32.48 -21.40
C VAL C 143 -1.02 -33.04 -22.45
N ILE C 144 -2.11 -33.67 -22.00
CA ILE C 144 -3.05 -34.27 -22.94
C ILE C 144 -3.67 -33.21 -23.83
N SER C 145 -4.07 -32.08 -23.25
CA SER C 145 -4.66 -31.01 -24.05
C SER C 145 -3.66 -30.47 -25.05
N TRP C 146 -2.41 -30.28 -24.65
CA TRP C 146 -1.38 -29.83 -25.58
C TRP C 146 -1.28 -30.77 -26.77
N THR C 147 -1.16 -32.08 -26.51
CA THR C 147 -1.02 -33.03 -27.60
C THR C 147 -2.24 -33.02 -28.51
N GLY C 148 -3.44 -33.02 -27.91
CA GLY C 148 -4.65 -33.04 -28.70
C GLY C 148 -4.77 -31.82 -29.60
N ILE C 149 -4.58 -30.63 -29.02
CA ILE C 149 -4.73 -29.41 -29.81
C ILE C 149 -3.67 -29.37 -30.91
N THR C 150 -2.47 -29.90 -30.63
CA THR C 150 -1.47 -29.99 -31.68
C THR C 150 -1.92 -30.92 -32.80
N PHE C 151 -2.72 -31.93 -32.48
CA PHE C 151 -3.13 -32.88 -33.51
C PHE C 151 -4.37 -32.43 -34.28
N ILE C 152 -5.21 -31.58 -33.70
CA ILE C 152 -6.40 -31.11 -34.42
C ILE C 152 -6.18 -29.81 -35.18
N GLU C 153 -5.09 -29.09 -34.92
CA GLU C 153 -4.85 -27.84 -35.62
C GLU C 153 -4.35 -28.10 -37.03
N ASP C 154 -4.26 -27.03 -37.82
CA ASP C 154 -3.73 -27.09 -39.19
C ASP C 154 -2.28 -26.65 -39.16
N SER C 155 -1.38 -27.51 -39.62
CA SER C 155 0.06 -27.23 -39.62
C SER C 155 0.43 -26.61 -40.96
N VAL C 156 0.28 -25.28 -41.03
CA VAL C 156 0.70 -24.51 -42.20
C VAL C 156 1.38 -23.24 -41.71
N LYS C 157 2.13 -22.62 -42.59
CA LYS C 157 2.87 -21.40 -42.29
C LYS C 157 2.50 -20.30 -43.28
N ARG C 158 2.53 -19.06 -42.80
CA ARG C 158 2.19 -17.90 -43.63
C ARG C 158 3.48 -17.27 -44.15
N ILE C 159 3.59 -17.15 -45.46
CA ILE C 159 4.76 -16.55 -46.08
C ILE C 159 4.35 -15.52 -47.12
N THR C 168 2.08 -17.40 -49.63
CA THR C 168 1.77 -18.75 -50.10
C THR C 168 1.68 -19.72 -48.93
N ILE C 169 1.09 -20.88 -49.18
CA ILE C 169 0.91 -21.91 -48.16
C ILE C 169 2.15 -22.81 -48.15
N ILE C 170 2.77 -22.94 -46.99
CA ILE C 170 3.95 -23.78 -46.80
C ILE C 170 3.63 -24.81 -45.74
N PRO C 171 3.70 -26.11 -46.04
CA PRO C 171 3.44 -27.14 -45.02
C PRO C 171 4.56 -27.18 -44.00
N ILE C 172 4.20 -27.04 -42.73
CA ILE C 172 5.16 -27.09 -41.62
C ILE C 172 5.00 -28.44 -40.93
N PRO C 173 6.06 -29.04 -40.38
CA PRO C 173 5.89 -30.32 -39.69
C PRO C 173 4.87 -30.21 -38.58
N ARG C 174 4.03 -31.25 -38.47
CA ARG C 174 2.98 -31.29 -37.45
C ARG C 174 3.59 -31.77 -36.15
N LEU C 175 4.20 -30.83 -35.43
CA LEU C 175 4.89 -31.11 -34.19
C LEU C 175 4.23 -30.35 -33.05
N MET C 176 4.35 -30.90 -31.84
CA MET C 176 3.69 -30.31 -30.68
C MET C 176 4.42 -29.08 -30.16
N ILE C 177 5.73 -29.01 -30.36
CA ILE C 177 6.52 -27.81 -30.06
C ILE C 177 7.33 -27.46 -31.30
N ARG C 178 7.26 -26.20 -31.72
CA ARG C 178 8.07 -25.74 -32.83
C ARG C 178 9.54 -25.97 -32.52
N THR C 179 10.26 -26.54 -33.49
CA THR C 179 11.65 -26.91 -33.24
C THR C 179 12.34 -27.13 -34.58
N PHE C 180 13.65 -26.94 -34.58
CA PHE C 180 14.50 -27.21 -35.74
C PHE C 180 15.23 -28.53 -35.50
N TYR C 181 15.03 -29.49 -36.38
CA TYR C 181 15.58 -30.82 -36.22
C TYR C 181 16.48 -31.16 -37.40
N PRO C 182 17.69 -31.69 -37.17
CA PRO C 182 18.46 -32.24 -38.29
C PRO C 182 17.74 -33.37 -39.01
N PHE C 183 16.96 -34.16 -38.29
CA PHE C 183 16.14 -35.19 -38.92
C PHE C 183 15.20 -34.55 -39.94
N ASN C 184 14.57 -35.40 -40.75
CA ASN C 184 13.63 -34.91 -41.74
C ASN C 184 12.44 -34.24 -41.06
N ALA C 185 11.91 -34.84 -40.00
CA ALA C 185 10.78 -34.34 -39.24
C ALA C 185 9.49 -34.30 -40.05
N MET C 186 9.47 -34.91 -41.23
CA MET C 186 8.28 -35.01 -42.07
C MET C 186 7.87 -36.45 -42.31
N SER C 187 8.81 -37.31 -42.69
CA SER C 187 8.50 -38.69 -43.01
C SER C 187 8.27 -39.48 -41.72
N GLY C 188 8.11 -40.80 -41.86
CA GLY C 188 7.71 -41.64 -40.74
C GLY C 188 8.64 -41.60 -39.55
N ALA C 189 9.89 -42.05 -39.73
CA ALA C 189 10.79 -42.21 -38.60
C ALA C 189 11.04 -40.89 -37.89
N GLY C 190 11.37 -39.85 -38.65
CA GLY C 190 11.62 -38.56 -38.04
C GLY C 190 10.41 -38.03 -37.29
N HIS C 191 9.24 -38.11 -37.91
CA HIS C 191 8.04 -37.58 -37.29
C HIS C 191 7.72 -38.32 -35.99
N VAL C 192 7.78 -39.66 -36.03
CA VAL C 192 7.44 -40.43 -34.83
C VAL C 192 8.45 -40.16 -33.72
N PHE C 193 9.74 -40.15 -34.06
CA PHE C 193 10.73 -39.90 -33.02
C PHE C 193 10.56 -38.50 -32.42
N ALA C 194 10.30 -37.51 -33.26
CA ALA C 194 10.09 -36.16 -32.76
C ALA C 194 8.87 -36.10 -31.84
N LEU C 195 7.78 -36.78 -32.23
CA LEU C 195 6.59 -36.77 -31.40
C LEU C 195 6.86 -37.39 -30.03
N ILE C 196 7.53 -38.55 -30.01
CA ILE C 196 7.80 -39.20 -28.73
C ILE C 196 8.74 -38.33 -27.89
N TYR C 197 9.76 -37.75 -28.52
CA TYR C 197 10.69 -36.91 -27.78
C TYR C 197 9.98 -35.70 -27.17
N GLN C 198 9.11 -35.05 -27.95
CA GLN C 198 8.42 -33.87 -27.45
C GLN C 198 7.42 -34.22 -26.35
N PHE C 199 6.77 -35.39 -26.45
CA PHE C 199 5.88 -35.83 -25.38
C PHE C 199 6.67 -36.05 -24.10
N TYR C 200 7.81 -36.74 -24.19
CA TYR C 200 8.64 -36.97 -23.02
C TYR C 200 9.11 -35.65 -22.43
N TYR C 201 9.53 -34.72 -23.29
CA TYR C 201 9.93 -33.40 -22.84
C TYR C 201 8.82 -32.76 -22.03
N LEU C 202 7.69 -32.48 -22.68
CA LEU C 202 6.55 -31.88 -21.98
C LEU C 202 6.32 -32.51 -20.63
N VAL C 203 6.22 -33.85 -20.59
CA VAL C 203 5.88 -34.51 -19.33
C VAL C 203 6.92 -34.19 -18.26
N ILE C 204 8.20 -34.32 -18.61
CA ILE C 204 9.26 -34.18 -17.60
C ILE C 204 9.39 -32.73 -17.15
N SER C 205 9.28 -31.77 -18.08
CA SER C 205 9.36 -30.37 -17.72
C SER C 205 8.25 -29.99 -16.75
N MET C 206 6.99 -30.30 -17.12
CA MET C 206 5.88 -30.00 -16.23
C MET C 206 6.07 -30.70 -14.89
N ALA C 207 6.55 -31.94 -14.92
CA ALA C 207 6.70 -32.71 -13.68
C ALA C 207 7.71 -32.07 -12.75
N VAL C 208 8.87 -31.65 -13.25
CA VAL C 208 9.88 -31.08 -12.37
C VAL C 208 9.40 -29.76 -11.79
N SER C 209 8.89 -28.88 -12.67
CA SER C 209 8.41 -27.59 -12.19
C SER C 209 7.36 -27.77 -11.10
N ASN C 210 6.34 -28.58 -11.39
CA ASN C 210 5.23 -28.72 -10.45
C ASN C 210 5.62 -29.51 -9.21
N SER C 211 6.58 -30.43 -9.32
CA SER C 211 7.01 -31.16 -8.13
C SER C 211 7.68 -30.21 -7.14
N LEU C 212 8.54 -29.32 -7.63
CA LEU C 212 9.16 -28.37 -6.71
C LEU C 212 8.13 -27.43 -6.12
N ASP C 213 7.21 -26.93 -6.95
CA ASP C 213 6.17 -26.04 -6.43
C ASP C 213 5.33 -26.73 -5.37
N VAL C 214 4.96 -27.99 -5.60
CA VAL C 214 4.13 -28.72 -4.66
C VAL C 214 4.89 -29.00 -3.37
N LEU C 215 6.20 -29.21 -3.43
CA LEU C 215 6.96 -29.37 -2.20
C LEU C 215 6.89 -28.10 -1.36
N PHE C 216 7.05 -26.95 -2.02
CA PHE C 216 6.89 -25.67 -1.32
C PHE C 216 5.52 -25.58 -0.64
N CYS C 217 4.47 -25.84 -1.41
CA CYS C 217 3.12 -25.72 -0.88
C CYS C 217 2.84 -26.73 0.23
N SER C 218 3.48 -27.91 0.17
CA SER C 218 3.27 -28.90 1.21
C SER C 218 3.94 -28.48 2.51
N TRP C 219 5.11 -27.86 2.42
CA TRP C 219 5.70 -27.26 3.61
C TRP C 219 4.75 -26.26 4.25
N LEU C 220 4.17 -25.39 3.42
CA LEU C 220 3.23 -24.40 3.95
C LEU C 220 2.00 -25.06 4.57
N LEU C 221 1.49 -26.12 3.93
CA LEU C 221 0.35 -26.84 4.50
C LEU C 221 0.68 -27.39 5.88
N PHE C 222 1.86 -27.99 6.04
CA PHE C 222 2.25 -28.50 7.34
C PHE C 222 2.31 -27.39 8.37
N ALA C 223 2.87 -26.24 7.99
CA ALA C 223 2.93 -25.12 8.93
C ALA C 223 1.53 -24.71 9.37
N CYS C 224 0.60 -24.60 8.41
CA CYS C 224 -0.76 -24.17 8.73
C CYS C 224 -1.45 -25.15 9.67
N GLU C 225 -1.28 -26.45 9.41
CA GLU C 225 -1.91 -27.43 10.29
C GLU C 225 -1.32 -27.39 11.69
N GLN C 226 -0.02 -27.12 11.79
CA GLN C 226 0.58 -26.98 13.13
C GLN C 226 0.02 -25.77 13.85
N LEU C 227 -0.21 -24.67 13.12
CA LEU C 227 -0.83 -23.50 13.74
C LEU C 227 -2.24 -23.82 14.23
N GLN C 228 -3.01 -24.57 13.43
CA GLN C 228 -4.35 -24.97 13.85
C GLN C 228 -4.30 -25.81 15.12
N HIS C 229 -3.34 -26.73 15.21
CA HIS C 229 -3.18 -27.50 16.43
C HIS C 229 -2.88 -26.59 17.61
N LEU C 230 -2.04 -25.58 17.38
CA LEU C 230 -1.69 -24.66 18.46
C LEU C 230 -2.92 -23.94 18.98
N LYS C 231 -3.78 -23.44 18.09
CA LYS C 231 -5.00 -22.77 18.54
C LYS C 231 -5.94 -23.72 19.27
N ALA C 232 -6.14 -24.92 18.70
CA ALA C 232 -7.06 -25.87 19.29
C ALA C 232 -6.64 -26.22 20.71
N ILE C 233 -5.34 -26.34 20.96
CA ILE C 233 -4.91 -26.62 22.33
C ILE C 233 -4.78 -25.36 23.16
N MET C 234 -4.69 -24.19 22.53
CA MET C 234 -4.77 -22.94 23.27
C MET C 234 -6.07 -22.86 24.03
N LYS C 235 -7.15 -23.33 23.41
CA LYS C 235 -8.45 -23.25 24.09
C LYS C 235 -8.47 -23.95 25.44
N PRO C 236 -8.06 -25.22 25.58
CA PRO C 236 -8.10 -25.88 26.90
C PRO C 236 -6.91 -25.58 27.81
N LEU C 237 -5.85 -24.97 27.29
CA LEU C 237 -4.71 -24.60 28.13
C LEU C 237 -5.15 -23.66 29.26
N MET C 238 -5.92 -22.62 28.93
CA MET C 238 -6.36 -21.69 29.95
C MET C 238 -7.24 -22.39 30.99
N GLU C 239 -8.20 -23.20 30.53
CA GLU C 239 -9.02 -23.94 31.49
C GLU C 239 -8.17 -24.80 32.39
N LEU C 240 -7.04 -25.29 31.88
CA LEU C 240 -6.07 -25.96 32.73
C LEU C 240 -5.51 -25.00 33.77
N SER C 241 -5.27 -23.75 33.38
CA SER C 241 -4.73 -22.77 34.34
C SER C 241 -5.78 -22.27 35.31
N ALA C 242 -7.02 -22.12 34.84
CA ALA C 242 -8.08 -21.54 35.67
C ALA C 242 -8.56 -22.56 36.70
N THR C 243 -8.51 -22.18 37.97
CA THR C 243 -8.95 -23.06 39.03
C THR C 243 -8.83 -22.36 40.39
N GLY C 313 -5.10 -19.35 43.33
CA GLY C 313 -5.97 -20.46 43.67
C GLY C 313 -5.51 -21.77 43.07
N LEU C 314 -4.19 -21.92 42.93
CA LEU C 314 -3.58 -23.14 42.41
C LEU C 314 -2.58 -23.69 43.42
N THR C 315 -2.56 -25.00 43.55
CA THR C 315 -1.53 -25.66 44.35
C THR C 315 -0.24 -25.76 43.53
N LYS C 316 0.84 -26.16 44.22
CA LYS C 316 2.13 -26.22 43.55
C LYS C 316 2.08 -27.09 42.31
N LYS C 317 1.44 -28.26 42.40
CA LYS C 317 1.40 -29.19 41.28
C LYS C 317 0.67 -28.57 40.09
N GLN C 318 -0.45 -27.87 40.36
CA GLN C 318 -1.17 -27.22 39.28
C GLN C 318 -0.31 -26.12 38.64
N GLU C 319 0.45 -25.38 39.45
CA GLU C 319 1.33 -24.37 38.91
C GLU C 319 2.38 -24.99 37.99
N MET C 320 2.99 -26.10 38.41
CA MET C 320 3.94 -26.78 37.54
C MET C 320 3.28 -27.25 36.26
N LEU C 321 2.04 -27.75 36.35
CA LEU C 321 1.35 -28.22 35.16
C LEU C 321 1.08 -27.09 34.19
N VAL C 322 0.66 -25.93 34.70
CA VAL C 322 0.43 -24.78 33.83
C VAL C 322 1.74 -24.33 33.20
N ARG C 323 2.82 -24.34 33.98
CA ARG C 323 4.11 -23.95 33.44
C ARG C 323 4.52 -24.88 32.31
N SER C 324 4.33 -26.18 32.49
CA SER C 324 4.66 -27.15 31.45
C SER C 324 3.82 -26.93 30.21
N ALA C 325 2.52 -26.65 30.38
CA ALA C 325 1.66 -26.41 29.23
C ALA C 325 2.09 -25.17 28.46
N ILE C 326 2.42 -24.09 29.19
CA ILE C 326 2.87 -22.86 28.53
C ILE C 326 4.19 -23.10 27.81
N LYS C 327 5.10 -23.84 28.45
CA LYS C 327 6.36 -24.19 27.81
C LYS C 327 6.11 -24.93 26.51
N TYR C 328 5.25 -25.95 26.54
CA TYR C 328 4.94 -26.70 25.33
C TYR C 328 4.39 -25.78 24.25
N TRP C 329 3.43 -24.93 24.60
CA TRP C 329 2.81 -24.07 23.62
C TRP C 329 3.84 -23.15 22.96
N VAL C 330 4.64 -22.47 23.78
CA VAL C 330 5.58 -21.50 23.24
C VAL C 330 6.65 -22.18 22.39
N GLU C 331 7.17 -23.32 22.87
CA GLU C 331 8.21 -24.01 22.12
C GLU C 331 7.69 -24.51 20.78
N ARG C 332 6.47 -25.04 20.75
CA ARG C 332 5.90 -25.48 19.47
C ARG C 332 5.70 -24.29 18.53
N HIS C 333 5.26 -23.15 19.07
CA HIS C 333 5.11 -21.97 18.22
C HIS C 333 6.45 -21.56 17.62
N LYS C 334 7.51 -21.59 18.43
CA LYS C 334 8.83 -21.24 17.92
C LYS C 334 9.28 -22.23 16.85
N HIS C 335 8.98 -23.52 17.05
CA HIS C 335 9.31 -24.53 16.04
C HIS C 335 8.63 -24.22 14.72
N VAL C 336 7.35 -23.85 14.77
CA VAL C 336 6.63 -23.49 13.54
C VAL C 336 7.30 -22.30 12.87
N VAL C 337 7.73 -21.32 13.66
CA VAL C 337 8.38 -20.14 13.08
C VAL C 337 9.69 -20.53 12.41
N ARG C 338 10.45 -21.44 13.03
CA ARG C 338 11.68 -21.93 12.41
C ARG C 338 11.40 -22.54 11.05
N LEU C 339 10.43 -23.45 11.00
CA LEU C 339 10.09 -24.08 9.73
C LEU C 339 9.72 -23.04 8.70
N VAL C 340 8.94 -22.04 9.09
CA VAL C 340 8.51 -21.02 8.15
C VAL C 340 9.72 -20.26 7.61
N THR C 341 10.68 -19.93 8.48
CA THR C 341 11.86 -19.18 8.03
C THR C 341 12.67 -19.99 7.02
N ALA C 342 12.87 -21.28 7.27
CA ALA C 342 13.64 -22.10 6.35
C ALA C 342 12.96 -22.18 4.97
N VAL C 343 11.67 -22.49 4.98
CA VAL C 343 10.91 -22.54 3.73
C VAL C 343 11.01 -21.20 3.02
N GLY C 344 10.92 -20.11 3.79
CA GLY C 344 10.99 -18.78 3.21
C GLY C 344 12.30 -18.56 2.48
N ASP C 345 13.42 -18.87 3.14
CA ASP C 345 14.71 -18.72 2.46
C ASP C 345 14.70 -19.40 1.11
N ALA C 346 14.56 -20.73 1.14
CA ALA C 346 14.75 -21.51 -0.07
C ALA C 346 13.78 -21.07 -1.17
N TYR C 347 12.50 -21.25 -0.92
CA TYR C 347 11.65 -20.94 -2.04
C TYR C 347 11.39 -19.45 -2.19
N GLY C 348 11.97 -18.59 -1.35
CA GLY C 348 11.90 -17.17 -1.63
C GLY C 348 12.78 -16.80 -2.79
N VAL C 349 14.02 -17.30 -2.78
CA VAL C 349 14.82 -17.10 -3.98
C VAL C 349 14.14 -17.75 -5.18
N ALA C 350 13.57 -18.95 -4.98
CA ALA C 350 12.92 -19.64 -6.10
C ALA C 350 11.78 -18.80 -6.69
N LEU C 351 10.90 -18.26 -5.83
CA LEU C 351 9.76 -17.48 -6.31
C LEU C 351 10.19 -16.18 -6.97
N LEU C 352 11.23 -15.53 -6.43
CA LEU C 352 11.73 -14.35 -7.12
C LEU C 352 12.02 -14.67 -8.58
N LEU C 353 12.77 -15.74 -8.82
CA LEU C 353 13.07 -16.11 -10.21
C LEU C 353 11.79 -16.43 -10.99
N HIS C 354 10.89 -17.19 -10.37
CA HIS C 354 9.68 -17.63 -11.04
C HIS C 354 8.88 -16.44 -11.56
N MET C 355 8.62 -15.47 -10.69
CA MET C 355 7.78 -14.34 -11.09
C MET C 355 8.52 -13.40 -12.03
N LEU C 356 9.85 -13.30 -11.89
CA LEU C 356 10.59 -12.55 -12.88
C LEU C 356 10.35 -13.09 -14.29
N THR C 357 10.30 -14.42 -14.43
CA THR C 357 10.01 -15.00 -15.74
C THR C 357 8.54 -14.79 -16.13
N THR C 358 7.63 -15.00 -15.17
CA THR C 358 6.21 -14.94 -15.45
C THR C 358 5.78 -13.55 -15.92
N THR C 359 6.45 -12.50 -15.47
CA THR C 359 6.06 -11.15 -15.87
C THR C 359 6.22 -10.96 -17.38
N ILE C 360 7.39 -11.29 -17.91
CA ILE C 360 7.60 -11.18 -19.35
C ILE C 360 6.65 -12.12 -20.09
N THR C 361 6.46 -13.33 -19.54
CA THR C 361 5.53 -14.26 -20.18
C THR C 361 4.16 -13.62 -20.34
N LEU C 362 3.65 -12.99 -19.28
CA LEU C 362 2.30 -12.43 -19.31
C LEU C 362 2.22 -11.21 -20.21
N THR C 363 3.29 -10.41 -20.26
CA THR C 363 3.30 -9.29 -21.21
C THR C 363 3.14 -9.79 -22.64
N LEU C 364 3.95 -10.77 -23.03
CA LEU C 364 3.84 -11.30 -24.38
C LEU C 364 2.48 -11.94 -24.61
N LEU C 365 1.92 -12.58 -23.57
CA LEU C 365 0.62 -13.23 -23.72
C LEU C 365 -0.49 -12.21 -23.91
N ALA C 366 -0.41 -11.06 -23.22
CA ALA C 366 -1.40 -10.02 -23.44
C ALA C 366 -1.33 -9.50 -24.87
N TYR C 367 -0.11 -9.27 -25.38
CA TYR C 367 -0.03 -8.86 -26.78
C TYR C 367 -0.61 -9.91 -27.69
N GLN C 368 -0.35 -11.19 -27.42
CA GLN C 368 -0.87 -12.25 -28.27
C GLN C 368 -2.40 -12.28 -28.22
N ALA C 369 -2.97 -12.15 -27.02
CA ALA C 369 -4.42 -12.14 -26.87
C ALA C 369 -5.04 -10.98 -27.62
N THR C 370 -4.29 -9.88 -27.77
CA THR C 370 -4.81 -8.78 -28.57
C THR C 370 -5.11 -9.20 -30.01
N LYS C 371 -4.53 -10.31 -30.47
CA LYS C 371 -4.71 -10.77 -31.85
C LYS C 371 -5.86 -11.76 -32.02
N VAL C 372 -6.51 -12.17 -30.94
CA VAL C 372 -7.55 -13.20 -31.04
C VAL C 372 -8.74 -12.66 -31.84
N ASN C 373 -9.30 -13.52 -32.69
CA ASN C 373 -10.45 -13.14 -33.51
C ASN C 373 -11.48 -14.27 -33.60
N GLY C 374 -11.61 -15.06 -32.52
CA GLY C 374 -12.62 -16.10 -32.46
C GLY C 374 -12.18 -17.47 -32.91
N VAL C 375 -10.99 -17.60 -33.52
CA VAL C 375 -10.53 -18.89 -34.00
C VAL C 375 -10.29 -19.82 -32.82
N ASN C 376 -10.66 -21.10 -32.99
CA ASN C 376 -10.60 -22.04 -31.88
C ASN C 376 -9.16 -22.35 -31.48
N VAL C 377 -8.31 -22.67 -32.44
CA VAL C 377 -6.97 -23.14 -32.11
C VAL C 377 -6.14 -22.01 -31.51
N TYR C 378 -6.12 -20.84 -32.16
CA TYR C 378 -5.33 -19.72 -31.66
C TYR C 378 -5.80 -19.31 -30.28
N ALA C 379 -7.10 -19.07 -30.14
CA ALA C 379 -7.64 -18.69 -28.84
C ALA C 379 -7.42 -19.78 -27.81
N ALA C 380 -7.59 -21.05 -28.20
CA ALA C 380 -7.36 -22.13 -27.27
C ALA C 380 -5.94 -22.07 -26.72
N THR C 381 -4.96 -21.91 -27.60
CA THR C 381 -3.56 -21.88 -27.17
C THR C 381 -3.30 -20.69 -26.26
N VAL C 382 -3.81 -19.51 -26.62
CA VAL C 382 -3.54 -18.31 -25.82
C VAL C 382 -4.14 -18.46 -24.43
N ILE C 383 -5.40 -18.89 -24.35
CA ILE C 383 -6.02 -19.06 -23.04
C ILE C 383 -5.36 -20.18 -22.26
N GLY C 384 -4.84 -21.21 -22.93
CA GLY C 384 -4.11 -22.24 -22.20
C GLY C 384 -2.85 -21.70 -21.55
N TYR C 385 -2.08 -20.91 -22.30
CA TYR C 385 -0.87 -20.31 -21.74
C TYR C 385 -1.22 -19.42 -20.56
N LEU C 386 -2.22 -18.56 -20.73
CA LEU C 386 -2.62 -17.66 -19.65
C LEU C 386 -3.05 -18.46 -18.43
N LEU C 387 -3.85 -19.51 -18.65
CA LEU C 387 -4.35 -20.29 -17.52
C LEU C 387 -3.22 -20.97 -16.77
N TYR C 388 -2.25 -21.54 -17.49
CA TYR C 388 -1.14 -22.21 -16.81
C TYR C 388 -0.31 -21.22 -16.00
N THR C 389 0.05 -20.08 -16.62
CA THR C 389 0.85 -19.10 -15.91
C THR C 389 0.15 -18.60 -14.65
N LEU C 390 -1.10 -18.16 -14.81
CA LEU C 390 -1.83 -17.64 -13.67
C LEU C 390 -2.13 -18.74 -12.65
N GLY C 391 -2.22 -20.00 -13.08
CA GLY C 391 -2.44 -21.08 -12.15
C GLY C 391 -1.23 -21.33 -11.25
N GLN C 392 -0.03 -21.26 -11.82
CA GLN C 392 1.16 -21.38 -10.98
C GLN C 392 1.23 -20.25 -9.97
N VAL C 393 1.07 -19.01 -10.45
CA VAL C 393 1.08 -17.88 -9.54
C VAL C 393 0.00 -18.05 -8.46
N PHE C 394 -1.17 -18.53 -8.86
CA PHE C 394 -2.30 -18.64 -7.94
C PHE C 394 -2.07 -19.71 -6.90
N LEU C 395 -1.40 -20.80 -7.26
CA LEU C 395 -1.08 -21.82 -6.27
C LEU C 395 -0.16 -21.25 -5.19
N PHE C 396 0.91 -20.59 -5.62
CA PHE C 396 1.82 -19.99 -4.64
C PHE C 396 1.08 -19.02 -3.74
N CYS C 397 0.23 -18.18 -4.35
CA CYS C 397 -0.47 -17.16 -3.58
C CYS C 397 -1.49 -17.77 -2.63
N ILE C 398 -2.20 -18.81 -3.06
CA ILE C 398 -3.16 -19.46 -2.18
C ILE C 398 -2.48 -19.90 -0.90
N PHE C 399 -1.35 -20.59 -1.03
CA PHE C 399 -0.77 -21.15 0.19
C PHE C 399 -0.04 -20.10 1.03
N GLY C 400 0.56 -19.10 0.41
CA GLY C 400 1.11 -17.99 1.19
C GLY C 400 0.03 -17.28 1.98
N ASN C 401 -1.09 -16.98 1.34
CA ASN C 401 -2.19 -16.32 2.02
C ASN C 401 -2.73 -17.19 3.15
N ARG C 402 -2.77 -18.50 2.94
CA ARG C 402 -3.24 -19.38 4.01
C ARG C 402 -2.33 -19.28 5.23
N LEU C 403 -1.01 -19.24 5.02
CA LEU C 403 -0.10 -19.09 6.16
C LEU C 403 -0.34 -17.77 6.89
N ILE C 404 -0.47 -16.68 6.14
CA ILE C 404 -0.73 -15.38 6.75
C ILE C 404 -1.99 -15.42 7.60
N GLU C 405 -3.07 -15.94 7.02
CA GLU C 405 -4.35 -15.99 7.73
C GLU C 405 -4.25 -16.88 8.96
N GLU C 406 -3.51 -17.98 8.88
CA GLU C 406 -3.41 -18.86 10.02
C GLU C 406 -2.70 -18.19 11.19
N SER C 407 -1.65 -17.42 10.91
CA SER C 407 -0.97 -16.71 12.00
C SER C 407 -1.87 -15.65 12.64
N SER C 408 -2.52 -14.83 11.81
CA SER C 408 -3.43 -13.85 12.37
C SER C 408 -4.54 -14.53 13.19
N SER C 409 -5.09 -15.62 12.67
CA SER C 409 -6.09 -16.36 13.42
C SER C 409 -5.51 -16.93 14.70
N VAL C 410 -4.21 -17.18 14.75
CA VAL C 410 -3.60 -17.58 16.02
C VAL C 410 -3.78 -16.48 17.03
N MET C 411 -3.59 -15.22 16.58
CA MET C 411 -3.89 -14.11 17.49
C MET C 411 -5.33 -14.17 17.98
N GLU C 412 -6.26 -14.28 17.04
CA GLU C 412 -7.68 -14.23 17.40
C GLU C 412 -8.05 -15.37 18.35
N ALA C 413 -7.45 -16.56 18.17
CA ALA C 413 -7.74 -17.69 19.04
C ALA C 413 -7.04 -17.56 20.38
N ALA C 414 -5.95 -16.80 20.44
CA ALA C 414 -5.35 -16.47 21.73
C ALA C 414 -6.27 -15.57 22.53
N TYR C 415 -6.94 -14.64 21.86
CA TYR C 415 -7.86 -13.73 22.55
C TYR C 415 -9.09 -14.46 23.07
N SER C 416 -9.67 -15.34 22.26
CA SER C 416 -11.00 -15.89 22.52
C SER C 416 -10.91 -17.21 23.28
N CYS C 417 -10.47 -17.09 24.53
CA CYS C 417 -10.55 -18.19 25.49
C CYS C 417 -10.92 -17.58 26.83
N HIS C 418 -10.89 -18.41 27.88
CA HIS C 418 -11.31 -17.97 29.21
C HIS C 418 -10.09 -17.51 30.02
N TRP C 419 -9.41 -16.51 29.48
CA TRP C 419 -8.23 -15.96 30.16
C TRP C 419 -8.59 -15.06 31.33
N TYR C 420 -9.86 -14.69 31.48
CA TYR C 420 -10.26 -13.86 32.61
C TYR C 420 -10.43 -14.66 33.89
N ASP C 421 -10.35 -16.00 33.82
CA ASP C 421 -10.31 -16.84 35.00
C ASP C 421 -8.93 -17.42 35.26
N GLY C 422 -7.99 -17.29 34.32
CA GLY C 422 -6.69 -17.88 34.49
C GLY C 422 -5.85 -17.13 35.50
N SER C 423 -4.77 -17.78 35.94
CA SER C 423 -3.83 -17.17 36.85
C SER C 423 -3.07 -16.06 36.13
N GLU C 424 -2.22 -15.35 36.90
CA GLU C 424 -1.48 -14.24 36.32
C GLU C 424 -0.50 -14.71 35.27
N GLU C 425 0.17 -15.84 35.50
CA GLU C 425 1.14 -16.35 34.55
C GLU C 425 0.47 -16.66 33.21
N ALA C 426 -0.70 -17.31 33.24
CA ALA C 426 -1.39 -17.62 32.00
C ALA C 426 -1.80 -16.37 31.25
N LYS C 427 -2.26 -15.35 31.98
CA LYS C 427 -2.65 -14.11 31.32
C LYS C 427 -1.44 -13.41 30.69
N THR C 428 -0.30 -13.41 31.39
CA THR C 428 0.92 -12.85 30.82
C THR C 428 1.32 -13.60 29.55
N PHE C 429 1.23 -14.92 29.58
CA PHE C 429 1.53 -15.71 28.39
C PHE C 429 0.60 -15.34 27.24
N VAL C 430 -0.69 -15.12 27.55
CA VAL C 430 -1.63 -14.69 26.53
C VAL C 430 -1.21 -13.35 25.94
N GLN C 431 -0.81 -12.41 26.79
CA GLN C 431 -0.42 -11.08 26.32
C GLN C 431 0.78 -11.17 25.38
N ILE C 432 1.79 -11.94 25.77
CA ILE C 432 3.00 -12.02 24.96
C ILE C 432 2.70 -12.72 23.64
N VAL C 433 1.87 -13.76 23.66
CA VAL C 433 1.51 -14.42 22.41
C VAL C 433 0.77 -13.46 21.49
N CYS C 434 -0.17 -12.67 22.05
CA CYS C 434 -0.90 -11.71 21.22
C CYS C 434 0.03 -10.64 20.68
N GLN C 435 1.07 -10.28 21.43
CA GLN C 435 2.09 -9.38 20.90
C GLN C 435 2.78 -10.00 19.71
N GLN C 436 3.19 -11.26 19.83
CA GLN C 436 3.93 -11.90 18.75
C GLN C 436 3.10 -12.00 17.48
N CYS C 437 1.83 -12.39 17.62
CA CYS C 437 0.95 -12.63 16.48
C CYS C 437 0.46 -11.36 15.82
N GLN C 438 1.02 -10.20 16.18
CA GLN C 438 0.58 -8.96 15.56
C GLN C 438 1.00 -8.86 14.11
N LYS C 439 2.11 -9.50 13.75
CA LYS C 439 2.57 -9.58 12.37
C LYS C 439 2.40 -11.01 11.88
N ALA C 440 1.87 -11.16 10.68
CA ALA C 440 1.56 -12.48 10.15
C ALA C 440 2.80 -13.11 9.53
N MET C 441 2.96 -14.42 9.74
CA MET C 441 3.98 -15.16 9.04
C MET C 441 3.74 -15.09 7.54
N SER C 442 4.81 -15.00 6.76
CA SER C 442 4.64 -14.89 5.32
C SER C 442 5.93 -15.34 4.64
N ILE C 443 5.80 -15.66 3.36
CA ILE C 443 6.93 -16.02 2.51
C ILE C 443 7.10 -14.92 1.49
N SER C 444 8.34 -14.46 1.31
CA SER C 444 8.65 -13.37 0.41
C SER C 444 9.58 -13.85 -0.70
N GLY C 445 9.44 -13.24 -1.87
CA GLY C 445 10.31 -13.54 -2.98
C GLY C 445 11.63 -12.80 -2.87
N ALA C 446 12.47 -13.24 -1.94
CA ALA C 446 13.76 -12.59 -1.67
C ALA C 446 13.56 -11.14 -1.26
N LYS C 447 12.60 -10.89 -0.38
CA LYS C 447 12.33 -9.60 0.23
C LYS C 447 11.75 -8.59 -0.75
N PHE C 448 11.61 -8.92 -2.03
CA PHE C 448 11.04 -7.97 -2.99
C PHE C 448 9.53 -7.92 -2.93
N PHE C 449 8.87 -9.01 -2.57
CA PHE C 449 7.42 -9.05 -2.43
C PHE C 449 7.05 -10.18 -1.48
N THR C 450 5.76 -10.33 -1.21
CA THR C 450 5.24 -11.46 -0.47
C THR C 450 4.29 -12.25 -1.38
N VAL C 451 4.16 -13.54 -1.10
CA VAL C 451 3.23 -14.39 -1.82
C VAL C 451 1.91 -14.36 -1.06
N SER C 452 0.90 -13.74 -1.66
CA SER C 452 -0.42 -13.63 -1.09
C SER C 452 -1.39 -13.41 -2.24
N LEU C 453 -2.69 -13.57 -1.95
CA LEU C 453 -3.68 -13.31 -2.98
C LEU C 453 -3.67 -11.85 -3.42
N ASP C 454 -3.12 -10.96 -2.60
CA ASP C 454 -2.93 -9.58 -3.05
C ASP C 454 -1.94 -9.51 -4.20
N LEU C 455 -0.87 -10.29 -4.12
CA LEU C 455 0.09 -10.33 -5.22
C LEU C 455 -0.56 -10.86 -6.49
N PHE C 456 -1.36 -11.91 -6.37
CA PHE C 456 -2.04 -12.46 -7.54
C PHE C 456 -3.01 -11.45 -8.13
N ALA C 457 -3.75 -10.76 -7.26
CA ALA C 457 -4.69 -9.75 -7.74
C ALA C 457 -3.96 -8.62 -8.46
N SER C 458 -2.81 -8.21 -7.94
CA SER C 458 -2.03 -7.16 -8.59
C SER C 458 -1.51 -7.63 -9.94
N VAL C 459 -1.05 -8.88 -10.03
CA VAL C 459 -0.58 -9.42 -11.30
C VAL C 459 -1.72 -9.43 -12.32
N LEU C 460 -2.90 -9.90 -11.90
CA LEU C 460 -4.05 -9.95 -12.78
C LEU C 460 -4.43 -8.55 -13.25
N GLY C 461 -4.48 -7.59 -12.33
CA GLY C 461 -4.80 -6.23 -12.71
C GLY C 461 -3.79 -5.66 -13.70
N ALA C 462 -2.50 -5.93 -13.46
CA ALA C 462 -1.48 -5.42 -14.36
C ALA C 462 -1.65 -5.98 -15.77
N VAL C 463 -1.88 -7.29 -15.88
CA VAL C 463 -2.01 -7.88 -17.21
C VAL C 463 -3.27 -7.37 -17.89
N VAL C 464 -4.38 -7.24 -17.16
CA VAL C 464 -5.62 -6.76 -17.76
C VAL C 464 -5.45 -5.32 -18.23
N THR C 465 -4.85 -4.47 -17.40
CA THR C 465 -4.64 -3.07 -17.77
C THR C 465 -3.73 -2.95 -18.99
N TYR C 466 -2.67 -3.76 -19.03
CA TYR C 466 -1.79 -3.72 -20.19
C TYR C 466 -2.52 -4.15 -21.45
N PHE C 467 -3.38 -5.18 -21.34
CA PHE C 467 -4.16 -5.58 -22.50
C PHE C 467 -5.08 -4.46 -22.97
N MET C 468 -5.73 -3.77 -22.03
CA MET C 468 -6.59 -2.65 -22.40
C MET C 468 -5.80 -1.56 -23.11
N VAL C 469 -4.62 -1.23 -22.58
CA VAL C 469 -3.78 -0.23 -23.22
C VAL C 469 -3.44 -0.67 -24.64
N LEU C 470 -3.10 -1.96 -24.81
CA LEU C 470 -2.72 -2.46 -26.13
C LEU C 470 -3.87 -2.32 -27.12
N VAL C 471 -5.08 -2.71 -26.71
CA VAL C 471 -6.21 -2.62 -27.64
C VAL C 471 -6.50 -1.17 -27.99
N GLN C 472 -6.42 -0.27 -27.00
CA GLN C 472 -6.70 1.13 -27.27
C GLN C 472 -5.68 1.71 -28.24
N LEU C 473 -4.39 1.44 -28.03
CA LEU C 473 -3.36 2.02 -28.87
C LEU C 473 -3.41 1.45 -30.29
N LYS C 474 -3.71 0.16 -30.42
CA LYS C 474 -3.77 -0.49 -31.73
C LYS C 474 -4.67 0.31 -32.67
N LYS D 4 39.99 10.54 14.86
CA LYS D 4 40.62 9.32 14.36
C LYS D 4 40.93 8.36 15.51
N HIS D 5 40.39 8.66 16.68
CA HIS D 5 40.70 7.90 17.89
C HIS D 5 39.48 7.35 18.61
N GLN D 6 38.29 7.89 18.38
CA GLN D 6 37.10 7.49 19.11
C GLN D 6 36.21 6.62 18.24
N GLY D 7 35.22 5.99 18.89
CA GLY D 7 34.40 5.03 18.21
C GLY D 7 33.64 5.63 17.04
N LEU D 8 33.42 4.80 16.02
CA LEU D 8 32.64 5.15 14.84
C LEU D 8 33.41 6.08 13.91
N VAL D 9 34.58 6.56 14.34
CA VAL D 9 35.46 7.32 13.46
C VAL D 9 36.80 6.59 13.39
N ALA D 10 37.13 5.84 14.43
CA ALA D 10 38.21 4.88 14.32
C ALA D 10 37.82 3.73 13.40
N ASP D 11 36.56 3.28 13.49
CA ASP D 11 36.10 2.19 12.64
C ASP D 11 35.96 2.63 11.19
N LEU D 12 35.40 3.81 10.95
CA LEU D 12 35.20 4.32 9.61
C LEU D 12 36.36 5.17 9.12
N LEU D 13 37.52 5.08 9.77
CA LEU D 13 38.62 5.94 9.40
C LEU D 13 39.08 5.75 7.96
N PRO D 14 39.20 4.53 7.44
CA PRO D 14 39.54 4.41 6.01
C PRO D 14 38.55 5.10 5.09
N ASN D 15 37.27 5.01 5.42
CA ASN D 15 36.26 5.69 4.61
C ASN D 15 36.44 7.19 4.66
N ILE D 16 36.72 7.73 5.85
CA ILE D 16 36.92 9.17 6.01
C ILE D 16 38.15 9.63 5.24
N ARG D 17 39.23 8.83 5.27
CA ARG D 17 40.42 9.18 4.51
C ARG D 17 40.15 9.16 3.02
N VAL D 18 39.40 8.17 2.54
CA VAL D 18 39.04 8.16 1.13
C VAL D 18 38.22 9.39 0.78
N MET D 19 37.30 9.78 1.67
CA MET D 19 36.49 10.96 1.42
C MET D 19 37.35 12.21 1.31
N GLN D 20 38.22 12.43 2.30
CA GLN D 20 39.08 13.60 2.28
C GLN D 20 40.00 13.60 1.06
N GLY D 21 40.51 12.44 0.68
CA GLY D 21 41.48 12.39 -0.41
C GLY D 21 40.91 12.86 -1.73
N VAL D 22 39.64 12.52 -2.01
CA VAL D 22 39.03 12.91 -3.28
C VAL D 22 38.55 14.35 -3.28
N GLY D 23 38.78 15.09 -2.20
CA GLY D 23 38.40 16.49 -2.15
C GLY D 23 37.02 16.69 -1.55
N HIS D 24 36.73 15.98 -0.47
CA HIS D 24 35.41 15.99 0.16
C HIS D 24 35.40 16.77 1.45
N PHE D 25 36.15 17.87 1.52
CA PHE D 25 36.17 18.75 2.69
C PHE D 25 36.49 17.89 3.91
N MET D 26 35.65 17.81 4.92
CA MET D 26 35.93 16.99 6.10
C MET D 26 37.22 17.45 6.78
N PHE D 27 37.23 18.71 7.20
CA PHE D 27 38.38 19.26 7.92
C PHE D 27 38.23 19.04 9.42
N ASN D 28 38.20 17.78 9.84
CA ASN D 28 37.98 17.51 11.26
C ASN D 28 38.88 16.45 11.89
N TYR D 29 39.48 15.53 11.13
CA TYR D 29 40.12 14.38 11.76
C TYR D 29 41.58 14.24 11.38
N TYR D 30 42.32 15.34 11.45
CA TYR D 30 43.77 15.31 11.31
C TYR D 30 44.36 16.48 12.08
N SER D 31 45.67 16.43 12.27
CA SER D 31 46.34 17.52 12.97
C SER D 31 46.21 18.82 12.18
N GLU D 32 46.25 19.94 12.90
CA GLU D 32 45.99 21.22 12.28
C GLU D 32 46.99 21.55 11.18
N GLY D 33 48.16 20.90 11.16
CA GLY D 33 49.12 21.16 10.10
C GLY D 33 48.55 20.89 8.73
N LYS D 34 47.71 19.86 8.60
CA LYS D 34 47.05 19.54 7.35
C LYS D 34 45.77 20.33 7.14
N LYS D 35 45.33 21.08 8.14
CA LYS D 35 44.08 21.82 8.03
C LYS D 35 44.12 22.81 6.87
N PHE D 36 45.21 23.56 6.75
CA PHE D 36 45.27 24.60 5.72
C PHE D 36 45.43 24.01 4.33
N PRO D 37 46.51 23.27 4.03
CA PRO D 37 46.72 22.84 2.63
C PRO D 37 45.54 22.07 2.06
N HIS D 38 45.04 21.09 2.82
CA HIS D 38 43.95 20.27 2.34
C HIS D 38 42.79 21.12 1.83
N ARG D 39 42.43 22.15 2.59
CA ARG D 39 41.32 23.01 2.19
C ARG D 39 41.53 23.51 0.77
N ILE D 40 42.70 24.07 0.47
CA ILE D 40 42.94 24.59 -0.87
C ILE D 40 42.67 23.50 -1.90
N TYR D 41 43.21 22.30 -1.65
CA TYR D 41 43.00 21.21 -2.58
C TYR D 41 41.52 21.04 -2.88
N CYS D 42 40.70 20.96 -1.84
CA CYS D 42 39.27 20.77 -2.07
C CYS D 42 38.75 21.81 -3.04
N ILE D 43 39.05 23.08 -2.77
CA ILE D 43 38.53 24.15 -3.62
C ILE D 43 38.90 23.90 -5.06
N VAL D 44 40.19 23.63 -5.31
CA VAL D 44 40.61 23.42 -6.70
C VAL D 44 39.76 22.33 -7.34
N THR D 45 39.63 21.19 -6.64
CA THR D 45 38.85 20.11 -7.20
C THR D 45 37.47 20.61 -7.59
N LEU D 46 36.79 21.26 -6.64
CA LEU D 46 35.46 21.76 -6.92
C LEU D 46 35.49 22.64 -8.16
N LEU D 47 36.39 23.62 -8.17
CA LEU D 47 36.51 24.51 -9.32
C LEU D 47 36.58 23.68 -10.60
N LEU D 48 37.58 22.79 -10.67
CA LEU D 48 37.75 22.01 -11.88
C LEU D 48 36.46 21.32 -12.25
N LEU D 49 35.87 20.60 -11.30
CA LEU D 49 34.59 19.95 -11.56
C LEU D 49 33.63 20.94 -12.20
N LEU D 50 33.32 22.03 -11.48
CA LEU D 50 32.37 22.99 -12.01
C LEU D 50 32.78 23.44 -13.40
N LEU D 51 34.06 23.78 -13.56
CA LEU D 51 34.53 24.20 -14.87
C LEU D 51 34.10 23.20 -15.92
N GLN D 52 34.53 21.95 -15.77
CA GLN D 52 34.16 20.92 -16.74
C GLN D 52 32.65 20.81 -16.83
N TYR D 53 31.97 20.81 -15.69
CA TYR D 53 30.52 20.74 -15.71
C TYR D 53 29.95 21.87 -16.57
N GLY D 54 30.40 23.10 -16.30
CA GLY D 54 29.96 24.20 -17.13
C GLY D 54 30.31 23.98 -18.59
N MET D 55 31.54 23.52 -18.84
CA MET D 55 31.95 23.25 -20.21
C MET D 55 31.03 22.24 -20.87
N MET D 56 30.45 21.33 -20.09
CA MET D 56 29.47 20.40 -20.65
C MET D 56 28.17 21.12 -20.97
N ALA D 57 27.67 21.91 -20.02
CA ALA D 57 26.36 22.54 -20.20
C ALA D 57 26.35 23.43 -21.43
N VAL D 58 27.42 24.20 -21.63
CA VAL D 58 27.51 25.06 -22.81
C VAL D 58 27.31 24.24 -24.06
N ASN D 59 27.94 23.06 -24.14
CA ASN D 59 27.77 22.22 -25.32
C ASN D 59 26.30 21.88 -25.53
N LEU D 60 25.61 21.51 -24.45
CA LEU D 60 24.21 21.13 -24.56
C LEU D 60 23.37 22.25 -25.15
N MET D 61 23.84 23.49 -25.08
CA MET D 61 23.09 24.59 -25.65
C MET D 61 23.11 24.54 -27.18
N MET D 62 24.28 24.28 -27.78
CA MET D 62 24.34 24.22 -29.23
C MET D 62 24.02 22.85 -29.79
N GLU D 63 23.77 21.86 -28.92
CA GLU D 63 23.30 20.55 -29.35
C GLU D 63 21.79 20.39 -29.14
N SER D 64 21.06 21.50 -29.00
CA SER D 64 19.64 21.47 -28.70
C SER D 64 18.76 21.47 -29.94
N ASP D 65 19.31 21.67 -31.13
CA ASP D 65 18.48 21.65 -32.33
C ASP D 65 17.86 20.28 -32.54
N ASP D 66 18.61 19.22 -32.24
CA ASP D 66 18.11 17.85 -32.29
C ASP D 66 17.72 17.39 -30.89
N VAL D 67 16.92 16.32 -30.84
CA VAL D 67 16.31 15.89 -29.58
C VAL D 67 17.04 14.66 -29.04
N ASP D 68 17.57 13.83 -29.93
CA ASP D 68 18.32 12.66 -29.47
C ASP D 68 19.58 13.05 -28.72
N ASP D 69 20.38 13.93 -29.32
CA ASP D 69 21.57 14.42 -28.63
C ASP D 69 21.19 15.25 -27.42
N LEU D 70 20.06 15.95 -27.47
CA LEU D 70 19.59 16.67 -26.29
C LEU D 70 19.32 15.70 -25.14
N THR D 71 18.70 14.56 -25.43
CA THR D 71 18.46 13.56 -24.38
C THR D 71 19.78 13.00 -23.86
N ALA D 72 20.71 12.70 -24.76
CA ALA D 72 21.99 12.16 -24.33
C ALA D 72 22.71 13.15 -23.41
N ASN D 73 22.76 14.41 -23.82
CA ASN D 73 23.43 15.43 -23.03
C ASN D 73 22.73 15.63 -21.69
N THR D 74 21.41 15.61 -21.68
CA THR D 74 20.70 15.76 -20.40
C THR D 74 21.01 14.62 -19.46
N ILE D 75 21.09 13.39 -19.99
CA ILE D 75 21.38 12.24 -19.13
C ILE D 75 22.78 12.36 -18.55
N THR D 76 23.75 12.73 -19.38
CA THR D 76 25.10 12.92 -18.87
C THR D 76 25.13 14.03 -17.81
N MET D 77 24.40 15.11 -18.07
CA MET D 77 24.40 16.24 -17.15
C MET D 77 23.81 15.85 -15.79
N LEU D 78 22.76 15.03 -15.78
CA LEU D 78 22.21 14.60 -14.50
C LEU D 78 23.15 13.62 -13.80
N PHE D 79 23.70 12.67 -14.56
CA PHE D 79 24.67 11.74 -14.00
C PHE D 79 25.79 12.48 -13.28
N PHE D 80 26.31 13.53 -13.90
CA PHE D 80 27.38 14.32 -13.30
C PHE D 80 26.88 15.42 -12.39
N LEU D 81 25.57 15.66 -12.35
CA LEU D 81 25.00 16.53 -11.33
C LEU D 81 25.00 15.85 -9.98
N HIS D 82 24.84 14.53 -9.95
CA HIS D 82 24.86 13.82 -8.67
C HIS D 82 26.08 14.16 -7.82
N PRO D 83 27.32 14.04 -8.31
CA PRO D 83 28.47 14.31 -7.44
C PRO D 83 28.59 15.75 -7.01
N ILE D 84 28.23 16.71 -7.87
CA ILE D 84 28.30 18.12 -7.48
C ILE D 84 27.34 18.39 -6.33
N VAL D 85 26.12 17.86 -6.42
CA VAL D 85 25.15 18.06 -5.36
C VAL D 85 25.66 17.43 -4.06
N LYS D 86 26.21 16.23 -4.14
CA LYS D 86 26.73 15.59 -2.93
C LYS D 86 27.88 16.41 -2.33
N MET D 87 28.78 16.88 -3.19
CA MET D 87 29.95 17.62 -2.76
C MET D 87 29.56 18.92 -2.06
N ILE D 88 28.61 19.64 -2.62
CA ILE D 88 28.14 20.87 -1.98
C ILE D 88 27.31 20.54 -0.73
N TYR D 89 26.54 19.45 -0.77
CA TYR D 89 25.64 19.13 0.33
C TYR D 89 26.38 18.80 1.60
N PHE D 90 27.52 18.11 1.52
CA PHE D 90 28.20 17.74 2.76
C PHE D 90 28.62 18.95 3.58
N PRO D 91 29.36 19.93 3.04
CA PRO D 91 29.85 21.01 3.90
C PRO D 91 28.77 21.82 4.58
N VAL D 92 27.63 22.07 3.91
CA VAL D 92 26.58 22.85 4.54
C VAL D 92 25.99 22.08 5.71
N ARG D 93 25.92 20.75 5.60
CA ARG D 93 25.39 19.89 6.65
C ARG D 93 26.48 19.21 7.46
N SER D 94 27.72 19.68 7.38
CA SER D 94 28.83 18.99 8.05
C SER D 94 28.64 18.89 9.55
N LYS D 95 27.91 19.83 10.16
CA LYS D 95 27.74 19.81 11.61
C LYS D 95 27.01 18.55 12.05
N ILE D 96 25.92 18.20 11.35
CA ILE D 96 25.19 16.99 11.72
C ILE D 96 25.99 15.74 11.37
N PHE D 97 26.82 15.80 10.33
CA PHE D 97 27.67 14.66 10.01
C PHE D 97 28.67 14.37 11.12
N TYR D 98 29.33 15.41 11.64
CA TYR D 98 30.23 15.21 12.76
C TYR D 98 29.48 14.76 14.01
N LYS D 99 28.29 15.33 14.24
CA LYS D 99 27.46 14.89 15.35
C LYS D 99 27.16 13.39 15.25
N THR D 100 26.83 12.92 14.04
CA THR D 100 26.57 11.50 13.83
C THR D 100 27.82 10.68 14.08
N LEU D 101 28.96 11.11 13.56
CA LEU D 101 30.19 10.35 13.71
C LEU D 101 30.65 10.29 15.16
N ALA D 102 30.20 11.21 16.01
CA ALA D 102 30.61 11.23 17.41
C ALA D 102 29.59 10.58 18.34
N ILE D 103 28.64 9.81 17.79
CA ILE D 103 27.57 9.25 18.61
C ILE D 103 28.11 8.20 19.57
N TRP D 104 28.93 7.27 19.07
CA TRP D 104 29.27 6.06 19.81
C TRP D 104 30.56 6.18 20.60
N ASN D 105 30.91 7.38 21.05
CA ASN D 105 32.19 7.58 21.74
C ASN D 105 32.18 7.01 23.15
N ASN D 106 31.03 6.95 23.81
CA ASN D 106 30.92 6.47 25.18
C ASN D 106 29.81 5.44 25.29
N PRO D 107 30.05 4.20 24.86
CA PRO D 107 29.02 3.17 24.93
C PRO D 107 28.76 2.73 26.36
N ASN D 108 27.75 1.86 26.50
CA ASN D 108 27.50 1.18 27.75
C ASN D 108 28.41 -0.03 27.88
N SER D 109 28.40 -0.66 29.05
CA SER D 109 29.23 -1.83 29.27
C SER D 109 28.65 -2.68 30.40
N HIS D 110 28.62 -3.99 30.18
CA HIS D 110 28.29 -4.95 31.22
C HIS D 110 29.31 -6.08 31.20
N PRO D 111 29.74 -6.57 32.37
CA PRO D 111 30.76 -7.64 32.36
C PRO D 111 30.36 -8.87 31.56
N LEU D 112 29.09 -9.28 31.64
CA LEU D 112 28.67 -10.53 31.01
C LEU D 112 28.51 -10.42 29.51
N PHE D 113 28.22 -9.22 28.99
CA PHE D 113 27.95 -9.04 27.57
C PHE D 113 29.11 -8.38 26.84
N ALA D 114 30.32 -8.44 27.42
CA ALA D 114 31.48 -7.85 26.76
C ALA D 114 31.94 -8.68 25.58
N GLU D 115 31.92 -10.01 25.72
CA GLU D 115 32.39 -10.88 24.64
C GLU D 115 31.58 -10.67 23.37
N SER D 116 30.25 -10.72 23.49
CA SER D 116 29.40 -10.54 22.31
C SER D 116 29.58 -9.15 21.72
N ASN D 117 29.75 -8.15 22.59
CA ASN D 117 29.93 -6.79 22.11
C ASN D 117 31.18 -6.69 21.26
N ALA D 118 32.30 -7.23 21.75
CA ALA D 118 33.54 -7.18 20.99
C ALA D 118 33.40 -7.95 19.69
N ARG D 119 32.80 -9.14 19.74
CA ARG D 119 32.66 -9.95 18.54
C ARG D 119 31.87 -9.21 17.47
N PHE D 120 30.75 -8.61 17.85
CA PHE D 120 29.89 -7.97 16.86
C PHE D 120 30.46 -6.63 16.40
N HIS D 121 31.22 -5.94 17.25
CA HIS D 121 31.93 -4.76 16.81
C HIS D 121 32.96 -5.11 15.74
N ALA D 122 33.73 -6.17 15.97
CA ALA D 122 34.70 -6.60 14.98
C ALA D 122 34.01 -7.01 13.68
N LEU D 123 32.89 -7.72 13.78
CA LEU D 123 32.15 -8.11 12.58
C LEU D 123 31.67 -6.88 11.82
N ALA D 124 31.18 -5.87 12.53
CA ALA D 124 30.74 -4.65 11.87
C ALA D 124 31.90 -3.98 11.14
N ILE D 125 33.06 -3.91 11.77
CA ILE D 125 34.22 -3.30 11.12
C ILE D 125 34.57 -4.04 9.85
N THR D 126 34.60 -5.37 9.91
CA THR D 126 34.94 -6.16 8.73
C THR D 126 33.94 -5.90 7.61
N LYS D 127 32.66 -5.85 7.93
CA LYS D 127 31.66 -5.63 6.89
C LYS D 127 31.77 -4.23 6.28
N MET D 128 32.08 -3.22 7.10
CA MET D 128 32.30 -1.89 6.54
C MET D 128 33.46 -1.88 5.56
N ARG D 129 34.57 -2.53 5.92
CA ARG D 129 35.71 -2.58 5.01
C ARG D 129 35.33 -3.30 3.72
N ARG D 130 34.59 -4.40 3.83
CA ARG D 130 34.16 -5.13 2.64
C ARG D 130 33.32 -4.24 1.73
N LEU D 131 32.37 -3.51 2.30
CA LEU D 131 31.52 -2.64 1.49
C LEU D 131 32.34 -1.55 0.81
N LEU D 132 33.26 -0.94 1.55
CA LEU D 132 34.10 0.10 0.97
C LEU D 132 34.87 -0.44 -0.23
N PHE D 133 35.52 -1.60 -0.06
CA PHE D 133 36.32 -2.15 -1.15
C PHE D 133 35.44 -2.52 -2.35
N CYS D 134 34.26 -3.10 -2.10
CA CYS D 134 33.40 -3.49 -3.20
C CYS D 134 32.97 -2.27 -4.02
N VAL D 135 32.55 -1.20 -3.35
CA VAL D 135 32.10 -0.02 -4.08
C VAL D 135 33.27 0.66 -4.79
N ALA D 136 34.45 0.67 -4.17
CA ALA D 136 35.62 1.22 -4.84
C ALA D 136 35.93 0.46 -6.11
N GLY D 137 35.89 -0.87 -6.05
CA GLY D 137 36.12 -1.67 -7.24
C GLY D 137 35.08 -1.39 -8.32
N ALA D 138 33.81 -1.25 -7.91
CA ALA D 138 32.77 -0.96 -8.89
C ALA D 138 33.01 0.38 -9.57
N THR D 139 33.43 1.39 -8.80
CA THR D 139 33.72 2.70 -9.37
C THR D 139 34.87 2.63 -10.37
N ILE D 140 35.95 1.93 -9.99
CA ILE D 140 37.09 1.81 -10.89
C ILE D 140 36.69 1.09 -12.17
N PHE D 141 35.90 0.02 -12.04
CA PHE D 141 35.41 -0.68 -13.21
C PHE D 141 34.58 0.23 -14.10
N SER D 142 33.72 1.06 -13.50
CA SER D 142 32.90 1.97 -14.28
C SER D 142 33.75 2.96 -15.06
N VAL D 143 34.77 3.52 -14.41
CA VAL D 143 35.64 4.47 -15.10
C VAL D 143 36.36 3.80 -16.26
N ILE D 144 36.89 2.59 -16.02
CA ILE D 144 37.62 1.88 -17.06
C ILE D 144 36.70 1.57 -18.22
N SER D 145 35.49 1.11 -17.94
CA SER D 145 34.53 0.81 -19.01
C SER D 145 34.19 2.07 -19.80
N TRP D 146 33.99 3.19 -19.11
CA TRP D 146 33.71 4.44 -19.81
C TRP D 146 34.82 4.77 -20.79
N THR D 147 36.07 4.75 -20.32
CA THR D 147 37.18 5.09 -21.20
C THR D 147 37.30 4.11 -22.36
N GLY D 148 37.19 2.81 -22.08
CA GLY D 148 37.29 1.82 -23.14
C GLY D 148 36.22 2.00 -24.20
N ILE D 149 34.97 2.14 -23.77
CA ILE D 149 33.89 2.35 -24.73
C ILE D 149 34.16 3.59 -25.56
N THR D 150 34.59 4.66 -24.92
CA THR D 150 34.88 5.89 -25.66
C THR D 150 35.96 5.66 -26.70
N PHE D 151 36.86 4.72 -26.44
CA PHE D 151 37.96 4.50 -27.40
C PHE D 151 37.59 3.53 -28.52
N ILE D 152 36.74 2.54 -28.26
CA ILE D 152 36.41 1.58 -29.31
C ILE D 152 35.36 2.14 -30.27
N GLU D 153 34.48 3.01 -29.79
CA GLU D 153 33.39 3.51 -30.62
C GLU D 153 33.93 4.40 -31.73
N ASP D 154 33.01 4.90 -32.55
CA ASP D 154 33.35 5.83 -33.63
C ASP D 154 32.88 7.22 -33.25
N SER D 155 33.79 8.20 -33.33
CA SER D 155 33.46 9.59 -33.02
C SER D 155 33.07 10.28 -34.33
N VAL D 156 31.78 10.26 -34.62
CA VAL D 156 31.25 10.91 -35.82
C VAL D 156 29.86 11.42 -35.51
N LYS D 157 29.50 12.54 -36.12
CA LYS D 157 28.21 13.17 -35.92
C LYS D 157 27.48 13.28 -37.25
N ARG D 158 26.15 13.17 -37.19
CA ARG D 158 25.29 13.21 -38.37
C ARG D 158 24.77 14.63 -38.57
N ILE D 159 24.93 15.15 -39.78
CA ILE D 159 24.44 16.49 -40.11
C ILE D 159 23.65 16.45 -41.40
N THR D 168 24.82 13.95 -43.47
CA THR D 168 26.24 13.87 -43.79
C THR D 168 27.04 13.38 -42.58
N ILE D 169 28.32 13.12 -42.80
CA ILE D 169 29.22 12.64 -41.75
C ILE D 169 30.17 13.77 -41.37
N ILE D 170 30.27 14.05 -40.08
CA ILE D 170 31.14 15.09 -39.55
C ILE D 170 32.03 14.48 -38.48
N PRO D 171 33.33 14.74 -38.49
CA PRO D 171 34.22 14.18 -37.46
C PRO D 171 34.24 15.05 -36.22
N ILE D 172 33.75 14.51 -35.11
CA ILE D 172 33.75 15.21 -33.83
C ILE D 172 34.99 14.79 -33.04
N PRO D 173 35.46 15.59 -32.10
CA PRO D 173 36.59 15.16 -31.26
C PRO D 173 36.28 13.86 -30.54
N ARG D 174 37.27 12.98 -30.47
CA ARG D 174 37.12 11.69 -29.81
C ARG D 174 37.38 11.89 -28.32
N LEU D 175 36.33 12.25 -27.60
CA LEU D 175 36.42 12.56 -26.17
C LEU D 175 35.48 11.66 -25.39
N MET D 176 35.82 11.46 -24.12
CA MET D 176 35.04 10.56 -23.28
C MET D 176 33.73 11.18 -22.81
N ILE D 177 33.70 12.50 -22.65
CA ILE D 177 32.48 13.24 -22.34
C ILE D 177 32.35 14.35 -23.37
N ARG D 178 31.25 14.35 -24.11
CA ARG D 178 31.02 15.40 -25.09
C ARG D 178 31.06 16.75 -24.41
N THR D 179 31.82 17.69 -24.99
CA THR D 179 32.06 18.96 -24.33
C THR D 179 32.62 19.95 -25.35
N PHE D 180 32.31 21.23 -25.13
CA PHE D 180 32.82 22.32 -25.95
C PHE D 180 34.04 22.91 -25.26
N TYR D 181 35.16 22.96 -25.99
CA TYR D 181 36.41 23.45 -25.44
C TYR D 181 36.93 24.61 -26.28
N PRO D 182 37.51 25.64 -25.66
CA PRO D 182 38.12 26.72 -26.46
C PRO D 182 39.27 26.25 -27.31
N PHE D 183 39.87 25.10 -27.03
CA PHE D 183 41.03 24.63 -27.76
C PHE D 183 40.58 23.87 -29.00
N ASN D 184 41.56 23.36 -29.77
CA ASN D 184 41.23 22.56 -30.93
C ASN D 184 40.55 21.25 -30.52
N ALA D 185 41.03 20.62 -29.46
CA ALA D 185 40.51 19.36 -28.94
C ALA D 185 40.62 18.22 -29.95
N MET D 186 41.36 18.42 -31.03
CA MET D 186 41.54 17.42 -32.07
C MET D 186 43.00 17.02 -32.26
N SER D 187 43.91 17.98 -32.27
CA SER D 187 45.33 17.71 -32.47
C SER D 187 45.94 17.22 -31.16
N GLY D 188 47.24 17.01 -31.15
CA GLY D 188 47.92 16.40 -30.03
C GLY D 188 47.67 17.05 -28.69
N ALA D 189 48.08 18.31 -28.54
CA ALA D 189 48.05 18.95 -27.22
C ALA D 189 46.62 19.01 -26.68
N GLY D 190 45.69 19.55 -27.47
CA GLY D 190 44.33 19.70 -26.98
C GLY D 190 43.68 18.36 -26.69
N HIS D 191 43.83 17.41 -27.60
CA HIS D 191 43.23 16.09 -27.42
C HIS D 191 43.76 15.43 -26.15
N VAL D 192 45.08 15.45 -25.95
CA VAL D 192 45.68 14.79 -24.79
C VAL D 192 45.23 15.47 -23.51
N PHE D 193 45.26 16.80 -23.48
CA PHE D 193 44.87 17.52 -22.27
C PHE D 193 43.42 17.24 -21.93
N ALA D 194 42.54 17.25 -22.95
CA ALA D 194 41.14 16.97 -22.71
C ALA D 194 40.95 15.56 -22.18
N LEU D 195 41.68 14.58 -22.72
CA LEU D 195 41.52 13.21 -22.25
C LEU D 195 41.93 13.08 -20.79
N ILE D 196 43.10 13.61 -20.42
CA ILE D 196 43.49 13.51 -19.01
C ILE D 196 42.52 14.26 -18.11
N TYR D 197 42.08 15.45 -18.53
CA TYR D 197 41.17 16.22 -17.69
C TYR D 197 39.86 15.46 -17.49
N GLN D 198 39.33 14.87 -18.56
CA GLN D 198 38.06 14.15 -18.44
C GLN D 198 38.22 12.88 -17.61
N PHE D 199 39.35 12.19 -17.73
CA PHE D 199 39.58 11.03 -16.87
C PHE D 199 39.60 11.44 -15.41
N TYR D 200 40.29 12.53 -15.10
CA TYR D 200 40.32 13.02 -13.72
C TYR D 200 38.92 13.40 -13.25
N TYR D 201 38.15 14.07 -14.11
CA TYR D 201 36.79 14.47 -13.75
C TYR D 201 35.94 13.26 -13.42
N LEU D 202 35.99 12.23 -14.26
CA LEU D 202 35.20 11.03 -14.01
C LEU D 202 35.60 10.40 -12.70
N VAL D 203 36.90 10.21 -12.48
CA VAL D 203 37.34 9.53 -11.27
C VAL D 203 36.85 10.30 -10.04
N ILE D 204 37.02 11.62 -10.05
CA ILE D 204 36.70 12.41 -8.86
C ILE D 204 35.19 12.44 -8.62
N SER D 205 34.41 12.62 -9.69
CA SER D 205 32.95 12.67 -9.52
C SER D 205 32.41 11.36 -8.96
N MET D 206 32.78 10.24 -9.58
CA MET D 206 32.30 8.96 -9.10
C MET D 206 32.77 8.70 -7.68
N ALA D 207 34.04 9.01 -7.39
CA ALA D 207 34.55 8.77 -6.05
C ALA D 207 33.81 9.58 -5.00
N VAL D 208 33.53 10.86 -5.30
CA VAL D 208 32.82 11.71 -4.36
C VAL D 208 31.45 11.13 -4.03
N SER D 209 30.64 10.92 -5.09
CA SER D 209 29.29 10.43 -4.87
C SER D 209 29.31 9.10 -4.11
N ASN D 210 30.09 8.13 -4.61
CA ASN D 210 30.05 6.81 -4.03
C ASN D 210 30.63 6.77 -2.63
N SER D 211 31.57 7.66 -2.31
CA SER D 211 32.13 7.68 -0.97
C SER D 211 31.11 8.19 0.04
N LEU D 212 30.35 9.23 -0.31
CA LEU D 212 29.29 9.64 0.61
C LEU D 212 28.26 8.53 0.80
N ASP D 213 27.86 7.88 -0.30
CA ASP D 213 26.89 6.79 -0.17
C ASP D 213 27.43 5.67 0.71
N VAL D 214 28.71 5.32 0.55
CA VAL D 214 29.29 4.24 1.34
C VAL D 214 29.34 4.63 2.81
N LEU D 215 29.58 5.91 3.13
CA LEU D 215 29.54 6.31 4.53
C LEU D 215 28.16 6.10 5.13
N PHE D 216 27.12 6.51 4.40
CA PHE D 216 25.75 6.27 4.87
C PHE D 216 25.51 4.78 5.14
N CYS D 217 25.88 3.94 4.17
CA CYS D 217 25.64 2.51 4.30
C CYS D 217 26.47 1.90 5.44
N SER D 218 27.66 2.45 5.71
CA SER D 218 28.46 1.96 6.82
C SER D 218 27.81 2.28 8.16
N TRP D 219 27.21 3.46 8.28
CA TRP D 219 26.42 3.76 9.48
C TRP D 219 25.33 2.72 9.66
N LEU D 220 24.60 2.42 8.58
CA LEU D 220 23.52 1.44 8.68
C LEU D 220 24.05 0.06 9.08
N LEU D 221 25.19 -0.35 8.51
CA LEU D 221 25.79 -1.62 8.87
C LEU D 221 26.10 -1.67 10.37
N PHE D 222 26.68 -0.60 10.90
CA PHE D 222 26.98 -0.59 12.33
C PHE D 222 25.70 -0.75 13.16
N ALA D 223 24.64 -0.04 12.77
CA ALA D 223 23.39 -0.17 13.51
C ALA D 223 22.87 -1.60 13.48
N CYS D 224 22.91 -2.23 12.31
CA CYS D 224 22.42 -3.60 12.20
C CYS D 224 23.23 -4.56 13.06
N GLU D 225 24.56 -4.43 13.05
CA GLU D 225 25.38 -5.32 13.87
C GLU D 225 25.11 -5.10 15.34
N GLN D 226 24.82 -3.86 15.75
CA GLN D 226 24.48 -3.63 17.15
C GLN D 226 23.16 -4.28 17.52
N LEU D 227 22.18 -4.24 16.62
CA LEU D 227 20.92 -4.94 16.87
C LEU D 227 21.16 -6.44 17.01
N GLN D 228 22.01 -7.01 16.15
CA GLN D 228 22.32 -8.43 16.26
C GLN D 228 22.95 -8.76 17.60
N HIS D 229 23.88 -7.93 18.06
CA HIS D 229 24.45 -8.13 19.38
C HIS D 229 23.35 -8.11 20.44
N LEU D 230 22.39 -7.19 20.29
CA LEU D 230 21.32 -7.08 21.28
C LEU D 230 20.50 -8.36 21.36
N LYS D 231 20.15 -8.95 20.22
CA LYS D 231 19.40 -10.21 20.22
C LYS D 231 20.24 -11.34 20.83
N ALA D 232 21.48 -11.45 20.38
CA ALA D 232 22.35 -12.52 20.86
C ALA D 232 22.45 -12.51 22.38
N ILE D 233 22.57 -11.32 22.97
CA ILE D 233 22.65 -11.26 24.43
C ILE D 233 21.27 -11.30 25.08
N MET D 234 20.21 -10.97 24.34
CA MET D 234 18.86 -11.16 24.84
C MET D 234 18.65 -12.61 25.24
N LYS D 235 19.20 -13.52 24.45
CA LYS D 235 19.00 -14.94 24.75
C LYS D 235 19.50 -15.35 26.14
N PRO D 236 20.74 -15.06 26.55
CA PRO D 236 21.18 -15.47 27.90
C PRO D 236 20.70 -14.59 29.04
N LEU D 237 20.21 -13.38 28.77
CA LEU D 237 19.68 -12.52 29.82
C LEU D 237 18.50 -13.18 30.53
N MET D 238 17.57 -13.74 29.76
CA MET D 238 16.40 -14.35 30.36
C MET D 238 16.81 -15.53 31.23
N GLU D 239 17.79 -16.33 30.76
CA GLU D 239 18.28 -17.43 31.56
C GLU D 239 18.91 -16.95 32.85
N LEU D 240 19.65 -15.84 32.78
CA LEU D 240 20.16 -15.22 33.99
C LEU D 240 19.02 -14.91 34.95
N SER D 241 17.88 -14.48 34.41
CA SER D 241 16.73 -14.16 35.26
C SER D 241 16.09 -15.41 35.85
N ALA D 242 16.04 -16.49 35.09
CA ALA D 242 15.28 -17.68 35.48
C ALA D 242 16.11 -18.52 36.44
N THR D 243 15.72 -18.53 37.71
CA THR D 243 16.40 -19.35 38.71
C THR D 243 15.46 -19.63 39.88
N GLY D 313 12.17 -16.60 43.56
CA GLY D 313 13.19 -17.34 44.28
C GLY D 313 14.57 -16.72 44.15
N LEU D 314 14.66 -15.60 43.44
CA LEU D 314 15.92 -14.90 43.22
C LEU D 314 16.32 -14.19 44.50
N THR D 315 17.56 -14.39 44.92
CA THR D 315 18.09 -13.65 46.06
C THR D 315 18.33 -12.20 45.67
N LYS D 316 18.62 -11.37 46.66
CA LYS D 316 18.79 -9.94 46.41
C LYS D 316 19.86 -9.70 45.36
N LYS D 317 21.01 -10.34 45.50
CA LYS D 317 22.10 -10.13 44.55
C LYS D 317 21.70 -10.56 43.15
N GLN D 318 21.00 -11.70 43.03
CA GLN D 318 20.55 -12.13 41.72
C GLN D 318 19.56 -11.14 41.12
N GLU D 319 18.68 -10.58 41.95
CA GLU D 319 17.74 -9.58 41.45
C GLU D 319 18.47 -8.34 40.95
N MET D 320 19.48 -7.88 41.68
CA MET D 320 20.27 -6.75 41.21
C MET D 320 20.97 -7.07 39.91
N LEU D 321 21.48 -8.29 39.78
CA LEU D 321 22.14 -8.69 38.54
C LEU D 321 21.17 -8.67 37.38
N VAL D 322 19.95 -9.17 37.58
CA VAL D 322 18.95 -9.15 36.52
C VAL D 322 18.62 -7.71 36.14
N ARG D 323 18.45 -6.84 37.13
CA ARG D 323 18.13 -5.45 36.83
C ARG D 323 19.25 -4.77 36.06
N SER D 324 20.50 -5.05 36.43
CA SER D 324 21.63 -4.47 35.73
C SER D 324 21.68 -4.95 34.28
N ALA D 325 21.41 -6.24 34.05
CA ALA D 325 21.37 -6.75 32.69
C ALA D 325 20.27 -6.08 31.87
N ILE D 326 19.09 -5.91 32.48
CA ILE D 326 17.98 -5.28 31.78
C ILE D 326 18.31 -3.83 31.46
N LYS D 327 18.93 -3.13 32.40
CA LYS D 327 19.34 -1.74 32.18
C LYS D 327 20.32 -1.65 31.03
N TYR D 328 21.32 -2.53 30.99
CA TYR D 328 22.27 -2.53 29.89
C TYR D 328 21.54 -2.74 28.56
N TRP D 329 20.65 -3.73 28.51
CA TRP D 329 19.94 -4.00 27.26
C TRP D 329 19.16 -2.77 26.79
N VAL D 330 18.40 -2.17 27.70
CA VAL D 330 17.55 -1.05 27.32
C VAL D 330 18.39 0.13 26.86
N GLU D 331 19.46 0.43 27.59
CA GLU D 331 20.29 1.57 27.24
C GLU D 331 20.95 1.37 25.88
N ARG D 332 21.45 0.17 25.60
CA ARG D 332 22.05 -0.06 24.28
C ARG D 332 21.01 0.05 23.17
N HIS D 333 19.79 -0.42 23.42
CA HIS D 333 18.74 -0.27 22.41
C HIS D 333 18.47 1.20 22.13
N LYS D 334 18.37 2.01 23.19
CA LYS D 334 18.15 3.43 22.99
C LYS D 334 19.31 4.08 22.25
N HIS D 335 20.53 3.65 22.53
CA HIS D 335 21.69 4.17 21.82
C HIS D 335 21.59 3.90 20.32
N VAL D 336 21.19 2.68 19.96
CA VAL D 336 21.02 2.35 18.55
C VAL D 336 19.94 3.23 17.93
N VAL D 337 18.86 3.49 18.68
CA VAL D 337 17.80 4.34 18.17
C VAL D 337 18.32 5.75 17.90
N ARG D 338 19.12 6.29 18.82
CA ARG D 338 19.70 7.62 18.63
C ARG D 338 20.54 7.67 17.37
N LEU D 339 21.41 6.67 17.19
CA LEU D 339 22.25 6.64 16.00
C LEU D 339 21.40 6.62 14.74
N VAL D 340 20.34 5.82 14.74
CA VAL D 340 19.47 5.72 13.58
C VAL D 340 18.83 7.07 13.28
N THR D 341 18.40 7.79 14.32
CA THR D 341 17.76 9.08 14.10
C THR D 341 18.73 10.07 13.47
N ALA D 342 19.97 10.11 13.95
CA ALA D 342 20.94 11.06 13.39
C ALA D 342 21.22 10.75 11.93
N VAL D 343 21.50 9.48 11.62
CA VAL D 343 21.72 9.09 10.23
C VAL D 343 20.51 9.47 9.40
N GLY D 344 19.31 9.24 9.93
CA GLY D 344 18.11 9.58 9.21
C GLY D 344 18.08 11.05 8.83
N ASP D 345 18.30 11.93 9.79
CA ASP D 345 18.29 13.36 9.47
C ASP D 345 19.18 13.65 8.27
N ALA D 346 20.49 13.43 8.48
CA ALA D 346 21.47 13.89 7.49
C ALA D 346 21.23 13.24 6.14
N TYR D 347 21.38 11.92 6.08
CA TYR D 347 21.28 11.40 4.75
C TYR D 347 19.84 11.28 4.27
N GLY D 348 18.84 11.61 5.09
CA GLY D 348 17.49 11.64 4.57
C GLY D 348 17.29 12.80 3.63
N VAL D 349 17.78 13.97 4.03
CA VAL D 349 17.75 15.06 3.05
C VAL D 349 18.59 14.69 1.84
N ALA D 350 19.75 14.04 2.08
CA ALA D 350 20.60 13.65 0.95
C ALA D 350 19.86 12.76 -0.05
N LEU D 351 19.20 11.70 0.43
CA LEU D 351 18.47 10.80 -0.46
C LEU D 351 17.27 11.45 -1.12
N LEU D 352 16.59 12.38 -0.44
CA LEU D 352 15.56 13.13 -1.14
C LEU D 352 16.11 13.71 -2.43
N LEU D 353 17.23 14.42 -2.32
CA LEU D 353 17.83 15.02 -3.52
C LEU D 353 18.23 13.95 -4.52
N HIS D 354 18.85 12.87 -4.03
CA HIS D 354 19.35 11.82 -4.92
C HIS D 354 18.24 11.24 -5.78
N MET D 355 17.15 10.81 -5.17
CA MET D 355 16.09 10.17 -5.94
C MET D 355 15.34 11.17 -6.79
N LEU D 356 15.25 12.43 -6.34
CA LEU D 356 14.70 13.47 -7.21
C LEU D 356 15.44 13.50 -8.53
N THR D 357 16.77 13.46 -8.49
CA THR D 357 17.53 13.47 -9.74
C THR D 357 17.39 12.15 -10.51
N THR D 358 17.40 11.04 -9.78
CA THR D 358 17.37 9.73 -10.42
C THR D 358 16.09 9.51 -11.21
N THR D 359 14.97 10.05 -10.74
CA THR D 359 13.71 9.85 -11.47
C THR D 359 13.78 10.42 -12.88
N ILE D 360 14.22 11.68 -13.01
CA ILE D 360 14.34 12.28 -14.33
C ILE D 360 15.37 11.52 -15.16
N THR D 361 16.47 11.12 -14.53
CA THR D 361 17.49 10.36 -15.27
C THR D 361 16.88 9.10 -15.86
N LEU D 362 16.09 8.37 -15.08
CA LEU D 362 15.51 7.11 -15.55
C LEU D 362 14.47 7.35 -16.64
N THR D 363 13.69 8.43 -16.54
CA THR D 363 12.76 8.74 -17.61
C THR D 363 13.49 8.94 -18.94
N LEU D 364 14.54 9.77 -18.91
CA LEU D 364 15.31 10.00 -20.13
C LEU D 364 15.95 8.71 -20.62
N LEU D 365 16.40 7.86 -19.69
CA LEU D 365 17.05 6.62 -20.08
C LEU D 365 16.04 5.65 -20.71
N ALA D 366 14.80 5.65 -20.24
CA ALA D 366 13.78 4.83 -20.88
C ALA D 366 13.55 5.28 -22.31
N TYR D 367 13.43 6.59 -22.51
CA TYR D 367 13.27 7.06 -23.88
C TYR D 367 14.47 6.68 -24.73
N GLN D 368 15.67 6.71 -24.15
CA GLN D 368 16.86 6.35 -24.91
C GLN D 368 16.86 4.86 -25.27
N ALA D 369 16.51 4.01 -24.31
CA ALA D 369 16.47 2.57 -24.56
C ALA D 369 15.44 2.24 -25.62
N THR D 370 14.40 3.06 -25.77
CA THR D 370 13.43 2.82 -26.83
C THR D 370 14.09 2.78 -28.20
N LYS D 371 15.24 3.42 -28.36
CA LYS D 371 15.89 3.55 -29.66
C LYS D 371 16.94 2.47 -29.92
N VAL D 372 17.17 1.55 -28.98
CA VAL D 372 18.19 0.54 -29.17
C VAL D 372 17.81 -0.39 -30.32
N ASN D 373 18.79 -0.71 -31.17
CA ASN D 373 18.58 -1.58 -32.31
C ASN D 373 19.66 -2.65 -32.43
N GLY D 374 20.31 -2.99 -31.30
CA GLY D 374 21.29 -4.05 -31.27
C GLY D 374 22.73 -3.62 -31.41
N VAL D 375 22.99 -2.35 -31.73
CA VAL D 375 24.37 -1.88 -31.86
C VAL D 375 25.06 -1.95 -30.51
N ASN D 376 26.30 -2.42 -30.51
CA ASN D 376 27.01 -2.69 -29.25
C ASN D 376 27.25 -1.40 -28.47
N VAL D 377 27.77 -0.38 -29.12
CA VAL D 377 28.18 0.83 -28.41
C VAL D 377 26.97 1.51 -27.78
N TYR D 378 25.93 1.76 -28.56
CA TYR D 378 24.75 2.46 -28.04
C TYR D 378 24.09 1.65 -26.94
N ALA D 379 23.84 0.37 -27.19
CA ALA D 379 23.22 -0.47 -26.18
C ALA D 379 24.09 -0.56 -24.95
N ALA D 380 25.42 -0.64 -25.13
CA ALA D 380 26.31 -0.70 -23.99
C ALA D 380 26.21 0.56 -23.14
N THR D 381 26.18 1.73 -23.79
CA THR D 381 26.09 2.98 -23.04
C THR D 381 24.79 3.06 -22.26
N VAL D 382 23.67 2.72 -22.91
CA VAL D 382 22.38 2.81 -22.24
C VAL D 382 22.33 1.83 -21.08
N ILE D 383 22.83 0.60 -21.29
CA ILE D 383 22.80 -0.41 -20.23
C ILE D 383 23.69 0.03 -19.08
N GLY D 384 24.82 0.66 -19.36
CA GLY D 384 25.68 1.14 -18.30
C GLY D 384 25.04 2.23 -17.48
N TYR D 385 24.39 3.19 -18.15
CA TYR D 385 23.71 4.25 -17.42
C TYR D 385 22.62 3.68 -16.52
N LEU D 386 21.80 2.78 -17.07
CA LEU D 386 20.74 2.17 -16.27
C LEU D 386 21.32 1.40 -15.10
N LEU D 387 22.39 0.64 -15.34
CA LEU D 387 22.98 -0.17 -14.29
C LEU D 387 23.55 0.70 -13.18
N TYR D 388 24.23 1.79 -13.52
CA TYR D 388 24.78 2.66 -12.49
C TYR D 388 23.67 3.30 -11.66
N THR D 389 22.66 3.86 -12.33
CA THR D 389 21.56 4.51 -11.60
C THR D 389 20.87 3.52 -10.66
N LEU D 390 20.44 2.38 -11.20
CA LEU D 390 19.74 1.42 -10.38
C LEU D 390 20.66 0.81 -9.34
N GLY D 391 21.97 0.80 -9.57
CA GLY D 391 22.88 0.31 -8.54
C GLY D 391 22.96 1.22 -7.35
N GLN D 392 22.99 2.54 -7.59
CA GLN D 392 22.95 3.48 -6.48
C GLN D 392 21.66 3.32 -5.68
N VAL D 393 20.52 3.32 -6.38
CA VAL D 393 19.24 3.16 -5.70
C VAL D 393 19.24 1.85 -4.91
N PHE D 394 19.76 0.78 -5.52
CA PHE D 394 19.71 -0.53 -4.90
C PHE D 394 20.59 -0.59 -3.67
N LEU D 395 21.74 0.08 -3.68
CA LEU D 395 22.59 0.11 -2.49
C LEU D 395 21.84 0.72 -1.32
N PHE D 396 21.27 1.91 -1.54
CA PHE D 396 20.54 2.56 -0.45
C PHE D 396 19.41 1.66 0.05
N CYS D 397 18.66 1.07 -0.89
CA CYS D 397 17.51 0.25 -0.52
C CYS D 397 17.94 -1.01 0.24
N ILE D 398 19.03 -1.65 -0.19
CA ILE D 398 19.51 -2.84 0.51
C ILE D 398 19.75 -2.52 1.96
N PHE D 399 20.46 -1.43 2.24
CA PHE D 399 20.83 -1.21 3.63
C PHE D 399 19.68 -0.68 4.48
N GLY D 400 18.79 0.13 3.90
CA GLY D 400 17.57 0.47 4.61
C GLY D 400 16.75 -0.76 4.97
N ASN D 401 16.56 -1.66 4.00
CA ASN D 401 15.80 -2.87 4.25
C ASN D 401 16.45 -3.73 5.32
N ARG D 402 17.78 -3.80 5.31
CA ARG D 402 18.45 -4.56 6.36
C ARG D 402 18.14 -3.98 7.73
N LEU D 403 18.13 -2.65 7.85
CA LEU D 403 17.81 -2.06 9.14
C LEU D 403 16.40 -2.41 9.59
N ILE D 404 15.43 -2.31 8.68
CA ILE D 404 14.04 -2.61 9.03
C ILE D 404 13.92 -4.05 9.51
N GLU D 405 14.45 -4.98 8.71
CA GLU D 405 14.35 -6.40 9.06
C GLU D 405 15.08 -6.70 10.35
N GLU D 406 16.19 -6.01 10.63
CA GLU D 406 16.92 -6.27 11.87
C GLU D 406 16.11 -5.86 13.09
N SER D 407 15.43 -4.71 13.03
CA SER D 407 14.61 -4.31 14.17
C SER D 407 13.43 -5.27 14.39
N SER D 408 12.74 -5.63 13.31
CA SER D 408 11.67 -6.62 13.45
C SER D 408 12.21 -7.93 14.02
N SER D 409 13.37 -8.37 13.54
CA SER D 409 13.99 -9.56 14.09
C SER D 409 14.29 -9.38 15.56
N VAL D 410 14.55 -8.15 16.01
CA VAL D 410 14.75 -7.94 17.45
C VAL D 410 13.48 -8.29 18.18
N MET D 411 12.34 -7.89 17.64
CA MET D 411 11.06 -8.33 18.23
C MET D 411 11.01 -9.85 18.33
N GLU D 412 11.28 -10.52 17.21
CA GLU D 412 11.15 -11.98 17.17
C GLU D 412 12.09 -12.66 18.16
N ALA D 413 13.33 -12.18 18.25
CA ALA D 413 14.31 -12.77 19.16
C ALA D 413 14.02 -12.44 20.61
N ALA D 414 13.31 -11.34 20.86
CA ALA D 414 12.81 -11.09 22.20
C ALA D 414 11.77 -12.13 22.58
N TYR D 415 10.92 -12.51 21.62
CA TYR D 415 9.90 -13.52 21.91
C TYR D 415 10.53 -14.88 22.17
N SER D 416 11.52 -15.28 21.37
CA SER D 416 11.98 -16.67 21.31
C SER D 416 13.10 -16.92 22.33
N CYS D 417 12.75 -16.84 23.60
CA CYS D 417 13.63 -17.22 24.68
C CYS D 417 12.79 -17.81 25.80
N HIS D 418 13.43 -18.14 26.92
CA HIS D 418 12.75 -18.84 28.01
C HIS D 418 12.18 -17.85 29.02
N TRP D 419 11.35 -16.93 28.50
CA TRP D 419 10.74 -15.94 29.36
C TRP D 419 9.70 -16.53 30.29
N TYR D 420 9.07 -17.64 29.90
CA TYR D 420 8.06 -18.25 30.76
C TYR D 420 8.65 -18.77 32.05
N ASP D 421 9.95 -19.04 32.09
CA ASP D 421 10.61 -19.48 33.31
C ASP D 421 11.18 -18.34 34.13
N GLY D 422 11.03 -17.10 33.67
CA GLY D 422 11.65 -15.96 34.31
C GLY D 422 10.85 -15.44 35.49
N SER D 423 11.31 -14.31 36.01
CA SER D 423 10.62 -13.60 37.07
C SER D 423 9.74 -12.50 36.48
N GLU D 424 8.96 -11.86 37.35
CA GLU D 424 8.02 -10.84 36.87
C GLU D 424 8.75 -9.71 36.17
N GLU D 425 9.87 -9.26 36.73
CA GLU D 425 10.58 -8.12 36.15
C GLU D 425 11.06 -8.43 34.74
N ALA D 426 11.64 -9.62 34.54
CA ALA D 426 12.13 -9.99 33.23
C ALA D 426 11.00 -10.15 32.24
N LYS D 427 9.87 -10.70 32.68
CA LYS D 427 8.72 -10.85 31.80
C LYS D 427 8.18 -9.50 31.37
N THR D 428 8.10 -8.54 32.30
CA THR D 428 7.65 -7.20 31.93
C THR D 428 8.64 -6.54 30.97
N PHE D 429 9.93 -6.74 31.19
CA PHE D 429 10.93 -6.22 30.27
C PHE D 429 10.73 -6.80 28.87
N VAL D 430 10.47 -8.10 28.78
CA VAL D 430 10.20 -8.73 27.49
C VAL D 430 8.96 -8.12 26.86
N GLN D 431 7.91 -7.91 27.65
CA GLN D 431 6.67 -7.32 27.13
C GLN D 431 6.92 -5.94 26.54
N ILE D 432 7.65 -5.10 27.27
CA ILE D 432 7.88 -3.74 26.81
C ILE D 432 8.76 -3.73 25.57
N VAL D 433 9.75 -4.63 25.51
CA VAL D 433 10.63 -4.67 24.35
C VAL D 433 9.87 -5.17 23.12
N CYS D 434 8.98 -6.14 23.30
CA CYS D 434 8.19 -6.63 22.17
C CYS D 434 7.21 -5.58 21.69
N GLN D 435 6.62 -4.82 22.62
CA GLN D 435 5.73 -3.74 22.23
C GLN D 435 6.48 -2.64 21.50
N GLN D 436 7.69 -2.31 21.96
CA GLN D 436 8.46 -1.25 21.32
C GLN D 436 8.85 -1.60 19.90
N CYS D 437 9.27 -2.84 19.68
CA CYS D 437 9.77 -3.29 18.38
C CYS D 437 8.66 -3.52 17.37
N GLN D 438 7.42 -3.13 17.68
CA GLN D 438 6.32 -3.35 16.75
C GLN D 438 6.51 -2.56 15.46
N LYS D 439 6.99 -1.32 15.58
CA LYS D 439 7.30 -0.49 14.42
C LYS D 439 8.82 -0.49 14.22
N ALA D 440 9.25 -0.89 13.04
CA ALA D 440 10.66 -1.10 12.77
C ALA D 440 11.39 0.21 12.56
N MET D 441 12.68 0.21 12.89
CA MET D 441 13.54 1.33 12.55
C MET D 441 13.65 1.47 11.05
N SER D 442 13.74 2.70 10.57
CA SER D 442 13.87 2.92 9.14
C SER D 442 14.45 4.29 8.89
N ILE D 443 14.96 4.49 7.68
CA ILE D 443 15.46 5.78 7.21
C ILE D 443 14.55 6.24 6.09
N SER D 444 14.14 7.51 6.15
CA SER D 444 13.25 8.08 5.16
C SER D 444 13.94 9.22 4.43
N GLY D 445 13.55 9.43 3.18
CA GLY D 445 14.07 10.53 2.40
C GLY D 445 13.39 11.83 2.75
N ALA D 446 13.57 12.27 4.00
CA ALA D 446 12.92 13.46 4.53
C ALA D 446 11.41 13.27 4.64
N LYS D 447 11.00 12.08 5.10
CA LYS D 447 9.61 11.72 5.34
C LYS D 447 8.82 11.56 4.05
N PHE D 448 9.41 11.81 2.89
CA PHE D 448 8.69 11.60 1.64
C PHE D 448 8.52 10.12 1.34
N PHE D 449 9.56 9.33 1.59
CA PHE D 449 9.52 7.89 1.36
C PHE D 449 10.47 7.22 2.34
N THR D 450 10.49 5.89 2.33
CA THR D 450 11.45 5.11 3.09
C THR D 450 12.39 4.40 2.13
N VAL D 451 13.63 4.21 2.57
CA VAL D 451 14.61 3.46 1.79
C VAL D 451 14.45 1.99 2.17
N SER D 452 13.93 1.20 1.24
CA SER D 452 13.74 -0.23 1.41
C SER D 452 13.70 -0.84 0.02
N LEU D 453 13.75 -2.16 -0.03
CA LEU D 453 13.68 -2.83 -1.32
C LEU D 453 12.33 -2.58 -2.01
N ASP D 454 11.32 -2.16 -1.26
CA ASP D 454 10.06 -1.76 -1.87
C ASP D 454 10.23 -0.50 -2.70
N LEU D 455 11.05 0.45 -2.23
CA LEU D 455 11.30 1.65 -3.03
C LEU D 455 11.99 1.30 -4.34
N PHE D 456 12.98 0.41 -4.28
CA PHE D 456 13.66 -0.01 -5.52
C PHE D 456 12.69 -0.76 -6.43
N ALA D 457 11.85 -1.62 -5.86
CA ALA D 457 10.88 -2.34 -6.67
C ALA D 457 9.93 -1.37 -7.37
N SER D 458 9.46 -0.36 -6.65
CA SER D 458 8.59 0.64 -7.26
C SER D 458 9.30 1.42 -8.35
N VAL D 459 10.57 1.79 -8.12
CA VAL D 459 11.32 2.51 -9.14
C VAL D 459 11.47 1.66 -10.40
N LEU D 460 11.81 0.39 -10.22
CA LEU D 460 11.98 -0.51 -11.36
C LEU D 460 10.66 -0.68 -12.10
N GLY D 461 9.57 -0.89 -11.37
CA GLY D 461 8.28 -1.02 -12.02
C GLY D 461 7.89 0.21 -12.80
N ALA D 462 8.15 1.39 -12.22
CA ALA D 462 7.81 2.64 -12.91
C ALA D 462 8.60 2.78 -14.20
N VAL D 463 9.91 2.51 -14.15
CA VAL D 463 10.71 2.67 -15.36
C VAL D 463 10.30 1.65 -16.41
N VAL D 464 10.02 0.41 -16.00
CA VAL D 464 9.64 -0.62 -16.96
C VAL D 464 8.29 -0.28 -17.60
N THR D 465 7.33 0.14 -16.79
CA THR D 465 6.03 0.53 -17.32
C THR D 465 6.15 1.69 -18.29
N TYR D 466 6.94 2.70 -17.93
CA TYR D 466 7.14 3.83 -18.84
C TYR D 466 7.75 3.37 -20.15
N PHE D 467 8.73 2.45 -20.09
CA PHE D 467 9.35 1.96 -21.31
C PHE D 467 8.35 1.20 -22.17
N MET D 468 7.53 0.36 -21.56
CA MET D 468 6.55 -0.40 -22.33
C MET D 468 5.56 0.54 -23.01
N VAL D 469 5.07 1.53 -22.28
CA VAL D 469 4.18 2.53 -22.87
C VAL D 469 4.87 3.24 -24.04
N LEU D 470 6.14 3.59 -23.86
CA LEU D 470 6.88 4.27 -24.92
C LEU D 470 6.95 3.42 -26.18
N VAL D 471 7.29 2.14 -26.02
CA VAL D 471 7.44 1.29 -27.21
C VAL D 471 6.09 1.12 -27.89
N GLN D 472 5.01 0.94 -27.11
CA GLN D 472 3.70 0.81 -27.74
C GLN D 472 3.32 2.07 -28.50
N LEU D 473 3.54 3.24 -27.90
CA LEU D 473 3.13 4.50 -28.51
C LEU D 473 3.96 4.84 -29.75
N LYS D 474 5.11 4.20 -29.94
CA LYS D 474 5.96 4.50 -31.09
C LYS D 474 5.28 4.07 -32.38
#